data_3UAF
# 
_entry.id   3UAF 
# 
_audit_conform.dict_name       mmcif_pdbx.dic 
_audit_conform.dict_version    5.397 
_audit_conform.dict_location   http://mmcif.pdb.org/dictionaries/ascii/mmcif_pdbx.dic 
# 
loop_
_database_2.database_id 
_database_2.database_code 
_database_2.pdbx_database_accession 
_database_2.pdbx_DOI 
PDB   3UAF         pdb_00003uaf 10.2210/pdb3uaf/pdb 
RCSB  RCSB068508   ?            ?                   
WWPDB D_1000068508 ?            ?                   
# 
loop_
_pdbx_audit_revision_history.ordinal 
_pdbx_audit_revision_history.data_content_type 
_pdbx_audit_revision_history.major_revision 
_pdbx_audit_revision_history.minor_revision 
_pdbx_audit_revision_history.revision_date 
1 'Structure model' 1 0 2012-10-24 
2 'Structure model' 1 1 2024-10-30 
# 
_pdbx_audit_revision_details.ordinal             1 
_pdbx_audit_revision_details.revision_ordinal    1 
_pdbx_audit_revision_details.data_content_type   'Structure model' 
_pdbx_audit_revision_details.provider            repository 
_pdbx_audit_revision_details.type                'Initial release' 
_pdbx_audit_revision_details.description         ? 
_pdbx_audit_revision_details.details             ? 
# 
loop_
_pdbx_audit_revision_group.ordinal 
_pdbx_audit_revision_group.revision_ordinal 
_pdbx_audit_revision_group.data_content_type 
_pdbx_audit_revision_group.group 
1 2 'Structure model' 'Data collection'     
2 2 'Structure model' 'Database references' 
3 2 'Structure model' 'Structure summary'   
# 
loop_
_pdbx_audit_revision_category.ordinal 
_pdbx_audit_revision_category.revision_ordinal 
_pdbx_audit_revision_category.data_content_type 
_pdbx_audit_revision_category.category 
1 2 'Structure model' chem_comp_atom            
2 2 'Structure model' chem_comp_bond            
3 2 'Structure model' database_2                
4 2 'Structure model' pdbx_entry_details        
5 2 'Structure model' pdbx_modification_feature 
6 2 'Structure model' struct_ref_seq_dif        
# 
loop_
_pdbx_audit_revision_item.ordinal 
_pdbx_audit_revision_item.revision_ordinal 
_pdbx_audit_revision_item.data_content_type 
_pdbx_audit_revision_item.item 
1 2 'Structure model' '_database_2.pdbx_DOI'                
2 2 'Structure model' '_database_2.pdbx_database_accession' 
3 2 'Structure model' '_struct_ref_seq_dif.details'         
# 
_pdbx_database_status.status_code                     REL 
_pdbx_database_status.entry_id                        3UAF 
_pdbx_database_status.recvd_initial_deposition_date   2011-10-21 
_pdbx_database_status.deposit_site                    RCSB 
_pdbx_database_status.process_site                    PDBJ 
_pdbx_database_status.status_code_sf                  REL 
_pdbx_database_status.status_code_mr                  ? 
_pdbx_database_status.SG_entry                        ? 
_pdbx_database_status.status_code_cs                  ? 
_pdbx_database_status.methods_development_category    ? 
_pdbx_database_status.pdb_format_compatible           Y 
_pdbx_database_status.status_code_nmr_data            ? 
# 
loop_
_audit_author.name 
_audit_author.pdbx_ordinal 
'Kang, Y.Y.'  1 
'Zhao, D.F.'  2 
'Liang, H.H.' 3 
'Liu, B.'     4 
'Liu, Q.W.'   5 
'Wang, X.C.'  6 
'Liu, Y.F.'   7 
# 
_citation.id                        primary 
_citation.title                     
'Structural study of TTR-52 reveals the mechanism by which a bridging molecule mediates apoptotic cell engulfment' 
_citation.journal_abbrev            'Genes Dev.' 
_citation.journal_volume            26 
_citation.page_first                1339 
_citation.page_last                 1350 
_citation.year                      2012 
_citation.journal_id_ASTM           GEDEEP 
_citation.country                   US 
_citation.journal_id_ISSN           0890-9369 
_citation.journal_id_CSD            2056 
_citation.book_publisher            ? 
_citation.pdbx_database_id_PubMed   22713871 
_citation.pdbx_database_id_DOI      10.1101/gad.187815.112 
# 
loop_
_citation_author.citation_id 
_citation_author.name 
_citation_author.ordinal 
_citation_author.identifier_ORCID 
primary 'Kang, Y.Y.'  1 ? 
primary 'Zhao, D.F.'  2 ? 
primary 'Liang, H.H.' 3 ? 
primary 'Liu, B.'     4 ? 
primary 'Zhang, Y.'   5 ? 
primary 'Liu, Q.W.'   6 ? 
primary 'Wang, X.C.'  7 ? 
primary 'Liu, Y.F.'   8 ? 
# 
loop_
_entity.id 
_entity.type 
_entity.src_method 
_entity.pdbx_description 
_entity.formula_weight 
_entity.pdbx_number_of_molecules 
_entity.pdbx_ec 
_entity.pdbx_mutation 
_entity.pdbx_fragment 
_entity.details 
1 polymer man TTR-52 13042.625 1   ? E50A,D51A,S52A,L53A,P54A,L55A 'residues 21-135' ? 
2 water   nat water  18.015    118 ? ?                             ?                 ? 
# 
_entity_poly.entity_id                      1 
_entity_poly.type                           'polypeptide(L)' 
_entity_poly.nstd_linkage                   no 
_entity_poly.nstd_monomer                   no 
_entity_poly.pdbx_seq_one_letter_code       
;KTSCLMATGVLKCPTDPEAVKKVHIDLWDAAAAAAESDDLMGRTWSDRNGNFQVTGCASDFGPINTPDPYLYIQHNCPHR
DSNATNPIQIDVIPLFLPSIVRLGNVYLDRYLEDYHH
;
_entity_poly.pdbx_seq_one_letter_code_can   
;KTSCLMATGVLKCPTDPEAVKKVHIDLWDAAAAAAESDDLMGRTWSDRNGNFQVTGCASDFGPINTPDPYLYIQHNCPHR
DSNATNPIQIDVIPLFLPSIVRLGNVYLDRYLEDYHH
;
_entity_poly.pdbx_strand_id                 A 
_entity_poly.pdbx_target_identifier         ? 
# 
_pdbx_entity_nonpoly.entity_id   2 
_pdbx_entity_nonpoly.name        water 
_pdbx_entity_nonpoly.comp_id     HOH 
# 
loop_
_entity_poly_seq.entity_id 
_entity_poly_seq.num 
_entity_poly_seq.mon_id 
_entity_poly_seq.hetero 
1 1   LYS n 
1 2   THR n 
1 3   SER n 
1 4   CYS n 
1 5   LEU n 
1 6   MET n 
1 7   ALA n 
1 8   THR n 
1 9   GLY n 
1 10  VAL n 
1 11  LEU n 
1 12  LYS n 
1 13  CYS n 
1 14  PRO n 
1 15  THR n 
1 16  ASP n 
1 17  PRO n 
1 18  GLU n 
1 19  ALA n 
1 20  VAL n 
1 21  LYS n 
1 22  LYS n 
1 23  VAL n 
1 24  HIS n 
1 25  ILE n 
1 26  ASP n 
1 27  LEU n 
1 28  TRP n 
1 29  ASP n 
1 30  ALA n 
1 31  ALA n 
1 32  ALA n 
1 33  ALA n 
1 34  ALA n 
1 35  ALA n 
1 36  GLU n 
1 37  SER n 
1 38  ASP n 
1 39  ASP n 
1 40  LEU n 
1 41  MET n 
1 42  GLY n 
1 43  ARG n 
1 44  THR n 
1 45  TRP n 
1 46  SER n 
1 47  ASP n 
1 48  ARG n 
1 49  ASN n 
1 50  GLY n 
1 51  ASN n 
1 52  PHE n 
1 53  GLN n 
1 54  VAL n 
1 55  THR n 
1 56  GLY n 
1 57  CYS n 
1 58  ALA n 
1 59  SER n 
1 60  ASP n 
1 61  PHE n 
1 62  GLY n 
1 63  PRO n 
1 64  ILE n 
1 65  ASN n 
1 66  THR n 
1 67  PRO n 
1 68  ASP n 
1 69  PRO n 
1 70  TYR n 
1 71  LEU n 
1 72  TYR n 
1 73  ILE n 
1 74  GLN n 
1 75  HIS n 
1 76  ASN n 
1 77  CYS n 
1 78  PRO n 
1 79  HIS n 
1 80  ARG n 
1 81  ASP n 
1 82  SER n 
1 83  ASN n 
1 84  ALA n 
1 85  THR n 
1 86  ASN n 
1 87  PRO n 
1 88  ILE n 
1 89  GLN n 
1 90  ILE n 
1 91  ASP n 
1 92  VAL n 
1 93  ILE n 
1 94  PRO n 
1 95  LEU n 
1 96  PHE n 
1 97  LEU n 
1 98  PRO n 
1 99  SER n 
1 100 ILE n 
1 101 VAL n 
1 102 ARG n 
1 103 LEU n 
1 104 GLY n 
1 105 ASN n 
1 106 VAL n 
1 107 TYR n 
1 108 LEU n 
1 109 ASP n 
1 110 ARG n 
1 111 TYR n 
1 112 LEU n 
1 113 GLU n 
1 114 ASP n 
1 115 TYR n 
1 116 HIS n 
1 117 HIS n 
# 
_entity_src_gen.entity_id                          1 
_entity_src_gen.pdbx_src_id                        1 
_entity_src_gen.pdbx_alt_source_flag               sample 
_entity_src_gen.pdbx_seq_type                      ? 
_entity_src_gen.pdbx_beg_seq_num                   ? 
_entity_src_gen.pdbx_end_seq_num                   ? 
_entity_src_gen.gene_src_common_name               ? 
_entity_src_gen.gene_src_genus                     ? 
_entity_src_gen.pdbx_gene_src_gene                 ? 
_entity_src_gen.gene_src_species                   ? 
_entity_src_gen.gene_src_strain                    ? 
_entity_src_gen.gene_src_tissue                    ? 
_entity_src_gen.gene_src_tissue_fraction           ? 
_entity_src_gen.gene_src_details                   ? 
_entity_src_gen.pdbx_gene_src_fragment             ? 
_entity_src_gen.pdbx_gene_src_scientific_name      'Caenorhabditis elegans' 
_entity_src_gen.pdbx_gene_src_ncbi_taxonomy_id     6239 
_entity_src_gen.pdbx_gene_src_variant              ? 
_entity_src_gen.pdbx_gene_src_cell_line            ? 
_entity_src_gen.pdbx_gene_src_atcc                 ? 
_entity_src_gen.pdbx_gene_src_organ                ? 
_entity_src_gen.pdbx_gene_src_organelle            ? 
_entity_src_gen.pdbx_gene_src_cell                 ? 
_entity_src_gen.pdbx_gene_src_cellular_location    ? 
_entity_src_gen.host_org_common_name               ? 
_entity_src_gen.pdbx_host_org_scientific_name      'Escherichia coli' 
_entity_src_gen.pdbx_host_org_ncbi_taxonomy_id     562 
_entity_src_gen.host_org_genus                     ? 
_entity_src_gen.pdbx_host_org_gene                 ? 
_entity_src_gen.pdbx_host_org_organ                ? 
_entity_src_gen.host_org_species                   ? 
_entity_src_gen.pdbx_host_org_tissue               ? 
_entity_src_gen.pdbx_host_org_tissue_fraction      ? 
_entity_src_gen.pdbx_host_org_strain               ? 
_entity_src_gen.pdbx_host_org_variant              ? 
_entity_src_gen.pdbx_host_org_cell_line            ? 
_entity_src_gen.pdbx_host_org_atcc                 ? 
_entity_src_gen.pdbx_host_org_culture_collection   ? 
_entity_src_gen.pdbx_host_org_cell                 ? 
_entity_src_gen.pdbx_host_org_organelle            ? 
_entity_src_gen.pdbx_host_org_cellular_location    ? 
_entity_src_gen.pdbx_host_org_vector_type          ? 
_entity_src_gen.pdbx_host_org_vector               ? 
_entity_src_gen.host_org_details                   ? 
_entity_src_gen.expression_system_id               ? 
_entity_src_gen.plasmid_name                       ? 
_entity_src_gen.plasmid_details                    ? 
_entity_src_gen.pdbx_description                   ? 
# 
loop_
_chem_comp.id 
_chem_comp.type 
_chem_comp.mon_nstd_flag 
_chem_comp.name 
_chem_comp.pdbx_synonyms 
_chem_comp.formula 
_chem_comp.formula_weight 
ALA 'L-peptide linking' y ALANINE         ? 'C3 H7 N O2'     89.093  
ARG 'L-peptide linking' y ARGININE        ? 'C6 H15 N4 O2 1' 175.209 
ASN 'L-peptide linking' y ASPARAGINE      ? 'C4 H8 N2 O3'    132.118 
ASP 'L-peptide linking' y 'ASPARTIC ACID' ? 'C4 H7 N O4'     133.103 
CYS 'L-peptide linking' y CYSTEINE        ? 'C3 H7 N O2 S'   121.158 
GLN 'L-peptide linking' y GLUTAMINE       ? 'C5 H10 N2 O3'   146.144 
GLU 'L-peptide linking' y 'GLUTAMIC ACID' ? 'C5 H9 N O4'     147.129 
GLY 'peptide linking'   y GLYCINE         ? 'C2 H5 N O2'     75.067  
HIS 'L-peptide linking' y HISTIDINE       ? 'C6 H10 N3 O2 1' 156.162 
HOH non-polymer         . WATER           ? 'H2 O'           18.015  
ILE 'L-peptide linking' y ISOLEUCINE      ? 'C6 H13 N O2'    131.173 
LEU 'L-peptide linking' y LEUCINE         ? 'C6 H13 N O2'    131.173 
LYS 'L-peptide linking' y LYSINE          ? 'C6 H15 N2 O2 1' 147.195 
MET 'L-peptide linking' y METHIONINE      ? 'C5 H11 N O2 S'  149.211 
PHE 'L-peptide linking' y PHENYLALANINE   ? 'C9 H11 N O2'    165.189 
PRO 'L-peptide linking' y PROLINE         ? 'C5 H9 N O2'     115.130 
SER 'L-peptide linking' y SERINE          ? 'C3 H7 N O3'     105.093 
THR 'L-peptide linking' y THREONINE       ? 'C4 H9 N O3'     119.119 
TRP 'L-peptide linking' y TRYPTOPHAN      ? 'C11 H12 N2 O2'  204.225 
TYR 'L-peptide linking' y TYROSINE        ? 'C9 H11 N O3'    181.189 
VAL 'L-peptide linking' y VALINE          ? 'C5 H11 N O2'    117.146 
# 
loop_
_pdbx_poly_seq_scheme.asym_id 
_pdbx_poly_seq_scheme.entity_id 
_pdbx_poly_seq_scheme.seq_id 
_pdbx_poly_seq_scheme.mon_id 
_pdbx_poly_seq_scheme.ndb_seq_num 
_pdbx_poly_seq_scheme.pdb_seq_num 
_pdbx_poly_seq_scheme.auth_seq_num 
_pdbx_poly_seq_scheme.pdb_mon_id 
_pdbx_poly_seq_scheme.auth_mon_id 
_pdbx_poly_seq_scheme.pdb_strand_id 
_pdbx_poly_seq_scheme.pdb_ins_code 
_pdbx_poly_seq_scheme.hetero 
A 1 1   LYS 1   21  21  LYS LYS A . n 
A 1 2   THR 2   22  22  THR THR A . n 
A 1 3   SER 3   23  23  SER SER A . n 
A 1 4   CYS 4   24  24  CYS CYS A . n 
A 1 5   LEU 5   25  25  LEU LEU A . n 
A 1 6   MET 6   26  26  MET MET A . n 
A 1 7   ALA 7   27  27  ALA ALA A . n 
A 1 8   THR 8   28  28  THR THR A . n 
A 1 9   GLY 9   29  29  GLY GLY A . n 
A 1 10  VAL 10  30  30  VAL VAL A . n 
A 1 11  LEU 11  31  31  LEU LEU A . n 
A 1 12  LYS 12  32  32  LYS LYS A . n 
A 1 13  CYS 13  33  33  CYS CYS A . n 
A 1 14  PRO 14  34  34  PRO PRO A . n 
A 1 15  THR 15  35  35  THR THR A . n 
A 1 16  ASP 16  36  36  ASP ASP A . n 
A 1 17  PRO 17  37  37  PRO PRO A . n 
A 1 18  GLU 18  38  38  GLU GLU A . n 
A 1 19  ALA 19  39  39  ALA ALA A . n 
A 1 20  VAL 20  40  40  VAL VAL A . n 
A 1 21  LYS 21  41  41  LYS LYS A . n 
A 1 22  LYS 22  42  42  LYS LYS A . n 
A 1 23  VAL 23  43  43  VAL VAL A . n 
A 1 24  HIS 24  44  44  HIS HIS A . n 
A 1 25  ILE 25  45  45  ILE ILE A . n 
A 1 26  ASP 26  46  46  ASP ASP A . n 
A 1 27  LEU 27  47  47  LEU LEU A . n 
A 1 28  TRP 28  48  48  TRP TRP A . n 
A 1 29  ASP 29  49  49  ASP ASP A . n 
A 1 30  ALA 30  50  50  ALA ALA A . n 
A 1 31  ALA 31  51  51  ALA ALA A . n 
A 1 32  ALA 32  52  52  ALA ALA A . n 
A 1 33  ALA 33  53  53  ALA ALA A . n 
A 1 34  ALA 34  54  54  ALA ALA A . n 
A 1 35  ALA 35  55  55  ALA ALA A . n 
A 1 36  GLU 36  56  56  GLU GLU A . n 
A 1 37  SER 37  57  57  SER SER A . n 
A 1 38  ASP 38  58  58  ASP ASP A . n 
A 1 39  ASP 39  59  59  ASP ASP A . n 
A 1 40  LEU 40  60  60  LEU LEU A . n 
A 1 41  MET 41  61  61  MET MET A . n 
A 1 42  GLY 42  62  62  GLY GLY A . n 
A 1 43  ARG 43  63  63  ARG ARG A . n 
A 1 44  THR 44  64  64  THR THR A . n 
A 1 45  TRP 45  65  65  TRP TRP A . n 
A 1 46  SER 46  66  66  SER SER A . n 
A 1 47  ASP 47  67  67  ASP ASP A . n 
A 1 48  ARG 48  68  68  ARG ARG A . n 
A 1 49  ASN 49  69  69  ASN ASN A . n 
A 1 50  GLY 50  70  70  GLY GLY A . n 
A 1 51  ASN 51  71  71  ASN ASN A . n 
A 1 52  PHE 52  72  72  PHE PHE A . n 
A 1 53  GLN 53  73  73  GLN GLN A . n 
A 1 54  VAL 54  74  74  VAL VAL A . n 
A 1 55  THR 55  75  75  THR THR A . n 
A 1 56  GLY 56  76  76  GLY GLY A . n 
A 1 57  CYS 57  77  77  CYS CYS A . n 
A 1 58  ALA 58  78  78  ALA ALA A . n 
A 1 59  SER 59  79  79  SER SER A . n 
A 1 60  ASP 60  80  80  ASP ASP A . n 
A 1 61  PHE 61  81  81  PHE PHE A . n 
A 1 62  GLY 62  82  82  GLY GLY A . n 
A 1 63  PRO 63  83  83  PRO PRO A . n 
A 1 64  ILE 64  84  84  ILE ILE A . n 
A 1 65  ASN 65  85  85  ASN ASN A . n 
A 1 66  THR 66  86  86  THR THR A . n 
A 1 67  PRO 67  87  87  PRO PRO A . n 
A 1 68  ASP 68  88  88  ASP ASP A . n 
A 1 69  PRO 69  89  89  PRO PRO A . n 
A 1 70  TYR 70  90  90  TYR TYR A . n 
A 1 71  LEU 71  91  91  LEU LEU A . n 
A 1 72  TYR 72  92  92  TYR TYR A . n 
A 1 73  ILE 73  93  93  ILE ILE A . n 
A 1 74  GLN 74  94  94  GLN GLN A . n 
A 1 75  HIS 75  95  95  HIS HIS A . n 
A 1 76  ASN 76  96  96  ASN ASN A . n 
A 1 77  CYS 77  97  97  CYS CYS A . n 
A 1 78  PRO 78  98  98  PRO PRO A . n 
A 1 79  HIS 79  99  99  HIS HIS A . n 
A 1 80  ARG 80  100 100 ARG ARG A . n 
A 1 81  ASP 81  101 101 ASP ASP A . n 
A 1 82  SER 82  102 102 SER SER A . n 
A 1 83  ASN 83  103 103 ASN ASN A . n 
A 1 84  ALA 84  104 104 ALA ALA A . n 
A 1 85  THR 85  105 105 THR THR A . n 
A 1 86  ASN 86  106 106 ASN ASN A . n 
A 1 87  PRO 87  107 107 PRO PRO A . n 
A 1 88  ILE 88  108 108 ILE ILE A . n 
A 1 89  GLN 89  109 109 GLN GLN A . n 
A 1 90  ILE 90  110 110 ILE ILE A . n 
A 1 91  ASP 91  111 111 ASP ASP A . n 
A 1 92  VAL 92  112 112 VAL VAL A . n 
A 1 93  ILE 93  113 113 ILE ILE A . n 
A 1 94  PRO 94  114 114 PRO PRO A . n 
A 1 95  LEU 95  115 115 LEU LEU A . n 
A 1 96  PHE 96  116 116 PHE PHE A . n 
A 1 97  LEU 97  117 117 LEU LEU A . n 
A 1 98  PRO 98  118 118 PRO PRO A . n 
A 1 99  SER 99  119 119 SER SER A . n 
A 1 100 ILE 100 120 120 ILE ILE A . n 
A 1 101 VAL 101 121 121 VAL VAL A . n 
A 1 102 ARG 102 122 122 ARG ARG A . n 
A 1 103 LEU 103 123 123 LEU LEU A . n 
A 1 104 GLY 104 124 124 GLY GLY A . n 
A 1 105 ASN 105 125 125 ASN ASN A . n 
A 1 106 VAL 106 126 126 VAL VAL A . n 
A 1 107 TYR 107 127 127 TYR TYR A . n 
A 1 108 LEU 108 128 128 LEU LEU A . n 
A 1 109 ASP 109 129 129 ASP ASP A . n 
A 1 110 ARG 110 130 130 ARG ARG A . n 
A 1 111 TYR 111 131 131 TYR TYR A . n 
A 1 112 LEU 112 132 132 LEU LEU A . n 
A 1 113 GLU 113 133 133 GLU GLU A . n 
A 1 114 ASP 114 134 134 ASP ASP A . n 
A 1 115 TYR 115 135 135 TYR TYR A . n 
A 1 116 HIS 116 136 136 HIS HIS A . n 
A 1 117 HIS 117 137 137 HIS HIS A . n 
# 
loop_
_pdbx_nonpoly_scheme.asym_id 
_pdbx_nonpoly_scheme.entity_id 
_pdbx_nonpoly_scheme.mon_id 
_pdbx_nonpoly_scheme.ndb_seq_num 
_pdbx_nonpoly_scheme.pdb_seq_num 
_pdbx_nonpoly_scheme.auth_seq_num 
_pdbx_nonpoly_scheme.pdb_mon_id 
_pdbx_nonpoly_scheme.auth_mon_id 
_pdbx_nonpoly_scheme.pdb_strand_id 
_pdbx_nonpoly_scheme.pdb_ins_code 
B 2 HOH 1   201 1   HOH HOH A . 
B 2 HOH 2   202 2   HOH HOH A . 
B 2 HOH 3   203 3   HOH HOH A . 
B 2 HOH 4   204 4   HOH HOH A . 
B 2 HOH 5   205 5   HOH HOH A . 
B 2 HOH 6   206 6   HOH HOH A . 
B 2 HOH 7   207 7   HOH HOH A . 
B 2 HOH 8   208 8   HOH HOH A . 
B 2 HOH 9   209 9   HOH HOH A . 
B 2 HOH 10  210 10  HOH HOH A . 
B 2 HOH 11  211 11  HOH HOH A . 
B 2 HOH 12  212 12  HOH HOH A . 
B 2 HOH 13  213 13  HOH HOH A . 
B 2 HOH 14  214 14  HOH HOH A . 
B 2 HOH 15  215 15  HOH HOH A . 
B 2 HOH 16  216 16  HOH HOH A . 
B 2 HOH 17  217 17  HOH HOH A . 
B 2 HOH 18  218 18  HOH HOH A . 
B 2 HOH 19  219 19  HOH HOH A . 
B 2 HOH 20  220 20  HOH HOH A . 
B 2 HOH 21  221 21  HOH HOH A . 
B 2 HOH 22  222 22  HOH HOH A . 
B 2 HOH 23  223 23  HOH HOH A . 
B 2 HOH 24  224 24  HOH HOH A . 
B 2 HOH 25  225 25  HOH HOH A . 
B 2 HOH 26  226 26  HOH HOH A . 
B 2 HOH 27  227 27  HOH HOH A . 
B 2 HOH 28  228 28  HOH HOH A . 
B 2 HOH 29  229 29  HOH HOH A . 
B 2 HOH 30  230 30  HOH HOH A . 
B 2 HOH 31  231 31  HOH HOH A . 
B 2 HOH 32  232 32  HOH HOH A . 
B 2 HOH 33  233 33  HOH HOH A . 
B 2 HOH 34  234 34  HOH HOH A . 
B 2 HOH 35  235 35  HOH HOH A . 
B 2 HOH 36  236 36  HOH HOH A . 
B 2 HOH 37  237 37  HOH HOH A . 
B 2 HOH 38  238 38  HOH HOH A . 
B 2 HOH 39  239 39  HOH HOH A . 
B 2 HOH 40  240 40  HOH HOH A . 
B 2 HOH 41  241 41  HOH HOH A . 
B 2 HOH 42  242 42  HOH HOH A . 
B 2 HOH 43  243 43  HOH HOH A . 
B 2 HOH 44  244 44  HOH HOH A . 
B 2 HOH 45  245 45  HOH HOH A . 
B 2 HOH 46  246 46  HOH HOH A . 
B 2 HOH 47  247 47  HOH HOH A . 
B 2 HOH 48  248 48  HOH HOH A . 
B 2 HOH 49  249 49  HOH HOH A . 
B 2 HOH 50  250 50  HOH HOH A . 
B 2 HOH 51  251 51  HOH HOH A . 
B 2 HOH 52  252 52  HOH HOH A . 
B 2 HOH 53  253 53  HOH HOH A . 
B 2 HOH 54  254 54  HOH HOH A . 
B 2 HOH 55  255 55  HOH HOH A . 
B 2 HOH 56  256 56  HOH HOH A . 
B 2 HOH 57  257 57  HOH HOH A . 
B 2 HOH 58  258 58  HOH HOH A . 
B 2 HOH 59  259 59  HOH HOH A . 
B 2 HOH 60  260 60  HOH HOH A . 
B 2 HOH 61  261 61  HOH HOH A . 
B 2 HOH 62  262 62  HOH HOH A . 
B 2 HOH 63  263 63  HOH HOH A . 
B 2 HOH 64  264 64  HOH HOH A . 
B 2 HOH 65  265 65  HOH HOH A . 
B 2 HOH 66  266 66  HOH HOH A . 
B 2 HOH 67  267 67  HOH HOH A . 
B 2 HOH 68  268 68  HOH HOH A . 
B 2 HOH 69  269 69  HOH HOH A . 
B 2 HOH 70  270 70  HOH HOH A . 
B 2 HOH 71  271 71  HOH HOH A . 
B 2 HOH 72  272 72  HOH HOH A . 
B 2 HOH 73  273 73  HOH HOH A . 
B 2 HOH 74  274 74  HOH HOH A . 
B 2 HOH 75  275 75  HOH HOH A . 
B 2 HOH 76  276 76  HOH HOH A . 
B 2 HOH 77  277 77  HOH HOH A . 
B 2 HOH 78  278 78  HOH HOH A . 
B 2 HOH 79  279 79  HOH HOH A . 
B 2 HOH 80  280 80  HOH HOH A . 
B 2 HOH 81  281 81  HOH HOH A . 
B 2 HOH 82  282 82  HOH HOH A . 
B 2 HOH 83  283 83  HOH HOH A . 
B 2 HOH 84  284 84  HOH HOH A . 
B 2 HOH 85  285 85  HOH HOH A . 
B 2 HOH 86  286 86  HOH HOH A . 
B 2 HOH 87  287 87  HOH HOH A . 
B 2 HOH 88  288 88  HOH HOH A . 
B 2 HOH 89  289 89  HOH HOH A . 
B 2 HOH 90  290 90  HOH HOH A . 
B 2 HOH 91  291 91  HOH HOH A . 
B 2 HOH 92  292 92  HOH HOH A . 
B 2 HOH 93  293 93  HOH HOH A . 
B 2 HOH 94  294 94  HOH HOH A . 
B 2 HOH 95  295 95  HOH HOH A . 
B 2 HOH 96  296 96  HOH HOH A . 
B 2 HOH 97  297 97  HOH HOH A . 
B 2 HOH 98  298 98  HOH HOH A . 
B 2 HOH 99  299 99  HOH HOH A . 
B 2 HOH 100 300 100 HOH HOH A . 
B 2 HOH 101 301 101 HOH HOH A . 
B 2 HOH 102 302 102 HOH HOH A . 
B 2 HOH 103 303 103 HOH HOH A . 
B 2 HOH 104 304 104 HOH HOH A . 
B 2 HOH 105 305 105 HOH HOH A . 
B 2 HOH 106 306 106 HOH HOH A . 
B 2 HOH 107 307 107 HOH HOH A . 
B 2 HOH 108 308 108 HOH HOH A . 
B 2 HOH 109 309 109 HOH HOH A . 
B 2 HOH 110 310 110 HOH HOH A . 
B 2 HOH 111 311 111 HOH HOH A . 
B 2 HOH 112 312 112 HOH HOH A . 
B 2 HOH 113 313 113 HOH HOH A . 
B 2 HOH 114 314 114 HOH HOH A . 
B 2 HOH 115 315 115 HOH HOH A . 
B 2 HOH 116 316 116 HOH HOH A . 
B 2 HOH 117 317 117 HOH HOH A . 
B 2 HOH 118 318 118 HOH HOH A . 
# 
loop_
_software.name 
_software.classification 
_software.version 
_software.citation_id 
_software.pdbx_ordinal 
HKL-2000 'data collection' .                            ? 1 
SHARP    phasing           .                            ? 2 
PHENIX   refinement        '(phenix.refine: 1.6.4_486)' ? 3 
HKL-2000 'data reduction'  .                            ? 4 
HKL-2000 'data scaling'    .                            ? 5 
# 
_cell.entry_id           3UAF 
_cell.length_a           70.321 
_cell.length_b           33.368 
_cell.length_c           49.265 
_cell.angle_alpha        90.00 
_cell.angle_beta         106.83 
_cell.angle_gamma        90.00 
_cell.Z_PDB              4 
_cell.pdbx_unique_axis   ? 
_cell.length_a_esd       ? 
_cell.length_b_esd       ? 
_cell.length_c_esd       ? 
_cell.angle_alpha_esd    ? 
_cell.angle_beta_esd     ? 
_cell.angle_gamma_esd    ? 
# 
_symmetry.entry_id                         3UAF 
_symmetry.space_group_name_H-M             'C 1 2 1' 
_symmetry.pdbx_full_space_group_name_H-M   ? 
_symmetry.cell_setting                     ? 
_symmetry.Int_Tables_number                5 
_symmetry.space_group_name_Hall            ? 
# 
_exptl.entry_id          3UAF 
_exptl.method            'X-RAY DIFFRACTION' 
_exptl.crystals_number   2 
# 
_exptl_crystal.id                    1 
_exptl_crystal.density_meas          ? 
_exptl_crystal.density_Matthews      2.17 
_exptl_crystal.density_percent_sol   43.23 
_exptl_crystal.description           ? 
_exptl_crystal.F_000                 ? 
_exptl_crystal.preparation           ? 
# 
_exptl_crystal_grow.crystal_id      1 
_exptl_crystal_grow.method          EVAPORATION 
_exptl_crystal_grow.temp            289 
_exptl_crystal_grow.temp_details    ? 
_exptl_crystal_grow.pH              4.5 
_exptl_crystal_grow.pdbx_details    
'0.2M ammonium sulfate, 0.1M soldium acetate, 35% PEGME2000, pH 4.5, EVAPORATION, temperature 289K' 
_exptl_crystal_grow.pdbx_pH_range   . 
# 
loop_
_diffrn.id 
_diffrn.ambient_temp 
_diffrn.ambient_temp_details 
_diffrn.crystal_id 
1 100 ? 1 
2 100 ? 1 
# 
loop_
_diffrn_detector.diffrn_id 
_diffrn_detector.detector 
_diffrn_detector.type 
_diffrn_detector.pdbx_collection_date 
_diffrn_detector.details 
1 'IMAGE PLATE' 'RIGAKU RAXIS IV++' 2007-08-08 ? 
2 'IMAGE PLATE' 'RIGAKU RAXIS IV++' 2007-09-10 ? 
# 
loop_
_diffrn_radiation.diffrn_id 
_diffrn_radiation.wavelength_id 
_diffrn_radiation.pdbx_monochromatic_or_laue_m_l 
_diffrn_radiation.monochromator 
_diffrn_radiation.pdbx_diffrn_protocol 
_diffrn_radiation.pdbx_scattering_type 
1 1 M SI200 'SINGLE WAVELENGTH' x-ray 
2 1 M SI200 'SINGLE WAVELENGTH' x-ray 
# 
_diffrn_radiation_wavelength.id           1 
_diffrn_radiation_wavelength.wavelength   1.5418 
_diffrn_radiation_wavelength.wt           1.0 
# 
loop_
_diffrn_source.diffrn_id 
_diffrn_source.source 
_diffrn_source.type 
_diffrn_source.pdbx_synchrotron_site 
_diffrn_source.pdbx_synchrotron_beamline 
_diffrn_source.pdbx_wavelength 
_diffrn_source.pdbx_wavelength_list 
1 'ROTATING ANODE' 'RIGAKU FR-E SUPERBRIGHT' ? ? ? 1.5418 
2 'ROTATING ANODE' 'RIGAKU FR-E SUPERBRIGHT' ? ? ? 1.5418 
# 
_reflns.entry_id                     3UAF 
_reflns.observed_criterion_sigma_I   1 
_reflns.observed_criterion_sigma_F   1 
_reflns.d_resolution_low             50.00 
_reflns.d_resolution_high            2.01 
_reflns.number_obs                   7360 
_reflns.number_all                   ? 
_reflns.percent_possible_obs         97.6 
_reflns.pdbx_Rmerge_I_obs            ? 
_reflns.pdbx_Rsym_value              ? 
_reflns.pdbx_netI_over_sigmaI        ? 
_reflns.B_iso_Wilson_estimate        19.230 
_reflns.pdbx_redundancy              ? 
_reflns.R_free_details               ? 
_reflns.limit_h_max                  ? 
_reflns.limit_h_min                  ? 
_reflns.limit_k_max                  ? 
_reflns.limit_k_min                  ? 
_reflns.limit_l_max                  ? 
_reflns.limit_l_min                  ? 
_reflns.observed_criterion_F_max     ? 
_reflns.observed_criterion_F_min     ? 
_reflns.pdbx_chi_squared             ? 
_reflns.pdbx_scaling_rejects         ? 
_reflns.pdbx_ordinal                 1 
_reflns.pdbx_diffrn_id               1,2 
# 
loop_
_reflns_shell.d_res_low 
_reflns_shell.d_res_high 
_reflns_shell.percent_possible_all 
_reflns_shell.Rmerge_I_obs 
_reflns_shell.pdbx_Rsym_value 
_reflns_shell.meanI_over_sigI_obs 
_reflns_shell.pdbx_redundancy 
_reflns_shell.percent_possible_obs 
_reflns_shell.number_unique_all 
_reflns_shell.number_measured_all 
_reflns_shell.number_measured_obs 
_reflns_shell.number_unique_obs 
_reflns_shell.pdbx_chi_squared 
_reflns_shell.pdbx_rejects 
_reflns_shell.pdbx_netI_over_sigmaI_obs 
_reflns_shell.number_possible 
_reflns_shell.Rmerge_F_all 
_reflns_shell.Rmerge_F_obs 
_reflns_shell.Rmerge_I_all 
_reflns_shell.meanI_over_sigI_all 
_reflns_shell.pdbx_Rrim_I_all 
_reflns_shell.pdbx_Rpim_I_all 
_reflns_shell.pdbx_ordinal 
_reflns_shell.pdbx_diffrn_id 
2.08  2.01 97.4 ? ? ? ? ? ? ? ? ? ? ? ? ? ? ? ? ? ? ? 1  1,2 
2.17  2.08 98.0 ? ? ? ? ? ? ? ? ? ? ? ? ? ? ? ? ? ? ? 2  1,2 
2.26  2.17 98.5 ? ? ? ? ? ? ? ? ? ? ? ? ? ? ? ? ? ? ? 3  1,2 
2.38  2.26 98.5 ? ? ? ? ? ? ? ? ? ? ? ? ? ? ? ? ? ? ? 4  1,2 
2.53  2.38 99.2 ? ? ? ? ? ? ? ? ? ? ? ? ? ? ? ? ? ? ? 5  1,2 
2.73  2.53 99.1 ? ? ? ? ? ? ? ? ? ? ? ? ? ? ? ? ? ? ? 6  1,2 
3.00  2.73 99.5 ? ? ? ? ? ? ? ? ? ? ? ? ? ? ? ? ? ? ? 7  1,2 
3.44  3.00 100  ? ? ? ? ? ? ? ? ? ? ? ? ? ? ? ? ? ? ? 8  1,2 
4.33  3.44 100  ? ? ? ? ? ? ? ? ? ? ? ? ? ? ? ? ? ? ? 9  1,2 
50.00 4.33 99.6 ? ? ? ? ? ? ? ? ? ? ? ? ? ? ? ? ? ? ? 10 1,2 
# 
_refine.entry_id                                 3UAF 
_refine.pdbx_refine_id                           'X-RAY DIFFRACTION' 
_refine.ls_d_res_high                            2.0100 
_refine.ls_d_res_low                             33.6550 
_refine.pdbx_ls_sigma_F                          0.000 
_refine.pdbx_data_cutoff_high_absF               ? 
_refine.pdbx_data_cutoff_low_absF                ? 
_refine.ls_percent_reflns_obs                    98.7000 
_refine.ls_number_reflns_obs                     7360 
_refine.ls_number_reflns_all                     ? 
_refine.pdbx_ls_cross_valid_method               ? 
_refine.ls_matrix_type                           ? 
_refine.details                                  ? 
_refine.ls_R_factor_all                          ? 
_refine.ls_R_factor_obs                          0.1776 
_refine.ls_R_factor_R_work                       0.1728 
_refine.ls_wR_factor_R_work                      ? 
_refine.ls_R_factor_R_free                       0.2214 
_refine.ls_wR_factor_R_free                      ? 
_refine.ls_percent_reflns_R_free                 9.6900 
_refine.ls_number_reflns_R_free                  713 
_refine.ls_number_reflns_R_work                  6647 
_refine.ls_R_factor_R_free_error                 ? 
_refine.B_iso_mean                               21.2378 
_refine.solvent_model_param_bsol                 49.4810 
_refine.solvent_model_param_ksol                 0.3800 
_refine.pdbx_isotropic_thermal_model             ? 
_refine.aniso_B[1][1]                            -0.9106 
_refine.aniso_B[2][2]                            -0.8420 
_refine.aniso_B[3][3]                            1.7526 
_refine.aniso_B[1][2]                            0.0000 
_refine.aniso_B[1][3]                            -2.2315 
_refine.aniso_B[2][3]                            -0.0000 
_refine.correlation_coeff_Fo_to_Fc               ? 
_refine.correlation_coeff_Fo_to_Fc_free          ? 
_refine.overall_SU_R_Cruickshank_DPI             ? 
_refine.pdbx_overall_SU_R_free_Cruickshank_DPI   ? 
_refine.pdbx_overall_SU_R_Blow_DPI               ? 
_refine.pdbx_overall_SU_R_free_Blow_DPI          ? 
_refine.overall_SU_R_free                        ? 
_refine.pdbx_overall_ESU_R                       ? 
_refine.pdbx_overall_ESU_R_Free                  ? 
_refine.overall_SU_ML                            0.2200 
_refine.overall_SU_B                             ? 
_refine.solvent_model_details                    'FLAT BULK SOLVENT MODEL' 
_refine.pdbx_solvent_vdw_probe_radii             1.0000 
_refine.pdbx_solvent_ion_probe_radii             ? 
_refine.pdbx_solvent_shrinkage_radii             0.7200 
_refine.ls_number_parameters                     ? 
_refine.ls_number_restraints                     ? 
_refine.pdbx_starting_model                      ? 
_refine.pdbx_method_to_determine_struct          SIRAS 
_refine.pdbx_stereochemistry_target_values       ML 
_refine.pdbx_stereochem_target_val_spec_case     ? 
_refine.pdbx_R_Free_selection_details            RANDOM 
_refine.overall_FOM_work_R_set                   0.8704 
_refine.B_iso_max                                69.790 
_refine.B_iso_min                                8.230 
_refine.pdbx_overall_phase_error                 20.1100 
_refine.occupancy_max                            1.000 
_refine.occupancy_min                            1.000 
_refine.pdbx_diffrn_id                           1,2 
_refine.pdbx_ls_sigma_I                          ? 
_refine.ls_redundancy_reflns_obs                 ? 
_refine.ls_R_factor_R_free_error_details         ? 
_refine.pdbx_data_cutoff_high_rms_absF           ? 
_refine.overall_FOM_free_R_set                   ? 
_refine.pdbx_TLS_residual_ADP_flag               ? 
# 
_refine_hist.pdbx_refine_id                   'X-RAY DIFFRACTION' 
_refine_hist.cycle_id                         LAST 
_refine_hist.pdbx_number_atoms_protein        915 
_refine_hist.pdbx_number_atoms_nucleic_acid   0 
_refine_hist.pdbx_number_atoms_ligand         0 
_refine_hist.number_atoms_solvent             118 
_refine_hist.number_atoms_total               1033 
_refine_hist.d_res_high                       2.0100 
_refine_hist.d_res_low                        33.6550 
# 
loop_
_refine_ls_restr.pdbx_refine_id 
_refine_ls_restr.type 
_refine_ls_restr.number 
_refine_ls_restr.dev_ideal 
_refine_ls_restr.dev_ideal_target 
_refine_ls_restr.weight 
_refine_ls_restr.pdbx_restraint_function 
'X-RAY DIFFRACTION' f_bond_d           942  0.007  ? ? ? 
'X-RAY DIFFRACTION' f_angle_d          1286 1.105  ? ? ? 
'X-RAY DIFFRACTION' f_chiral_restr     142  0.078  ? ? ? 
'X-RAY DIFFRACTION' f_plane_restr      170  0.005  ? ? ? 
'X-RAY DIFFRACTION' f_dihedral_angle_d 339  13.065 ? ? ? 
# 
loop_
_refine_ls_shell.d_res_high 
_refine_ls_shell.d_res_low 
_refine_ls_shell.pdbx_total_number_of_bins_used 
_refine_ls_shell.percent_reflns_obs 
_refine_ls_shell.number_reflns_R_work 
_refine_ls_shell.R_factor_all 
_refine_ls_shell.R_factor_R_work 
_refine_ls_shell.R_factor_R_free 
_refine_ls_shell.percent_reflns_R_free 
_refine_ls_shell.number_reflns_R_free 
_refine_ls_shell.R_factor_R_free_error 
_refine_ls_shell.number_reflns_all 
_refine_ls_shell.number_reflns_obs 
_refine_ls_shell.pdbx_refine_id 
_refine_ls_shell.redundancy_reflns_obs 
2.0101 2.1653  5 97.0000  1294 . 0.1814 0.2500 . 143 . 1437 . 'X-RAY DIFFRACTION' . 
2.1653 2.3831  5 98.0000  1317 . 0.1646 0.2244 . 119 . 1436 . 'X-RAY DIFFRACTION' . 
2.3831 2.7279  5 99.0000  1339 . 0.1763 0.2365 . 131 . 1470 . 'X-RAY DIFFRACTION' . 
2.7279 3.4363  5 100.0000 1327 . 0.1788 0.2451 . 154 . 1481 . 'X-RAY DIFFRACTION' . 
3.4363 33.6597 5 100.0000 1370 . 0.1679 0.1934 . 166 . 1536 . 'X-RAY DIFFRACTION' . 
# 
_struct.entry_id                  3UAF 
_struct.title                     'Crystal Structure of a TTR-52 mutant of C. elegans' 
_struct.pdbx_model_details        ? 
_struct.pdbx_CASP_flag            ? 
_struct.pdbx_model_type_details   ? 
# 
_struct_keywords.entry_id        3UAF 
_struct_keywords.pdbx_keywords   'PROTEIN BINDING' 
_struct_keywords.text            'beta barrel/sandwich, cell engulfment, secreted, PROTEIN BINDING' 
# 
loop_
_struct_asym.id 
_struct_asym.pdbx_blank_PDB_chainid_flag 
_struct_asym.pdbx_modified 
_struct_asym.entity_id 
_struct_asym.details 
A N N 1 ? 
B N N 2 ? 
# 
_struct_ref.id                         1 
_struct_ref.db_name                    UNP 
_struct_ref.db_code                    G5ED35_CAEEL 
_struct_ref.pdbx_db_accession          G5ED35 
_struct_ref.entity_id                  1 
_struct_ref.pdbx_seq_one_letter_code   
;KTSCLMATGVLKCPTDPEAVKKVHIDLWDEDSLPLESDDLMGRTWSDRNGNFQVTGCASDFGPINTPDPYLYIQHNCPHR
DSNATNPIQIDVIPLFLPSIVRLGNVYLDRYLEDY
;
_struct_ref.pdbx_align_begin           21 
_struct_ref.pdbx_db_isoform            ? 
# 
_struct_ref_seq.align_id                      1 
_struct_ref_seq.ref_id                        1 
_struct_ref_seq.pdbx_PDB_id_code              3UAF 
_struct_ref_seq.pdbx_strand_id                A 
_struct_ref_seq.seq_align_beg                 1 
_struct_ref_seq.pdbx_seq_align_beg_ins_code   ? 
_struct_ref_seq.seq_align_end                 115 
_struct_ref_seq.pdbx_seq_align_end_ins_code   ? 
_struct_ref_seq.pdbx_db_accession             G5ED35 
_struct_ref_seq.db_align_beg                  21 
_struct_ref_seq.pdbx_db_align_beg_ins_code    ? 
_struct_ref_seq.db_align_end                  135 
_struct_ref_seq.pdbx_db_align_end_ins_code    ? 
_struct_ref_seq.pdbx_auth_seq_align_beg       21 
_struct_ref_seq.pdbx_auth_seq_align_end       135 
# 
loop_
_struct_ref_seq_dif.align_id 
_struct_ref_seq_dif.pdbx_pdb_id_code 
_struct_ref_seq_dif.mon_id 
_struct_ref_seq_dif.pdbx_pdb_strand_id 
_struct_ref_seq_dif.seq_num 
_struct_ref_seq_dif.pdbx_pdb_ins_code 
_struct_ref_seq_dif.pdbx_seq_db_name 
_struct_ref_seq_dif.pdbx_seq_db_accession_code 
_struct_ref_seq_dif.db_mon_id 
_struct_ref_seq_dif.pdbx_seq_db_seq_num 
_struct_ref_seq_dif.details 
_struct_ref_seq_dif.pdbx_auth_seq_num 
_struct_ref_seq_dif.pdbx_ordinal 
1 3UAF ALA A 30  ? UNP G5ED35 GLU 50 'engineered mutation' 50  1 
1 3UAF ALA A 31  ? UNP G5ED35 ASP 51 'engineered mutation' 51  2 
1 3UAF ALA A 32  ? UNP G5ED35 SER 52 'engineered mutation' 52  3 
1 3UAF ALA A 33  ? UNP G5ED35 LEU 53 'engineered mutation' 53  4 
1 3UAF ALA A 34  ? UNP G5ED35 PRO 54 'engineered mutation' 54  5 
1 3UAF ALA A 35  ? UNP G5ED35 LEU 55 'engineered mutation' 55  6 
1 3UAF HIS A 116 ? UNP G5ED35 ?   ?  'expression tag'      136 7 
1 3UAF HIS A 117 ? UNP G5ED35 ?   ?  'expression tag'      137 8 
# 
_pdbx_struct_assembly.id                   1 
_pdbx_struct_assembly.details              author_and_software_defined_assembly 
_pdbx_struct_assembly.method_details       PISA 
_pdbx_struct_assembly.oligomeric_details   dimeric 
_pdbx_struct_assembly.oligomeric_count     2 
# 
loop_
_pdbx_struct_assembly_prop.biol_id 
_pdbx_struct_assembly_prop.type 
_pdbx_struct_assembly_prop.value 
_pdbx_struct_assembly_prop.details 
1 'ABSA (A^2)' 1400  ? 
1 MORE         -6    ? 
1 'SSA (A^2)'  12400 ? 
# 
_pdbx_struct_assembly_gen.assembly_id       1 
_pdbx_struct_assembly_gen.oper_expression   1,2 
_pdbx_struct_assembly_gen.asym_id_list      A,B 
# 
loop_
_pdbx_struct_oper_list.id 
_pdbx_struct_oper_list.type 
_pdbx_struct_oper_list.name 
_pdbx_struct_oper_list.symmetry_operation 
_pdbx_struct_oper_list.matrix[1][1] 
_pdbx_struct_oper_list.matrix[1][2] 
_pdbx_struct_oper_list.matrix[1][3] 
_pdbx_struct_oper_list.vector[1] 
_pdbx_struct_oper_list.matrix[2][1] 
_pdbx_struct_oper_list.matrix[2][2] 
_pdbx_struct_oper_list.matrix[2][3] 
_pdbx_struct_oper_list.vector[2] 
_pdbx_struct_oper_list.matrix[3][1] 
_pdbx_struct_oper_list.matrix[3][2] 
_pdbx_struct_oper_list.matrix[3][3] 
_pdbx_struct_oper_list.vector[3] 
1 'identity operation'         1_555 x,y,z       1.0000000000 0.0000000000 0.0000000000  0.0000000000 0.0000000000 1.0000000000  0.0000000000  0.0000000000   0.0000000000  0.0000000000  1.0000000000  0.0000000000   
2 'crystal symmetry operation' 2_656 -x+1,y,-z+1 0.2327127092 0.7812969425 -0.5791544550 6.8089194028 0.7812969425 -0.5048116988 -0.3670697978 -18.6060632079 -0.5791544550 -0.3670697978 -0.7279010103 -10.6075654935 
# 
_struct_biol.id        1 
_struct_biol.details   ? 
# 
loop_
_struct_conf.conf_type_id 
_struct_conf.id 
_struct_conf.pdbx_PDB_helix_id 
_struct_conf.beg_label_comp_id 
_struct_conf.beg_label_asym_id 
_struct_conf.beg_label_seq_id 
_struct_conf.pdbx_beg_PDB_ins_code 
_struct_conf.end_label_comp_id 
_struct_conf.end_label_asym_id 
_struct_conf.end_label_seq_id 
_struct_conf.pdbx_end_PDB_ins_code 
_struct_conf.beg_auth_comp_id 
_struct_conf.beg_auth_asym_id 
_struct_conf.beg_auth_seq_id 
_struct_conf.end_auth_comp_id 
_struct_conf.end_auth_asym_id 
_struct_conf.end_auth_seq_id 
_struct_conf.pdbx_PDB_helix_class 
_struct_conf.details 
_struct_conf.pdbx_PDB_helix_length 
HELX_P HELX_P1 1 ASP A 16  ? LYS A 21  ? ASP A 36  LYS A 41  5 ? 6 
HELX_P HELX_P2 2 ALA A 30  ? ALA A 35  ? ALA A 50  ALA A 55  1 ? 6 
HELX_P HELX_P3 3 TYR A 111 ? HIS A 117 ? TYR A 131 HIS A 137 1 ? 7 
# 
_struct_conf_type.id          HELX_P 
_struct_conf_type.criteria    ? 
_struct_conf_type.reference   ? 
# 
loop_
_struct_conn.id 
_struct_conn.conn_type_id 
_struct_conn.pdbx_leaving_atom_flag 
_struct_conn.pdbx_PDB_id 
_struct_conn.ptnr1_label_asym_id 
_struct_conn.ptnr1_label_comp_id 
_struct_conn.ptnr1_label_seq_id 
_struct_conn.ptnr1_label_atom_id 
_struct_conn.pdbx_ptnr1_label_alt_id 
_struct_conn.pdbx_ptnr1_PDB_ins_code 
_struct_conn.pdbx_ptnr1_standard_comp_id 
_struct_conn.ptnr1_symmetry 
_struct_conn.ptnr2_label_asym_id 
_struct_conn.ptnr2_label_comp_id 
_struct_conn.ptnr2_label_seq_id 
_struct_conn.ptnr2_label_atom_id 
_struct_conn.pdbx_ptnr2_label_alt_id 
_struct_conn.pdbx_ptnr2_PDB_ins_code 
_struct_conn.ptnr1_auth_asym_id 
_struct_conn.ptnr1_auth_comp_id 
_struct_conn.ptnr1_auth_seq_id 
_struct_conn.ptnr2_auth_asym_id 
_struct_conn.ptnr2_auth_comp_id 
_struct_conn.ptnr2_auth_seq_id 
_struct_conn.ptnr2_symmetry 
_struct_conn.pdbx_ptnr3_label_atom_id 
_struct_conn.pdbx_ptnr3_label_seq_id 
_struct_conn.pdbx_ptnr3_label_comp_id 
_struct_conn.pdbx_ptnr3_label_asym_id 
_struct_conn.pdbx_ptnr3_label_alt_id 
_struct_conn.pdbx_ptnr3_PDB_ins_code 
_struct_conn.details 
_struct_conn.pdbx_dist_value 
_struct_conn.pdbx_value_order 
_struct_conn.pdbx_role 
disulf1 disulf ? ? A CYS 4  SG ? ? ? 1_555 A CYS 57 SG ? ? A CYS 24 A CYS 77 1_555 ? ? ? ? ? ? ? 2.029 ? ? 
disulf2 disulf ? ? A CYS 13 SG ? ? ? 1_555 A CYS 77 SG ? ? A CYS 33 A CYS 97 1_555 ? ? ? ? ? ? ? 2.029 ? ? 
# 
_struct_conn_type.id          disulf 
_struct_conn_type.criteria    ? 
_struct_conn_type.reference   ? 
# 
loop_
_pdbx_modification_feature.ordinal 
_pdbx_modification_feature.label_comp_id 
_pdbx_modification_feature.label_asym_id 
_pdbx_modification_feature.label_seq_id 
_pdbx_modification_feature.label_alt_id 
_pdbx_modification_feature.modified_residue_label_comp_id 
_pdbx_modification_feature.modified_residue_label_asym_id 
_pdbx_modification_feature.modified_residue_label_seq_id 
_pdbx_modification_feature.modified_residue_label_alt_id 
_pdbx_modification_feature.auth_comp_id 
_pdbx_modification_feature.auth_asym_id 
_pdbx_modification_feature.auth_seq_id 
_pdbx_modification_feature.PDB_ins_code 
_pdbx_modification_feature.symmetry 
_pdbx_modification_feature.modified_residue_auth_comp_id 
_pdbx_modification_feature.modified_residue_auth_asym_id 
_pdbx_modification_feature.modified_residue_auth_seq_id 
_pdbx_modification_feature.modified_residue_PDB_ins_code 
_pdbx_modification_feature.modified_residue_symmetry 
_pdbx_modification_feature.comp_id_linking_atom 
_pdbx_modification_feature.modified_residue_id_linking_atom 
_pdbx_modification_feature.modified_residue_id 
_pdbx_modification_feature.ref_pcm_id 
_pdbx_modification_feature.ref_comp_id 
_pdbx_modification_feature.type 
_pdbx_modification_feature.category 
1 CYS A 4  ? CYS A 57 ? CYS A 24 ? 1_555 CYS A 77 ? 1_555 SG SG . . . None 'Disulfide bridge' 
2 CYS A 13 ? CYS A 77 ? CYS A 33 ? 1_555 CYS A 97 ? 1_555 SG SG . . . None 'Disulfide bridge' 
# 
_struct_mon_prot_cis.pdbx_id                1 
_struct_mon_prot_cis.label_comp_id          LEU 
_struct_mon_prot_cis.label_seq_id           97 
_struct_mon_prot_cis.label_asym_id          A 
_struct_mon_prot_cis.label_alt_id           . 
_struct_mon_prot_cis.pdbx_PDB_ins_code      ? 
_struct_mon_prot_cis.auth_comp_id           LEU 
_struct_mon_prot_cis.auth_seq_id            117 
_struct_mon_prot_cis.auth_asym_id           A 
_struct_mon_prot_cis.pdbx_label_comp_id_2   PRO 
_struct_mon_prot_cis.pdbx_label_seq_id_2    98 
_struct_mon_prot_cis.pdbx_label_asym_id_2   A 
_struct_mon_prot_cis.pdbx_PDB_ins_code_2    ? 
_struct_mon_prot_cis.pdbx_auth_comp_id_2    PRO 
_struct_mon_prot_cis.pdbx_auth_seq_id_2     118 
_struct_mon_prot_cis.pdbx_auth_asym_id_2    A 
_struct_mon_prot_cis.pdbx_PDB_model_num     1 
_struct_mon_prot_cis.pdbx_omega_angle       8.69 
# 
loop_
_struct_sheet.id 
_struct_sheet.type 
_struct_sheet.number_strands 
_struct_sheet.details 
A ? 3 ? 
B ? 4 ? 
# 
loop_
_struct_sheet_order.sheet_id 
_struct_sheet_order.range_id_1 
_struct_sheet_order.range_id_2 
_struct_sheet_order.offset 
_struct_sheet_order.sense 
A 1 2 ? anti-parallel 
A 2 3 ? parallel      
B 1 2 ? anti-parallel 
B 2 3 ? anti-parallel 
B 3 4 ? anti-parallel 
# 
loop_
_struct_sheet_range.sheet_id 
_struct_sheet_range.id 
_struct_sheet_range.beg_label_comp_id 
_struct_sheet_range.beg_label_asym_id 
_struct_sheet_range.beg_label_seq_id 
_struct_sheet_range.pdbx_beg_PDB_ins_code 
_struct_sheet_range.end_label_comp_id 
_struct_sheet_range.end_label_asym_id 
_struct_sheet_range.end_label_seq_id 
_struct_sheet_range.pdbx_end_PDB_ins_code 
_struct_sheet_range.beg_auth_comp_id 
_struct_sheet_range.beg_auth_asym_id 
_struct_sheet_range.beg_auth_seq_id 
_struct_sheet_range.end_auth_comp_id 
_struct_sheet_range.end_auth_asym_id 
_struct_sheet_range.end_auth_seq_id 
A 1 ASN A 51  ? ALA A 58  ? ASN A 71  ALA A 78  
A 2 SER A 3   ? LYS A 12  ? SER A 23  LYS A 32  
A 3 ILE A 100 ? TYR A 107 ? ILE A 120 TYR A 127 
B 1 LEU A 40  ? TRP A 45  ? LEU A 60  TRP A 65  
B 2 HIS A 24  ? ASP A 29  ? HIS A 44  ASP A 49  
B 3 PRO A 69  ? GLN A 74  ? PRO A 89  GLN A 94  
B 4 ILE A 88  ? ASP A 91  ? ILE A 108 ASP A 111 
# 
loop_
_pdbx_struct_sheet_hbond.sheet_id 
_pdbx_struct_sheet_hbond.range_id_1 
_pdbx_struct_sheet_hbond.range_id_2 
_pdbx_struct_sheet_hbond.range_1_label_atom_id 
_pdbx_struct_sheet_hbond.range_1_label_comp_id 
_pdbx_struct_sheet_hbond.range_1_label_asym_id 
_pdbx_struct_sheet_hbond.range_1_label_seq_id 
_pdbx_struct_sheet_hbond.range_1_PDB_ins_code 
_pdbx_struct_sheet_hbond.range_1_auth_atom_id 
_pdbx_struct_sheet_hbond.range_1_auth_comp_id 
_pdbx_struct_sheet_hbond.range_1_auth_asym_id 
_pdbx_struct_sheet_hbond.range_1_auth_seq_id 
_pdbx_struct_sheet_hbond.range_2_label_atom_id 
_pdbx_struct_sheet_hbond.range_2_label_comp_id 
_pdbx_struct_sheet_hbond.range_2_label_asym_id 
_pdbx_struct_sheet_hbond.range_2_label_seq_id 
_pdbx_struct_sheet_hbond.range_2_PDB_ins_code 
_pdbx_struct_sheet_hbond.range_2_auth_atom_id 
_pdbx_struct_sheet_hbond.range_2_auth_comp_id 
_pdbx_struct_sheet_hbond.range_2_auth_asym_id 
_pdbx_struct_sheet_hbond.range_2_auth_seq_id 
A 1 2 O GLY A 56 ? O GLY A 76 N LEU A 5   ? N LEU A 25  
A 2 3 N MET A 6  ? N MET A 26 O VAL A 101 ? O VAL A 121 
B 1 2 O THR A 44 ? O THR A 64 N ILE A 25  ? N ILE A 45  
B 2 3 N ASP A 26 ? N ASP A 46 O TYR A 72  ? O TYR A 92  
B 3 4 N LEU A 71 ? N LEU A 91 O ILE A 90  ? O ILE A 110 
# 
_pdbx_entry_details.entry_id                   3UAF 
_pdbx_entry_details.compound_details           ? 
_pdbx_entry_details.source_details             ? 
_pdbx_entry_details.nonpolymer_details         ? 
_pdbx_entry_details.sequence_details           ? 
_pdbx_entry_details.has_ligand_of_interest     ? 
_pdbx_entry_details.has_protein_modification   Y 
# 
_pdbx_validate_close_contact.id               1 
_pdbx_validate_close_contact.PDB_model_num    1 
_pdbx_validate_close_contact.auth_atom_id_1   O 
_pdbx_validate_close_contact.auth_asym_id_1   A 
_pdbx_validate_close_contact.auth_comp_id_1   ASP 
_pdbx_validate_close_contact.auth_seq_id_1    101 
_pdbx_validate_close_contact.PDB_ins_code_1   ? 
_pdbx_validate_close_contact.label_alt_id_1   ? 
_pdbx_validate_close_contact.auth_atom_id_2   O 
_pdbx_validate_close_contact.auth_asym_id_2   A 
_pdbx_validate_close_contact.auth_comp_id_2   HOH 
_pdbx_validate_close_contact.auth_seq_id_2    301 
_pdbx_validate_close_contact.PDB_ins_code_2   ? 
_pdbx_validate_close_contact.label_alt_id_2   ? 
_pdbx_validate_close_contact.dist             1.89 
# 
_pdbx_validate_torsion.id              1 
_pdbx_validate_torsion.PDB_model_num   1 
_pdbx_validate_torsion.auth_comp_id    ASP 
_pdbx_validate_torsion.auth_asym_id    A 
_pdbx_validate_torsion.auth_seq_id     36 
_pdbx_validate_torsion.PDB_ins_code    ? 
_pdbx_validate_torsion.label_alt_id    ? 
_pdbx_validate_torsion.phi             -161.59 
_pdbx_validate_torsion.psi             87.78 
# 
_pdbx_struct_special_symmetry.id              1 
_pdbx_struct_special_symmetry.PDB_model_num   1 
_pdbx_struct_special_symmetry.auth_asym_id    A 
_pdbx_struct_special_symmetry.auth_comp_id    HOH 
_pdbx_struct_special_symmetry.auth_seq_id     216 
_pdbx_struct_special_symmetry.PDB_ins_code    ? 
_pdbx_struct_special_symmetry.label_asym_id   B 
_pdbx_struct_special_symmetry.label_comp_id   HOH 
_pdbx_struct_special_symmetry.label_seq_id    . 
# 
loop_
_chem_comp_atom.comp_id 
_chem_comp_atom.atom_id 
_chem_comp_atom.type_symbol 
_chem_comp_atom.pdbx_aromatic_flag 
_chem_comp_atom.pdbx_stereo_config 
_chem_comp_atom.pdbx_ordinal 
ALA N    N N N 1   
ALA CA   C N S 2   
ALA C    C N N 3   
ALA O    O N N 4   
ALA CB   C N N 5   
ALA OXT  O N N 6   
ALA H    H N N 7   
ALA H2   H N N 8   
ALA HA   H N N 9   
ALA HB1  H N N 10  
ALA HB2  H N N 11  
ALA HB3  H N N 12  
ALA HXT  H N N 13  
ARG N    N N N 14  
ARG CA   C N S 15  
ARG C    C N N 16  
ARG O    O N N 17  
ARG CB   C N N 18  
ARG CG   C N N 19  
ARG CD   C N N 20  
ARG NE   N N N 21  
ARG CZ   C N N 22  
ARG NH1  N N N 23  
ARG NH2  N N N 24  
ARG OXT  O N N 25  
ARG H    H N N 26  
ARG H2   H N N 27  
ARG HA   H N N 28  
ARG HB2  H N N 29  
ARG HB3  H N N 30  
ARG HG2  H N N 31  
ARG HG3  H N N 32  
ARG HD2  H N N 33  
ARG HD3  H N N 34  
ARG HE   H N N 35  
ARG HH11 H N N 36  
ARG HH12 H N N 37  
ARG HH21 H N N 38  
ARG HH22 H N N 39  
ARG HXT  H N N 40  
ASN N    N N N 41  
ASN CA   C N S 42  
ASN C    C N N 43  
ASN O    O N N 44  
ASN CB   C N N 45  
ASN CG   C N N 46  
ASN OD1  O N N 47  
ASN ND2  N N N 48  
ASN OXT  O N N 49  
ASN H    H N N 50  
ASN H2   H N N 51  
ASN HA   H N N 52  
ASN HB2  H N N 53  
ASN HB3  H N N 54  
ASN HD21 H N N 55  
ASN HD22 H N N 56  
ASN HXT  H N N 57  
ASP N    N N N 58  
ASP CA   C N S 59  
ASP C    C N N 60  
ASP O    O N N 61  
ASP CB   C N N 62  
ASP CG   C N N 63  
ASP OD1  O N N 64  
ASP OD2  O N N 65  
ASP OXT  O N N 66  
ASP H    H N N 67  
ASP H2   H N N 68  
ASP HA   H N N 69  
ASP HB2  H N N 70  
ASP HB3  H N N 71  
ASP HD2  H N N 72  
ASP HXT  H N N 73  
CYS N    N N N 74  
CYS CA   C N R 75  
CYS C    C N N 76  
CYS O    O N N 77  
CYS CB   C N N 78  
CYS SG   S N N 79  
CYS OXT  O N N 80  
CYS H    H N N 81  
CYS H2   H N N 82  
CYS HA   H N N 83  
CYS HB2  H N N 84  
CYS HB3  H N N 85  
CYS HG   H N N 86  
CYS HXT  H N N 87  
GLN N    N N N 88  
GLN CA   C N S 89  
GLN C    C N N 90  
GLN O    O N N 91  
GLN CB   C N N 92  
GLN CG   C N N 93  
GLN CD   C N N 94  
GLN OE1  O N N 95  
GLN NE2  N N N 96  
GLN OXT  O N N 97  
GLN H    H N N 98  
GLN H2   H N N 99  
GLN HA   H N N 100 
GLN HB2  H N N 101 
GLN HB3  H N N 102 
GLN HG2  H N N 103 
GLN HG3  H N N 104 
GLN HE21 H N N 105 
GLN HE22 H N N 106 
GLN HXT  H N N 107 
GLU N    N N N 108 
GLU CA   C N S 109 
GLU C    C N N 110 
GLU O    O N N 111 
GLU CB   C N N 112 
GLU CG   C N N 113 
GLU CD   C N N 114 
GLU OE1  O N N 115 
GLU OE2  O N N 116 
GLU OXT  O N N 117 
GLU H    H N N 118 
GLU H2   H N N 119 
GLU HA   H N N 120 
GLU HB2  H N N 121 
GLU HB3  H N N 122 
GLU HG2  H N N 123 
GLU HG3  H N N 124 
GLU HE2  H N N 125 
GLU HXT  H N N 126 
GLY N    N N N 127 
GLY CA   C N N 128 
GLY C    C N N 129 
GLY O    O N N 130 
GLY OXT  O N N 131 
GLY H    H N N 132 
GLY H2   H N N 133 
GLY HA2  H N N 134 
GLY HA3  H N N 135 
GLY HXT  H N N 136 
HIS N    N N N 137 
HIS CA   C N S 138 
HIS C    C N N 139 
HIS O    O N N 140 
HIS CB   C N N 141 
HIS CG   C Y N 142 
HIS ND1  N Y N 143 
HIS CD2  C Y N 144 
HIS CE1  C Y N 145 
HIS NE2  N Y N 146 
HIS OXT  O N N 147 
HIS H    H N N 148 
HIS H2   H N N 149 
HIS HA   H N N 150 
HIS HB2  H N N 151 
HIS HB3  H N N 152 
HIS HD1  H N N 153 
HIS HD2  H N N 154 
HIS HE1  H N N 155 
HIS HE2  H N N 156 
HIS HXT  H N N 157 
HOH O    O N N 158 
HOH H1   H N N 159 
HOH H2   H N N 160 
ILE N    N N N 161 
ILE CA   C N S 162 
ILE C    C N N 163 
ILE O    O N N 164 
ILE CB   C N S 165 
ILE CG1  C N N 166 
ILE CG2  C N N 167 
ILE CD1  C N N 168 
ILE OXT  O N N 169 
ILE H    H N N 170 
ILE H2   H N N 171 
ILE HA   H N N 172 
ILE HB   H N N 173 
ILE HG12 H N N 174 
ILE HG13 H N N 175 
ILE HG21 H N N 176 
ILE HG22 H N N 177 
ILE HG23 H N N 178 
ILE HD11 H N N 179 
ILE HD12 H N N 180 
ILE HD13 H N N 181 
ILE HXT  H N N 182 
LEU N    N N N 183 
LEU CA   C N S 184 
LEU C    C N N 185 
LEU O    O N N 186 
LEU CB   C N N 187 
LEU CG   C N N 188 
LEU CD1  C N N 189 
LEU CD2  C N N 190 
LEU OXT  O N N 191 
LEU H    H N N 192 
LEU H2   H N N 193 
LEU HA   H N N 194 
LEU HB2  H N N 195 
LEU HB3  H N N 196 
LEU HG   H N N 197 
LEU HD11 H N N 198 
LEU HD12 H N N 199 
LEU HD13 H N N 200 
LEU HD21 H N N 201 
LEU HD22 H N N 202 
LEU HD23 H N N 203 
LEU HXT  H N N 204 
LYS N    N N N 205 
LYS CA   C N S 206 
LYS C    C N N 207 
LYS O    O N N 208 
LYS CB   C N N 209 
LYS CG   C N N 210 
LYS CD   C N N 211 
LYS CE   C N N 212 
LYS NZ   N N N 213 
LYS OXT  O N N 214 
LYS H    H N N 215 
LYS H2   H N N 216 
LYS HA   H N N 217 
LYS HB2  H N N 218 
LYS HB3  H N N 219 
LYS HG2  H N N 220 
LYS HG3  H N N 221 
LYS HD2  H N N 222 
LYS HD3  H N N 223 
LYS HE2  H N N 224 
LYS HE3  H N N 225 
LYS HZ1  H N N 226 
LYS HZ2  H N N 227 
LYS HZ3  H N N 228 
LYS HXT  H N N 229 
MET N    N N N 230 
MET CA   C N S 231 
MET C    C N N 232 
MET O    O N N 233 
MET CB   C N N 234 
MET CG   C N N 235 
MET SD   S N N 236 
MET CE   C N N 237 
MET OXT  O N N 238 
MET H    H N N 239 
MET H2   H N N 240 
MET HA   H N N 241 
MET HB2  H N N 242 
MET HB3  H N N 243 
MET HG2  H N N 244 
MET HG3  H N N 245 
MET HE1  H N N 246 
MET HE2  H N N 247 
MET HE3  H N N 248 
MET HXT  H N N 249 
PHE N    N N N 250 
PHE CA   C N S 251 
PHE C    C N N 252 
PHE O    O N N 253 
PHE CB   C N N 254 
PHE CG   C Y N 255 
PHE CD1  C Y N 256 
PHE CD2  C Y N 257 
PHE CE1  C Y N 258 
PHE CE2  C Y N 259 
PHE CZ   C Y N 260 
PHE OXT  O N N 261 
PHE H    H N N 262 
PHE H2   H N N 263 
PHE HA   H N N 264 
PHE HB2  H N N 265 
PHE HB3  H N N 266 
PHE HD1  H N N 267 
PHE HD2  H N N 268 
PHE HE1  H N N 269 
PHE HE2  H N N 270 
PHE HZ   H N N 271 
PHE HXT  H N N 272 
PRO N    N N N 273 
PRO CA   C N S 274 
PRO C    C N N 275 
PRO O    O N N 276 
PRO CB   C N N 277 
PRO CG   C N N 278 
PRO CD   C N N 279 
PRO OXT  O N N 280 
PRO H    H N N 281 
PRO HA   H N N 282 
PRO HB2  H N N 283 
PRO HB3  H N N 284 
PRO HG2  H N N 285 
PRO HG3  H N N 286 
PRO HD2  H N N 287 
PRO HD3  H N N 288 
PRO HXT  H N N 289 
SER N    N N N 290 
SER CA   C N S 291 
SER C    C N N 292 
SER O    O N N 293 
SER CB   C N N 294 
SER OG   O N N 295 
SER OXT  O N N 296 
SER H    H N N 297 
SER H2   H N N 298 
SER HA   H N N 299 
SER HB2  H N N 300 
SER HB3  H N N 301 
SER HG   H N N 302 
SER HXT  H N N 303 
THR N    N N N 304 
THR CA   C N S 305 
THR C    C N N 306 
THR O    O N N 307 
THR CB   C N R 308 
THR OG1  O N N 309 
THR CG2  C N N 310 
THR OXT  O N N 311 
THR H    H N N 312 
THR H2   H N N 313 
THR HA   H N N 314 
THR HB   H N N 315 
THR HG1  H N N 316 
THR HG21 H N N 317 
THR HG22 H N N 318 
THR HG23 H N N 319 
THR HXT  H N N 320 
TRP N    N N N 321 
TRP CA   C N S 322 
TRP C    C N N 323 
TRP O    O N N 324 
TRP CB   C N N 325 
TRP CG   C Y N 326 
TRP CD1  C Y N 327 
TRP CD2  C Y N 328 
TRP NE1  N Y N 329 
TRP CE2  C Y N 330 
TRP CE3  C Y N 331 
TRP CZ2  C Y N 332 
TRP CZ3  C Y N 333 
TRP CH2  C Y N 334 
TRP OXT  O N N 335 
TRP H    H N N 336 
TRP H2   H N N 337 
TRP HA   H N N 338 
TRP HB2  H N N 339 
TRP HB3  H N N 340 
TRP HD1  H N N 341 
TRP HE1  H N N 342 
TRP HE3  H N N 343 
TRP HZ2  H N N 344 
TRP HZ3  H N N 345 
TRP HH2  H N N 346 
TRP HXT  H N N 347 
TYR N    N N N 348 
TYR CA   C N S 349 
TYR C    C N N 350 
TYR O    O N N 351 
TYR CB   C N N 352 
TYR CG   C Y N 353 
TYR CD1  C Y N 354 
TYR CD2  C Y N 355 
TYR CE1  C Y N 356 
TYR CE2  C Y N 357 
TYR CZ   C Y N 358 
TYR OH   O N N 359 
TYR OXT  O N N 360 
TYR H    H N N 361 
TYR H2   H N N 362 
TYR HA   H N N 363 
TYR HB2  H N N 364 
TYR HB3  H N N 365 
TYR HD1  H N N 366 
TYR HD2  H N N 367 
TYR HE1  H N N 368 
TYR HE2  H N N 369 
TYR HH   H N N 370 
TYR HXT  H N N 371 
VAL N    N N N 372 
VAL CA   C N S 373 
VAL C    C N N 374 
VAL O    O N N 375 
VAL CB   C N N 376 
VAL CG1  C N N 377 
VAL CG2  C N N 378 
VAL OXT  O N N 379 
VAL H    H N N 380 
VAL H2   H N N 381 
VAL HA   H N N 382 
VAL HB   H N N 383 
VAL HG11 H N N 384 
VAL HG12 H N N 385 
VAL HG13 H N N 386 
VAL HG21 H N N 387 
VAL HG22 H N N 388 
VAL HG23 H N N 389 
VAL HXT  H N N 390 
# 
loop_
_chem_comp_bond.comp_id 
_chem_comp_bond.atom_id_1 
_chem_comp_bond.atom_id_2 
_chem_comp_bond.value_order 
_chem_comp_bond.pdbx_aromatic_flag 
_chem_comp_bond.pdbx_stereo_config 
_chem_comp_bond.pdbx_ordinal 
ALA N   CA   sing N N 1   
ALA N   H    sing N N 2   
ALA N   H2   sing N N 3   
ALA CA  C    sing N N 4   
ALA CA  CB   sing N N 5   
ALA CA  HA   sing N N 6   
ALA C   O    doub N N 7   
ALA C   OXT  sing N N 8   
ALA CB  HB1  sing N N 9   
ALA CB  HB2  sing N N 10  
ALA CB  HB3  sing N N 11  
ALA OXT HXT  sing N N 12  
ARG N   CA   sing N N 13  
ARG N   H    sing N N 14  
ARG N   H2   sing N N 15  
ARG CA  C    sing N N 16  
ARG CA  CB   sing N N 17  
ARG CA  HA   sing N N 18  
ARG C   O    doub N N 19  
ARG C   OXT  sing N N 20  
ARG CB  CG   sing N N 21  
ARG CB  HB2  sing N N 22  
ARG CB  HB3  sing N N 23  
ARG CG  CD   sing N N 24  
ARG CG  HG2  sing N N 25  
ARG CG  HG3  sing N N 26  
ARG CD  NE   sing N N 27  
ARG CD  HD2  sing N N 28  
ARG CD  HD3  sing N N 29  
ARG NE  CZ   sing N N 30  
ARG NE  HE   sing N N 31  
ARG CZ  NH1  sing N N 32  
ARG CZ  NH2  doub N N 33  
ARG NH1 HH11 sing N N 34  
ARG NH1 HH12 sing N N 35  
ARG NH2 HH21 sing N N 36  
ARG NH2 HH22 sing N N 37  
ARG OXT HXT  sing N N 38  
ASN N   CA   sing N N 39  
ASN N   H    sing N N 40  
ASN N   H2   sing N N 41  
ASN CA  C    sing N N 42  
ASN CA  CB   sing N N 43  
ASN CA  HA   sing N N 44  
ASN C   O    doub N N 45  
ASN C   OXT  sing N N 46  
ASN CB  CG   sing N N 47  
ASN CB  HB2  sing N N 48  
ASN CB  HB3  sing N N 49  
ASN CG  OD1  doub N N 50  
ASN CG  ND2  sing N N 51  
ASN ND2 HD21 sing N N 52  
ASN ND2 HD22 sing N N 53  
ASN OXT HXT  sing N N 54  
ASP N   CA   sing N N 55  
ASP N   H    sing N N 56  
ASP N   H2   sing N N 57  
ASP CA  C    sing N N 58  
ASP CA  CB   sing N N 59  
ASP CA  HA   sing N N 60  
ASP C   O    doub N N 61  
ASP C   OXT  sing N N 62  
ASP CB  CG   sing N N 63  
ASP CB  HB2  sing N N 64  
ASP CB  HB3  sing N N 65  
ASP CG  OD1  doub N N 66  
ASP CG  OD2  sing N N 67  
ASP OD2 HD2  sing N N 68  
ASP OXT HXT  sing N N 69  
CYS N   CA   sing N N 70  
CYS N   H    sing N N 71  
CYS N   H2   sing N N 72  
CYS CA  C    sing N N 73  
CYS CA  CB   sing N N 74  
CYS CA  HA   sing N N 75  
CYS C   O    doub N N 76  
CYS C   OXT  sing N N 77  
CYS CB  SG   sing N N 78  
CYS CB  HB2  sing N N 79  
CYS CB  HB3  sing N N 80  
CYS SG  HG   sing N N 81  
CYS OXT HXT  sing N N 82  
GLN N   CA   sing N N 83  
GLN N   H    sing N N 84  
GLN N   H2   sing N N 85  
GLN CA  C    sing N N 86  
GLN CA  CB   sing N N 87  
GLN CA  HA   sing N N 88  
GLN C   O    doub N N 89  
GLN C   OXT  sing N N 90  
GLN CB  CG   sing N N 91  
GLN CB  HB2  sing N N 92  
GLN CB  HB3  sing N N 93  
GLN CG  CD   sing N N 94  
GLN CG  HG2  sing N N 95  
GLN CG  HG3  sing N N 96  
GLN CD  OE1  doub N N 97  
GLN CD  NE2  sing N N 98  
GLN NE2 HE21 sing N N 99  
GLN NE2 HE22 sing N N 100 
GLN OXT HXT  sing N N 101 
GLU N   CA   sing N N 102 
GLU N   H    sing N N 103 
GLU N   H2   sing N N 104 
GLU CA  C    sing N N 105 
GLU CA  CB   sing N N 106 
GLU CA  HA   sing N N 107 
GLU C   O    doub N N 108 
GLU C   OXT  sing N N 109 
GLU CB  CG   sing N N 110 
GLU CB  HB2  sing N N 111 
GLU CB  HB3  sing N N 112 
GLU CG  CD   sing N N 113 
GLU CG  HG2  sing N N 114 
GLU CG  HG3  sing N N 115 
GLU CD  OE1  doub N N 116 
GLU CD  OE2  sing N N 117 
GLU OE2 HE2  sing N N 118 
GLU OXT HXT  sing N N 119 
GLY N   CA   sing N N 120 
GLY N   H    sing N N 121 
GLY N   H2   sing N N 122 
GLY CA  C    sing N N 123 
GLY CA  HA2  sing N N 124 
GLY CA  HA3  sing N N 125 
GLY C   O    doub N N 126 
GLY C   OXT  sing N N 127 
GLY OXT HXT  sing N N 128 
HIS N   CA   sing N N 129 
HIS N   H    sing N N 130 
HIS N   H2   sing N N 131 
HIS CA  C    sing N N 132 
HIS CA  CB   sing N N 133 
HIS CA  HA   sing N N 134 
HIS C   O    doub N N 135 
HIS C   OXT  sing N N 136 
HIS CB  CG   sing N N 137 
HIS CB  HB2  sing N N 138 
HIS CB  HB3  sing N N 139 
HIS CG  ND1  sing Y N 140 
HIS CG  CD2  doub Y N 141 
HIS ND1 CE1  doub Y N 142 
HIS ND1 HD1  sing N N 143 
HIS CD2 NE2  sing Y N 144 
HIS CD2 HD2  sing N N 145 
HIS CE1 NE2  sing Y N 146 
HIS CE1 HE1  sing N N 147 
HIS NE2 HE2  sing N N 148 
HIS OXT HXT  sing N N 149 
HOH O   H1   sing N N 150 
HOH O   H2   sing N N 151 
ILE N   CA   sing N N 152 
ILE N   H    sing N N 153 
ILE N   H2   sing N N 154 
ILE CA  C    sing N N 155 
ILE CA  CB   sing N N 156 
ILE CA  HA   sing N N 157 
ILE C   O    doub N N 158 
ILE C   OXT  sing N N 159 
ILE CB  CG1  sing N N 160 
ILE CB  CG2  sing N N 161 
ILE CB  HB   sing N N 162 
ILE CG1 CD1  sing N N 163 
ILE CG1 HG12 sing N N 164 
ILE CG1 HG13 sing N N 165 
ILE CG2 HG21 sing N N 166 
ILE CG2 HG22 sing N N 167 
ILE CG2 HG23 sing N N 168 
ILE CD1 HD11 sing N N 169 
ILE CD1 HD12 sing N N 170 
ILE CD1 HD13 sing N N 171 
ILE OXT HXT  sing N N 172 
LEU N   CA   sing N N 173 
LEU N   H    sing N N 174 
LEU N   H2   sing N N 175 
LEU CA  C    sing N N 176 
LEU CA  CB   sing N N 177 
LEU CA  HA   sing N N 178 
LEU C   O    doub N N 179 
LEU C   OXT  sing N N 180 
LEU CB  CG   sing N N 181 
LEU CB  HB2  sing N N 182 
LEU CB  HB3  sing N N 183 
LEU CG  CD1  sing N N 184 
LEU CG  CD2  sing N N 185 
LEU CG  HG   sing N N 186 
LEU CD1 HD11 sing N N 187 
LEU CD1 HD12 sing N N 188 
LEU CD1 HD13 sing N N 189 
LEU CD2 HD21 sing N N 190 
LEU CD2 HD22 sing N N 191 
LEU CD2 HD23 sing N N 192 
LEU OXT HXT  sing N N 193 
LYS N   CA   sing N N 194 
LYS N   H    sing N N 195 
LYS N   H2   sing N N 196 
LYS CA  C    sing N N 197 
LYS CA  CB   sing N N 198 
LYS CA  HA   sing N N 199 
LYS C   O    doub N N 200 
LYS C   OXT  sing N N 201 
LYS CB  CG   sing N N 202 
LYS CB  HB2  sing N N 203 
LYS CB  HB3  sing N N 204 
LYS CG  CD   sing N N 205 
LYS CG  HG2  sing N N 206 
LYS CG  HG3  sing N N 207 
LYS CD  CE   sing N N 208 
LYS CD  HD2  sing N N 209 
LYS CD  HD3  sing N N 210 
LYS CE  NZ   sing N N 211 
LYS CE  HE2  sing N N 212 
LYS CE  HE3  sing N N 213 
LYS NZ  HZ1  sing N N 214 
LYS NZ  HZ2  sing N N 215 
LYS NZ  HZ3  sing N N 216 
LYS OXT HXT  sing N N 217 
MET N   CA   sing N N 218 
MET N   H    sing N N 219 
MET N   H2   sing N N 220 
MET CA  C    sing N N 221 
MET CA  CB   sing N N 222 
MET CA  HA   sing N N 223 
MET C   O    doub N N 224 
MET C   OXT  sing N N 225 
MET CB  CG   sing N N 226 
MET CB  HB2  sing N N 227 
MET CB  HB3  sing N N 228 
MET CG  SD   sing N N 229 
MET CG  HG2  sing N N 230 
MET CG  HG3  sing N N 231 
MET SD  CE   sing N N 232 
MET CE  HE1  sing N N 233 
MET CE  HE2  sing N N 234 
MET CE  HE3  sing N N 235 
MET OXT HXT  sing N N 236 
PHE N   CA   sing N N 237 
PHE N   H    sing N N 238 
PHE N   H2   sing N N 239 
PHE CA  C    sing N N 240 
PHE CA  CB   sing N N 241 
PHE CA  HA   sing N N 242 
PHE C   O    doub N N 243 
PHE C   OXT  sing N N 244 
PHE CB  CG   sing N N 245 
PHE CB  HB2  sing N N 246 
PHE CB  HB3  sing N N 247 
PHE CG  CD1  doub Y N 248 
PHE CG  CD2  sing Y N 249 
PHE CD1 CE1  sing Y N 250 
PHE CD1 HD1  sing N N 251 
PHE CD2 CE2  doub Y N 252 
PHE CD2 HD2  sing N N 253 
PHE CE1 CZ   doub Y N 254 
PHE CE1 HE1  sing N N 255 
PHE CE2 CZ   sing Y N 256 
PHE CE2 HE2  sing N N 257 
PHE CZ  HZ   sing N N 258 
PHE OXT HXT  sing N N 259 
PRO N   CA   sing N N 260 
PRO N   CD   sing N N 261 
PRO N   H    sing N N 262 
PRO CA  C    sing N N 263 
PRO CA  CB   sing N N 264 
PRO CA  HA   sing N N 265 
PRO C   O    doub N N 266 
PRO C   OXT  sing N N 267 
PRO CB  CG   sing N N 268 
PRO CB  HB2  sing N N 269 
PRO CB  HB3  sing N N 270 
PRO CG  CD   sing N N 271 
PRO CG  HG2  sing N N 272 
PRO CG  HG3  sing N N 273 
PRO CD  HD2  sing N N 274 
PRO CD  HD3  sing N N 275 
PRO OXT HXT  sing N N 276 
SER N   CA   sing N N 277 
SER N   H    sing N N 278 
SER N   H2   sing N N 279 
SER CA  C    sing N N 280 
SER CA  CB   sing N N 281 
SER CA  HA   sing N N 282 
SER C   O    doub N N 283 
SER C   OXT  sing N N 284 
SER CB  OG   sing N N 285 
SER CB  HB2  sing N N 286 
SER CB  HB3  sing N N 287 
SER OG  HG   sing N N 288 
SER OXT HXT  sing N N 289 
THR N   CA   sing N N 290 
THR N   H    sing N N 291 
THR N   H2   sing N N 292 
THR CA  C    sing N N 293 
THR CA  CB   sing N N 294 
THR CA  HA   sing N N 295 
THR C   O    doub N N 296 
THR C   OXT  sing N N 297 
THR CB  OG1  sing N N 298 
THR CB  CG2  sing N N 299 
THR CB  HB   sing N N 300 
THR OG1 HG1  sing N N 301 
THR CG2 HG21 sing N N 302 
THR CG2 HG22 sing N N 303 
THR CG2 HG23 sing N N 304 
THR OXT HXT  sing N N 305 
TRP N   CA   sing N N 306 
TRP N   H    sing N N 307 
TRP N   H2   sing N N 308 
TRP CA  C    sing N N 309 
TRP CA  CB   sing N N 310 
TRP CA  HA   sing N N 311 
TRP C   O    doub N N 312 
TRP C   OXT  sing N N 313 
TRP CB  CG   sing N N 314 
TRP CB  HB2  sing N N 315 
TRP CB  HB3  sing N N 316 
TRP CG  CD1  doub Y N 317 
TRP CG  CD2  sing Y N 318 
TRP CD1 NE1  sing Y N 319 
TRP CD1 HD1  sing N N 320 
TRP CD2 CE2  doub Y N 321 
TRP CD2 CE3  sing Y N 322 
TRP NE1 CE2  sing Y N 323 
TRP NE1 HE1  sing N N 324 
TRP CE2 CZ2  sing Y N 325 
TRP CE3 CZ3  doub Y N 326 
TRP CE3 HE3  sing N N 327 
TRP CZ2 CH2  doub Y N 328 
TRP CZ2 HZ2  sing N N 329 
TRP CZ3 CH2  sing Y N 330 
TRP CZ3 HZ3  sing N N 331 
TRP CH2 HH2  sing N N 332 
TRP OXT HXT  sing N N 333 
TYR N   CA   sing N N 334 
TYR N   H    sing N N 335 
TYR N   H2   sing N N 336 
TYR CA  C    sing N N 337 
TYR CA  CB   sing N N 338 
TYR CA  HA   sing N N 339 
TYR C   O    doub N N 340 
TYR C   OXT  sing N N 341 
TYR CB  CG   sing N N 342 
TYR CB  HB2  sing N N 343 
TYR CB  HB3  sing N N 344 
TYR CG  CD1  doub Y N 345 
TYR CG  CD2  sing Y N 346 
TYR CD1 CE1  sing Y N 347 
TYR CD1 HD1  sing N N 348 
TYR CD2 CE2  doub Y N 349 
TYR CD2 HD2  sing N N 350 
TYR CE1 CZ   doub Y N 351 
TYR CE1 HE1  sing N N 352 
TYR CE2 CZ   sing Y N 353 
TYR CE2 HE2  sing N N 354 
TYR CZ  OH   sing N N 355 
TYR OH  HH   sing N N 356 
TYR OXT HXT  sing N N 357 
VAL N   CA   sing N N 358 
VAL N   H    sing N N 359 
VAL N   H2   sing N N 360 
VAL CA  C    sing N N 361 
VAL CA  CB   sing N N 362 
VAL CA  HA   sing N N 363 
VAL C   O    doub N N 364 
VAL C   OXT  sing N N 365 
VAL CB  CG1  sing N N 366 
VAL CB  CG2  sing N N 367 
VAL CB  HB   sing N N 368 
VAL CG1 HG11 sing N N 369 
VAL CG1 HG12 sing N N 370 
VAL CG1 HG13 sing N N 371 
VAL CG2 HG21 sing N N 372 
VAL CG2 HG22 sing N N 373 
VAL CG2 HG23 sing N N 374 
VAL OXT HXT  sing N N 375 
# 
_atom_sites.entry_id                    3UAF 
_atom_sites.fract_transf_matrix[1][1]   0.00604850 
_atom_sites.fract_transf_matrix[1][2]   -0.01282708 
_atom_sites.fract_transf_matrix[1][3]   -0.00443008 
_atom_sites.fract_transf_matrix[2][1]   -0.02352817 
_atom_sites.fract_transf_matrix[2][2]   -0.01491222 
_atom_sites.fract_transf_matrix[2][3]   0.01105403 
_atom_sites.fract_transf_matrix[3][1]   -0.00697575 
_atom_sites.fract_transf_matrix[3][2]   -0.00359770 
_atom_sites.fract_transf_matrix[3][3]   -0.01970107 
_atom_sites.fract_transf_vector[1]      0.336606 
_atom_sites.fract_transf_vector[2]      0.210053 
_atom_sites.fract_transf_vector[3]      0.385796 
# 
loop_
_atom_type.symbol 
C 
N 
O 
S 
# 
loop_
_atom_site.group_PDB 
_atom_site.id 
_atom_site.type_symbol 
_atom_site.label_atom_id 
_atom_site.label_alt_id 
_atom_site.label_comp_id 
_atom_site.label_asym_id 
_atom_site.label_entity_id 
_atom_site.label_seq_id 
_atom_site.pdbx_PDB_ins_code 
_atom_site.Cartn_x 
_atom_site.Cartn_y 
_atom_site.Cartn_z 
_atom_site.occupancy 
_atom_site.B_iso_or_equiv 
_atom_site.pdbx_formal_charge 
_atom_site.auth_seq_id 
_atom_site.auth_comp_id 
_atom_site.auth_asym_id 
_atom_site.auth_atom_id 
_atom_site.pdbx_PDB_model_num 
ATOM   1    N N   . LYS A 1 1   ? -10.782 -5.359  -20.776 1.00 41.69 ? 21  LYS A N   1 
ATOM   2    C CA  . LYS A 1 1   ? -9.777  -4.325  -20.537 1.00 39.89 ? 21  LYS A CA  1 
ATOM   3    C C   . LYS A 1 1   ? -9.193  -4.429  -19.127 1.00 36.70 ? 21  LYS A C   1 
ATOM   4    O O   . LYS A 1 1   ? -9.921  -4.373  -18.127 1.00 33.10 ? 21  LYS A O   1 
ATOM   5    C CB  . LYS A 1 1   ? -10.374 -2.932  -20.758 1.00 46.49 ? 21  LYS A CB  1 
ATOM   6    C CG  . LYS A 1 1   ? -9.364  -1.798  -20.668 1.00 45.86 ? 21  LYS A CG  1 
ATOM   7    C CD  . LYS A 1 1   ? -10.014 -0.461  -20.966 1.00 45.07 ? 21  LYS A CD  1 
ATOM   8    C CE  . LYS A 1 1   ? -9.028  0.678   -20.778 1.00 53.33 ? 21  LYS A CE  1 
ATOM   9    N NZ  . LYS A 1 1   ? -9.663  2.003   -21.013 1.00 69.79 ? 21  LYS A NZ  1 
ATOM   10   N N   . THR A 1 2   ? -7.875  -4.591  -19.046 1.00 32.79 ? 22  THR A N   1 
ATOM   11   C CA  . THR A 1 2   ? -7.219  -4.657  -17.752 1.00 31.90 ? 22  THR A CA  1 
ATOM   12   C C   . THR A 1 2   ? -6.175  -3.563  -17.627 1.00 29.89 ? 22  THR A C   1 
ATOM   13   O O   . THR A 1 2   ? -5.392  -3.329  -18.544 1.00 33.37 ? 22  THR A O   1 
ATOM   14   C CB  . THR A 1 2   ? -6.589  -6.042  -17.481 1.00 33.10 ? 22  THR A CB  1 
ATOM   15   O OG1 . THR A 1 2   ? -5.162  -5.944  -17.492 1.00 31.62 ? 22  THR A OG1 1 
ATOM   16   C CG2 . THR A 1 2   ? -7.046  -7.046  -18.508 1.00 31.89 ? 22  THR A CG2 1 
ATOM   17   N N   . SER A 1 3   ? -6.190  -2.865  -16.500 1.00 25.43 ? 23  SER A N   1 
ATOM   18   C CA  . SER A 1 3   ? -5.174  -1.858  -16.246 1.00 23.67 ? 23  SER A CA  1 
ATOM   19   C C   . SER A 1 3   ? -4.272  -2.256  -15.078 1.00 20.87 ? 23  SER A C   1 
ATOM   20   O O   . SER A 1 3   ? -4.703  -2.888  -14.111 1.00 18.80 ? 23  SER A O   1 
ATOM   21   C CB  . SER A 1 3   ? -5.796  -0.480  -16.049 1.00 25.66 ? 23  SER A CB  1 
ATOM   22   O OG  . SER A 1 3   ? -6.900  -0.545  -15.180 1.00 26.15 ? 23  SER A OG  1 
ATOM   23   N N   . CYS A 1 4   ? -3.009  -1.889  -15.191 1.00 17.20 ? 24  CYS A N   1 
ATOM   24   C CA  . CYS A 1 4   ? -2.004  -2.346  -14.260 1.00 16.70 ? 24  CYS A CA  1 
ATOM   25   C C   . CYS A 1 4   ? -1.365  -1.158  -13.573 1.00 22.06 ? 24  CYS A C   1 
ATOM   26   O O   . CYS A 1 4   ? -1.315  -0.063  -14.127 1.00 19.91 ? 24  CYS A O   1 
ATOM   27   C CB  . CYS A 1 4   ? -0.966  -3.160  -15.027 1.00 14.96 ? 24  CYS A CB  1 
ATOM   28   S SG  . CYS A 1 4   ? -1.729  -4.497  -15.960 1.00 17.82 ? 24  CYS A SG  1 
ATOM   29   N N   . LEU A 1 5   ? -0.880  -1.382  -12.361 1.00 19.14 ? 25  LEU A N   1 
ATOM   30   C CA  . LEU A 1 5   ? -0.318  -0.306  -11.566 1.00 19.81 ? 25  LEU A CA  1 
ATOM   31   C C   . LEU A 1 5   ? 0.966   -0.758  -10.888 1.00 22.09 ? 25  LEU A C   1 
ATOM   32   O O   . LEU A 1 5   ? 1.069   -1.899  -10.421 1.00 16.71 ? 25  LEU A O   1 
ATOM   33   C CB  . LEU A 1 5   ? -1.327  0.137   -10.509 1.00 19.58 ? 25  LEU A CB  1 
ATOM   34   C CG  . LEU A 1 5   ? -0.970  1.440   -9.799  1.00 23.15 ? 25  LEU A CG  1 
ATOM   35   C CD1 . LEU A 1 5   ? -2.220  2.236   -9.513  1.00 26.91 ? 25  LEU A CD1 1 
ATOM   36   C CD2 . LEU A 1 5   ? -0.180  1.170   -8.524  1.00 17.88 ? 25  LEU A CD2 1 
ATOM   37   N N   . MET A 1 6   ? 1.947   0.135   -10.839 1.00 21.03 ? 26  MET A N   1 
ATOM   38   C CA  . MET A 1 6   ? 3.128   -0.109  -10.032 1.00 19.98 ? 26  MET A CA  1 
ATOM   39   C C   . MET A 1 6   ? 3.333   0.992   -8.997  1.00 22.07 ? 26  MET A C   1 
ATOM   40   O O   . MET A 1 6   ? 3.338   2.184   -9.329  1.00 20.19 ? 26  MET A O   1 
ATOM   41   C CB  . MET A 1 6   ? 4.372   -0.255  -10.897 1.00 19.47 ? 26  MET A CB  1 
ATOM   42   C CG  . MET A 1 6   ? 5.619   -0.517  -10.070 1.00 22.60 ? 26  MET A CG  1 
ATOM   43   S SD  . MET A 1 6   ? 7.071   -0.510  -11.112 1.00 36.15 ? 26  MET A SD  1 
ATOM   44   C CE  . MET A 1 6   ? 8.366   -0.540  -9.894  1.00 28.97 ? 26  MET A CE  1 
ATOM   45   N N   . ALA A 1 7   ? 3.490   0.581   -7.741  1.00 16.96 ? 27  ALA A N   1 
ATOM   46   C CA  . ALA A 1 7   ? 3.785   1.507   -6.656  1.00 15.64 ? 27  ALA A CA  1 
ATOM   47   C C   . ALA A 1 7   ? 5.145   1.161   -6.065  1.00 15.22 ? 27  ALA A C   1 
ATOM   48   O O   . ALA A 1 7   ? 5.444   -0.007  -5.838  1.00 14.11 ? 27  ALA A O   1 
ATOM   49   C CB  . ALA A 1 7   ? 2.710   1.418   -5.586  1.00 15.36 ? 27  ALA A CB  1 
ATOM   50   N N   . THR A 1 8   ? 5.966   2.177   -5.816  1.00 14.85 ? 28  THR A N   1 
ATOM   51   C CA  . THR A 1 8   ? 7.266   1.976   -5.196  1.00 14.66 ? 28  THR A CA  1 
ATOM   52   C C   . THR A 1 8   ? 7.434   2.962   -4.044  1.00 13.67 ? 28  THR A C   1 
ATOM   53   O O   . THR A 1 8   ? 6.723   3.961   -3.963  1.00 13.05 ? 28  THR A O   1 
ATOM   54   C CB  . THR A 1 8   ? 8.397   2.242   -6.171  1.00 15.43 ? 28  THR A CB  1 
ATOM   55   O OG1 . THR A 1 8   ? 8.514   3.654   -6.356  1.00 20.64 ? 28  THR A OG1 1 
ATOM   56   C CG2 . THR A 1 8   ? 8.101   1.614   -7.493  1.00 19.24 ? 28  THR A CG2 1 
ATOM   57   N N   . GLY A 1 9   ? 8.375   2.671   -3.152  1.00 12.57 ? 29  GLY A N   1 
ATOM   58   C CA  . GLY A 1 9   ? 8.657   3.552   -2.033  1.00 15.15 ? 29  GLY A CA  1 
ATOM   59   C C   . GLY A 1 9   ? 9.733   2.987   -1.133  1.00 13.71 ? 29  GLY A C   1 
ATOM   60   O O   . GLY A 1 9   ? 10.303  1.936   -1.424  1.00 13.92 ? 29  GLY A O   1 
ATOM   61   N N   . VAL A 1 10  ? 10.001  3.699   -0.040  1.00 12.87 ? 30  VAL A N   1 
ATOM   62   C CA  . VAL A 1 10  ? 10.946  3.271   0.981   1.00 10.30 ? 30  VAL A CA  1 
ATOM   63   C C   . VAL A 1 10  ? 10.282  3.468   2.340   1.00 11.91 ? 30  VAL A C   1 
ATOM   64   O O   . VAL A 1 10  ? 9.981   4.596   2.727   1.00 10.63 ? 30  VAL A O   1 
ATOM   65   C CB  . VAL A 1 10  ? 12.243  4.103   0.939   1.00 15.62 ? 30  VAL A CB  1 
ATOM   66   C CG1 . VAL A 1 10  ? 13.262  3.558   1.936   1.00 16.12 ? 30  VAL A CG1 1 
ATOM   67   C CG2 . VAL A 1 10  ? 12.825  4.104   -0.461  1.00 15.58 ? 30  VAL A CG2 1 
ATOM   68   N N   . LEU A 1 11  ? 10.038  2.367   3.045   1.00 10.56 ? 31  LEU A N   1 
ATOM   69   C CA  . LEU A 1 11  ? 9.431   2.414   4.371   1.00 11.27 ? 31  LEU A CA  1 
ATOM   70   C C   . LEU A 1 11  ? 10.397  3.029   5.369   1.00 12.28 ? 31  LEU A C   1 
ATOM   71   O O   . LEU A 1 11  ? 11.594  2.730   5.341   1.00 12.41 ? 31  LEU A O   1 
ATOM   72   C CB  . LEU A 1 11  ? 9.050   1.011   4.834   1.00 8.23  ? 31  LEU A CB  1 
ATOM   73   C CG  . LEU A 1 11  ? 8.095   0.232   3.938   1.00 12.07 ? 31  LEU A CG  1 
ATOM   74   C CD1 . LEU A 1 11  ? 7.894   -1.174  4.489   1.00 11.52 ? 31  LEU A CD1 1 
ATOM   75   C CD2 . LEU A 1 11  ? 6.756   0.945   3.843   1.00 12.43 ? 31  LEU A CD2 1 
ATOM   76   N N   . LYS A 1 12  ? 9.879   3.890   6.242   1.00 10.95 ? 32  LYS A N   1 
ATOM   77   C CA  . LYS A 1 12  ? 10.663  4.466   7.340   1.00 11.49 ? 32  LYS A CA  1 
ATOM   78   C C   . LYS A 1 12  ? 9.948   4.168   8.661   1.00 15.07 ? 32  LYS A C   1 
ATOM   79   O O   . LYS A 1 12  ? 8.717   4.244   8.739   1.00 10.96 ? 32  LYS A O   1 
ATOM   80   C CB  . LYS A 1 12  ? 10.827  5.986   7.189   1.00 12.22 ? 32  LYS A CB  1 
ATOM   81   C CG  . LYS A 1 12  ? 11.585  6.458   5.937   1.00 14.26 ? 32  LYS A CG  1 
ATOM   82   C CD  . LYS A 1 12  ? 13.064  6.105   6.029   1.00 17.96 ? 32  LYS A CD  1 
ATOM   83   C CE  . LYS A 1 12  ? 13.791  6.459   4.755   1.00 21.32 ? 32  LYS A CE  1 
ATOM   84   N NZ  . LYS A 1 12  ? 15.080  5.722   4.650   1.00 21.35 ? 32  LYS A NZ  1 
ATOM   85   N N   . CYS A 1 13  ? 10.720  3.817   9.686   1.00 11.03 ? 33  CYS A N   1 
ATOM   86   C CA  . CYS A 1 13  ? 10.194  3.657   11.026  1.00 10.20 ? 33  CYS A CA  1 
ATOM   87   C C   . CYS A 1 13  ? 11.212  4.233   12.001  1.00 14.13 ? 33  CYS A C   1 
ATOM   88   O O   . CYS A 1 13  ? 12.049  3.507   12.528  1.00 12.76 ? 33  CYS A O   1 
ATOM   89   C CB  . CYS A 1 13  ? 9.934   2.195   11.340  1.00 12.11 ? 33  CYS A CB  1 
ATOM   90   S SG  . CYS A 1 13  ? 9.369   1.915   13.054  1.00 13.28 ? 33  CYS A SG  1 
ATOM   91   N N   . PRO A 1 14  ? 11.159  5.557   12.201  1.00 13.61 ? 34  PRO A N   1 
ATOM   92   C CA  . PRO A 1 14  ? 12.050  6.315   13.087  1.00 10.96 ? 34  PRO A CA  1 
ATOM   93   C C   . PRO A 1 14  ? 12.075  5.759   14.506  1.00 18.70 ? 34  PRO A C   1 
ATOM   94   O O   . PRO A 1 14  ? 13.133  5.811   15.145  1.00 19.71 ? 34  PRO A O   1 
ATOM   95   C CB  . PRO A 1 14  ? 11.437  7.714   13.077  1.00 15.55 ? 34  PRO A CB  1 
ATOM   96   C CG  . PRO A 1 14  ? 10.817  7.826   11.697  1.00 14.64 ? 34  PRO A CG  1 
ATOM   97   C CD  . PRO A 1 14  ? 10.271  6.437   11.419  1.00 12.01 ? 34  PRO A CD  1 
ATOM   98   N N   . THR A 1 15  ? 10.944  5.230   14.977  1.00 14.81 ? 35  THR A N   1 
ATOM   99   C CA  . THR A 1 15  ? 10.823  4.689   16.333  1.00 14.85 ? 35  THR A CA  1 
ATOM   100  C C   . THR A 1 15  ? 11.445  3.323   16.484  1.00 18.04 ? 35  THR A C   1 
ATOM   101  O O   . THR A 1 15  ? 11.745  2.891   17.593  1.00 19.77 ? 35  THR A O   1 
ATOM   102  C CB  . THR A 1 15  ? 9.356   4.581   16.759  1.00 17.87 ? 35  THR A CB  1 
ATOM   103  O OG1 . THR A 1 15  ? 8.621   3.839   15.770  1.00 18.03 ? 35  THR A OG1 1 
ATOM   104  C CG2 . THR A 1 15  ? 8.757   5.954   16.883  1.00 14.55 ? 35  THR A CG2 1 
ATOM   105  N N   . ASP A 1 16  ? 11.619  2.625   15.370  1.00 16.20 ? 36  ASP A N   1 
ATOM   106  C CA  . ASP A 1 16  ? 12.297  1.335   15.387  1.00 17.20 ? 36  ASP A CA  1 
ATOM   107  C C   . ASP A 1 16  ? 12.753  0.989   13.982  1.00 18.54 ? 36  ASP A C   1 
ATOM   108  O O   . ASP A 1 16  ? 12.030  0.324   13.231  1.00 17.43 ? 36  ASP A O   1 
ATOM   109  C CB  . ASP A 1 16  ? 11.378  0.237   15.927  1.00 17.03 ? 36  ASP A CB  1 
ATOM   110  C CG  . ASP A 1 16  ? 12.049  -1.128  15.937  1.00 20.24 ? 36  ASP A CG  1 
ATOM   111  O OD1 . ASP A 1 16  ? 13.237  -1.220  15.573  1.00 22.32 ? 36  ASP A OD1 1 
ATOM   112  O OD2 . ASP A 1 16  ? 11.392  -2.117  16.312  1.00 24.77 ? 36  ASP A OD2 1 
ATOM   113  N N   . PRO A 1 17  ? 13.958  1.443   13.617  1.00 18.13 ? 37  PRO A N   1 
ATOM   114  C CA  . PRO A 1 17  ? 14.421  1.269   12.242  1.00 15.32 ? 37  PRO A CA  1 
ATOM   115  C C   . PRO A 1 17  ? 14.468  -0.194  11.783  1.00 17.18 ? 37  PRO A C   1 
ATOM   116  O O   . PRO A 1 17  ? 14.429  -0.397  10.582  1.00 16.88 ? 37  PRO A O   1 
ATOM   117  C CB  . PRO A 1 17  ? 15.807  1.905   12.265  1.00 19.80 ? 37  PRO A CB  1 
ATOM   118  C CG  . PRO A 1 17  ? 15.682  2.970   13.340  1.00 19.77 ? 37  PRO A CG  1 
ATOM   119  C CD  . PRO A 1 17  ? 14.878  2.278   14.404  1.00 19.54 ? 37  PRO A CD  1 
ATOM   120  N N   . GLU A 1 18  ? 14.524  -1.181  12.679  1.00 17.62 ? 38  GLU A N   1 
ATOM   121  C CA  . GLU A 1 18  ? 14.433  -2.578  12.228  1.00 21.86 ? 38  GLU A CA  1 
ATOM   122  C C   . GLU A 1 18  ? 13.082  -2.869  11.567  1.00 17.50 ? 38  GLU A C   1 
ATOM   123  O O   . GLU A 1 18  ? 12.969  -3.758  10.717  1.00 15.97 ? 38  GLU A O   1 
ATOM   124  C CB  . GLU A 1 18  ? 14.652  -3.588  13.364  1.00 21.30 ? 38  GLU A CB  1 
ATOM   125  C CG  . GLU A 1 18  ? 16.086  -3.688  13.862  1.00 32.55 ? 38  GLU A CG  1 
ATOM   126  C CD  . GLU A 1 18  ? 17.068  -3.985  12.750  1.00 32.22 ? 38  GLU A CD  1 
ATOM   127  O OE1 . GLU A 1 18  ? 16.971  -5.081  12.149  1.00 33.98 ? 38  GLU A OE1 1 
ATOM   128  O OE2 . GLU A 1 18  ? 17.928  -3.118  12.478  1.00 33.67 ? 38  GLU A OE2 1 
ATOM   129  N N   . ALA A 1 19  ? 12.054  -2.129  11.962  1.00 14.48 ? 39  ALA A N   1 
ATOM   130  C CA  . ALA A 1 19  ? 10.711  -2.436  11.489  1.00 14.01 ? 39  ALA A CA  1 
ATOM   131  C C   . ALA A 1 19  ? 10.443  -2.024  10.039  1.00 16.64 ? 39  ALA A C   1 
ATOM   132  O O   . ALA A 1 19  ? 9.330   -2.214  9.550   1.00 16.31 ? 39  ALA A O   1 
ATOM   133  C CB  . ALA A 1 19  ? 9.656   -1.840  12.426  1.00 12.79 ? 39  ALA A CB  1 
ATOM   134  N N   . VAL A 1 20  ? 11.439  -1.479  9.341   1.00 12.87 ? 40  VAL A N   1 
ATOM   135  C CA  . VAL A 1 20  ? 11.262  -1.244  7.909   1.00 14.30 ? 40  VAL A CA  1 
ATOM   136  C C   . VAL A 1 20  ? 11.532  -2.501  7.056   1.00 14.95 ? 40  VAL A C   1 
ATOM   137  O O   . VAL A 1 20  ? 11.210  -2.534  5.871   1.00 11.56 ? 40  VAL A O   1 
ATOM   138  C CB  . VAL A 1 20  ? 12.115  -0.075  7.406   1.00 13.91 ? 40  VAL A CB  1 
ATOM   139  C CG1 . VAL A 1 20  ? 11.948  1.112   8.319   1.00 11.92 ? 40  VAL A CG1 1 
ATOM   140  C CG2 . VAL A 1 20  ? 13.581  -0.495  7.312   1.00 14.90 ? 40  VAL A CG2 1 
ATOM   141  N N   . LYS A 1 21  ? 12.107  -3.528  7.674   1.00 12.95 ? 41  LYS A N   1 
ATOM   142  C CA  . LYS A 1 21  ? 12.576  -4.697  6.938   1.00 14.73 ? 41  LYS A CA  1 
ATOM   143  C C   . LYS A 1 21  ? 11.559  -5.827  6.943   1.00 15.54 ? 41  LYS A C   1 
ATOM   144  O O   . LYS A 1 21  ? 10.909  -6.081  7.956   1.00 12.98 ? 41  LYS A O   1 
ATOM   145  C CB  . LYS A 1 21  ? 13.890  -5.207  7.543   1.00 18.01 ? 41  LYS A CB  1 
ATOM   146  C CG  . LYS A 1 21  ? 14.990  -4.154  7.707   1.00 16.08 ? 41  LYS A CG  1 
ATOM   147  C CD  . LYS A 1 21  ? 16.174  -4.763  8.456   1.00 21.38 ? 41  LYS A CD  1 
ATOM   148  C CE  . LYS A 1 21  ? 17.184  -3.715  8.894   1.00 28.32 ? 41  LYS A CE  1 
ATOM   149  N NZ  . LYS A 1 21  ? 18.306  -4.327  9.681   1.00 33.22 ? 41  LYS A NZ  1 
ATOM   150  N N   . LYS A 1 22  ? 11.418  -6.507  5.812   1.00 12.51 ? 42  LYS A N   1 
ATOM   151  C CA  . LYS A 1 22  ? 10.533  -7.663  5.749   1.00 13.70 ? 42  LYS A CA  1 
ATOM   152  C C   . LYS A 1 22  ? 9.102   -7.292  6.130   1.00 14.34 ? 42  LYS A C   1 
ATOM   153  O O   . LYS A 1 22  ? 8.486   -7.963  6.939   1.00 12.96 ? 42  LYS A O   1 
ATOM   154  C CB  . LYS A 1 22  ? 11.054  -8.765  6.675   1.00 14.85 ? 42  LYS A CB  1 
ATOM   155  C CG  . LYS A 1 22  ? 12.428  -9.298  6.274   1.00 16.32 ? 42  LYS A CG  1 
ATOM   156  C CD  . LYS A 1 22  ? 12.799  -10.525 7.095   1.00 20.45 ? 42  LYS A CD  1 
ATOM   157  C CE  . LYS A 1 22  ? 14.181  -11.036 6.711   1.00 29.09 ? 42  LYS A CE  1 
ATOM   158  N NZ  . LYS A 1 22  ? 15.227  -10.049 7.092   1.00 35.02 ? 42  LYS A NZ  1 
ATOM   159  N N   . VAL A 1 23  ? 8.591   -6.214  5.538   1.00 14.60 ? 43  VAL A N   1 
ATOM   160  C CA  . VAL A 1 23  ? 7.243   -5.715  5.803   1.00 14.00 ? 43  VAL A CA  1 
ATOM   161  C C   . VAL A 1 23  ? 6.306   -6.139  4.665   1.00 13.02 ? 43  VAL A C   1 
ATOM   162  O O   . VAL A 1 23  ? 6.586   -5.921  3.495   1.00 11.07 ? 43  VAL A O   1 
ATOM   163  C CB  . VAL A 1 23  ? 7.252   -4.166  5.982   1.00 12.06 ? 43  VAL A CB  1 
ATOM   164  C CG1 . VAL A 1 23  ? 5.843   -3.602  6.121   1.00 11.59 ? 43  VAL A CG1 1 
ATOM   165  C CG2 . VAL A 1 23  ? 8.080   -3.788  7.202   1.00 10.82 ? 43  VAL A CG2 1 
ATOM   166  N N   . HIS A 1 24  ? 5.200   -6.769  5.029   1.00 10.13 ? 44  HIS A N   1 
ATOM   167  C CA  . HIS A 1 24  ? 4.266   -7.338  4.075   1.00 12.03 ? 44  HIS A CA  1 
ATOM   168  C C   . HIS A 1 24  ? 3.409   -6.206  3.496   1.00 12.99 ? 44  HIS A C   1 
ATOM   169  O O   . HIS A 1 24  ? 2.725   -5.513  4.240   1.00 12.08 ? 44  HIS A O   1 
ATOM   170  C CB  . HIS A 1 24  ? 3.426   -8.381  4.827   1.00 14.70 ? 44  HIS A CB  1 
ATOM   171  C CG  . HIS A 1 24  ? 2.241   -8.897  4.076   1.00 16.29 ? 44  HIS A CG  1 
ATOM   172  N ND1 . HIS A 1 24  ? 1.395   -9.849  4.611   1.00 17.64 ? 44  HIS A ND1 1 
ATOM   173  C CD2 . HIS A 1 24  ? 1.761   -8.624  2.842   1.00 17.81 ? 44  HIS A CD2 1 
ATOM   174  C CE1 . HIS A 1 24  ? 0.436   -10.122 3.743   1.00 19.44 ? 44  HIS A CE1 1 
ATOM   175  N NE2 . HIS A 1 24  ? 0.638   -9.391  2.658   1.00 17.77 ? 44  HIS A NE2 1 
ATOM   176  N N   . ILE A 1 25  ? 3.465   -6.014  2.177   1.00 12.17 ? 45  ILE A N   1 
ATOM   177  C CA  . ILE A 1 25  ? 2.694   -4.958  1.501   1.00 11.91 ? 45  ILE A CA  1 
ATOM   178  C C   . ILE A 1 25  ? 1.793   -5.525  0.408   1.00 14.48 ? 45  ILE A C   1 
ATOM   179  O O   . ILE A 1 25  ? 2.287   -6.158  -0.516  1.00 11.78 ? 45  ILE A O   1 
ATOM   180  C CB  . ILE A 1 25  ? 3.614   -3.937  0.832   1.00 11.78 ? 45  ILE A CB  1 
ATOM   181  C CG1 . ILE A 1 25  ? 4.536   -3.272  1.863   1.00 14.90 ? 45  ILE A CG1 1 
ATOM   182  C CG2 . ILE A 1 25  ? 2.792   -2.893  0.075   1.00 10.63 ? 45  ILE A CG2 1 
ATOM   183  C CD1 . ILE A 1 25  ? 5.730   -2.583  1.237   1.00 12.80 ? 45  ILE A CD1 1 
ATOM   184  N N   . ASP A 1 26  ? 0.484   -5.301  0.522   1.00 11.23 ? 46  ASP A N   1 
ATOM   185  C CA  . ASP A 1 26  ? -0.476  -5.721  -0.506  1.00 11.96 ? 46  ASP A CA  1 
ATOM   186  C C   . ASP A 1 26  ? -1.061  -4.552  -1.288  1.00 13.42 ? 46  ASP A C   1 
ATOM   187  O O   . ASP A 1 26  ? -1.511  -3.553  -0.702  1.00 11.81 ? 46  ASP A O   1 
ATOM   188  C CB  . ASP A 1 26  ? -1.671  -6.444  0.103   1.00 10.98 ? 46  ASP A CB  1 
ATOM   189  C CG  . ASP A 1 26  ? -1.325  -7.820  0.622   1.00 11.66 ? 46  ASP A CG  1 
ATOM   190  O OD1 . ASP A 1 26  ? -0.250  -8.359  0.278   1.00 11.92 ? 46  ASP A OD1 1 
ATOM   191  O OD2 . ASP A 1 26  ? -2.152  -8.354  1.374   1.00 12.16 ? 46  ASP A OD2 1 
ATOM   192  N N   . LEU A 1 27  ? -1.107  -4.725  -2.605  1.00 12.43 ? 47  LEU A N   1 
ATOM   193  C CA  . LEU A 1 27  ? -1.794  -3.819  -3.521  1.00 10.07 ? 47  LEU A CA  1 
ATOM   194  C C   . LEU A 1 27  ? -3.137  -4.466  -3.837  1.00 13.86 ? 47  LEU A C   1 
ATOM   195  O O   . LEU A 1 27  ? -3.191  -5.532  -4.451  1.00 10.05 ? 47  LEU A O   1 
ATOM   196  C CB  . LEU A 1 27  ? -0.973  -3.641  -4.806  1.00 10.62 ? 47  LEU A CB  1 
ATOM   197  C CG  . LEU A 1 27  ? -1.534  -2.784  -5.958  1.00 12.32 ? 47  LEU A CG  1 
ATOM   198  C CD1 . LEU A 1 27  ? -1.737  -1.343  -5.538  1.00 16.63 ? 47  LEU A CD1 1 
ATOM   199  C CD2 . LEU A 1 27  ? -0.626  -2.845  -7.172  1.00 9.84  ? 47  LEU A CD2 1 
ATOM   200  N N   . TRP A 1 28  ? -4.219  -3.839  -3.390  1.00 15.34 ? 48  TRP A N   1 
ATOM   201  C CA  . TRP A 1 28  ? -5.548  -4.409  -3.583  1.00 13.08 ? 48  TRP A CA  1 
ATOM   202  C C   . TRP A 1 28  ? -6.504  -3.434  -4.273  1.00 13.54 ? 48  TRP A C   1 
ATOM   203  O O   . TRP A 1 28  ? -6.264  -2.219  -4.309  1.00 12.28 ? 48  TRP A O   1 
ATOM   204  C CB  . TRP A 1 28  ? -6.127  -4.941  -2.262  1.00 13.82 ? 48  TRP A CB  1 
ATOM   205  C CG  . TRP A 1 28  ? -6.401  -3.917  -1.206  1.00 13.83 ? 48  TRP A CG  1 
ATOM   206  C CD1 . TRP A 1 28  ? -5.494  -3.323  -0.398  1.00 16.19 ? 48  TRP A CD1 1 
ATOM   207  C CD2 . TRP A 1 28  ? -7.690  -3.398  -0.815  1.00 15.08 ? 48  TRP A CD2 1 
ATOM   208  N NE1 . TRP A 1 28  ? -6.126  -2.452  0.467   1.00 16.28 ? 48  TRP A NE1 1 
ATOM   209  C CE2 . TRP A 1 28  ? -7.471  -2.479  0.226   1.00 12.76 ? 48  TRP A CE2 1 
ATOM   210  C CE3 . TRP A 1 28  ? -9.004  -3.622  -1.252  1.00 16.46 ? 48  TRP A CE3 1 
ATOM   211  C CZ2 . TRP A 1 28  ? -8.513  -1.785  0.845   1.00 19.80 ? 48  TRP A CZ2 1 
ATOM   212  C CZ3 . TRP A 1 28  ? -10.040 -2.925  -0.641  1.00 14.63 ? 48  TRP A CZ3 1 
ATOM   213  C CH2 . TRP A 1 28  ? -9.787  -2.016  0.391   1.00 16.49 ? 48  TRP A CH2 1 
ATOM   214  N N   . ASP A 1 29  ? -7.573  -3.984  -4.841  1.00 14.51 ? 49  ASP A N   1 
ATOM   215  C CA  . ASP A 1 29  ? -8.454  -3.233  -5.728  1.00 14.94 ? 49  ASP A CA  1 
ATOM   216  C C   . ASP A 1 29  ? -9.814  -3.192  -5.070  1.00 18.03 ? 49  ASP A C   1 
ATOM   217  O O   . ASP A 1 29  ? -10.476 -4.216  -4.985  1.00 13.65 ? 49  ASP A O   1 
ATOM   218  C CB  . ASP A 1 29  ? -8.525  -3.921  -7.108  1.00 14.83 ? 49  ASP A CB  1 
ATOM   219  C CG  . ASP A 1 29  ? -9.595  -3.317  -8.025  1.00 18.72 ? 49  ASP A CG  1 
ATOM   220  O OD1 . ASP A 1 29  ? -10.185 -2.265  -7.667  1.00 18.02 ? 49  ASP A OD1 1 
ATOM   221  O OD2 . ASP A 1 29  ? -9.836  -3.884  -9.113  1.00 14.74 ? 49  ASP A OD2 1 
ATOM   222  N N   . ALA A 1 30  ? -10.222 -2.029  -4.567  1.00 14.69 ? 50  ALA A N   1 
ATOM   223  C CA  . ALA A 1 30  ? -11.506 -1.952  -3.884  1.00 16.07 ? 50  ALA A CA  1 
ATOM   224  C C   . ALA A 1 30  ? -12.690 -2.283  -4.818  1.00 15.75 ? 50  ALA A C   1 
ATOM   225  O O   . ALA A 1 30  ? -13.710 -2.802  -4.359  1.00 18.48 ? 50  ALA A O   1 
ATOM   226  C CB  . ALA A 1 30  ? -11.697 -0.584  -3.220  1.00 18.58 ? 50  ALA A CB  1 
ATOM   227  N N   . ALA A 1 31  ? -12.565 -1.989  -6.111  1.00 14.22 ? 51  ALA A N   1 
ATOM   228  C CA  . ALA A 1 31  ? -13.618 -2.356  -7.065  1.00 15.93 ? 51  ALA A CA  1 
ATOM   229  C C   . ALA A 1 31  ? -13.797 -3.879  -7.154  1.00 16.67 ? 51  ALA A C   1 
ATOM   230  O O   . ALA A 1 31  ? -14.921 -4.364  -7.197  1.00 16.09 ? 51  ALA A O   1 
ATOM   231  C CB  . ALA A 1 31  ? -13.351 -1.760  -8.460  1.00 15.62 ? 51  ALA A CB  1 
ATOM   232  N N   . ALA A 1 32  ? -12.697 -4.631  -7.197  1.00 13.19 ? 52  ALA A N   1 
ATOM   233  C CA  . ALA A 1 32  ? -12.783 -6.097  -7.177  1.00 16.79 ? 52  ALA A CA  1 
ATOM   234  C C   . ALA A 1 32  ? -13.448 -6.598  -5.899  1.00 16.94 ? 52  ALA A C   1 
ATOM   235  O O   . ALA A 1 32  ? -14.221 -7.556  -5.923  1.00 14.06 ? 52  ALA A O   1 
ATOM   236  C CB  . ALA A 1 32  ? -11.403 -6.715  -7.309  1.00 15.01 ? 52  ALA A CB  1 
ATOM   237  N N   . ALA A 1 33  ? -13.120 -5.963  -4.776  1.00 16.74 ? 53  ALA A N   1 
ATOM   238  C CA  . ALA A 1 33  ? -13.762 -6.269  -3.497  1.00 18.11 ? 53  ALA A CA  1 
ATOM   239  C C   . ALA A 1 33  ? -15.292 -6.136  -3.592  1.00 17.54 ? 53  ALA A C   1 
ATOM   240  O O   . ALA A 1 33  ? -16.022 -7.039  -3.195  1.00 19.55 ? 53  ALA A O   1 
ATOM   241  C CB  . ALA A 1 33  ? -13.204 -5.359  -2.395  1.00 15.79 ? 53  ALA A CB  1 
ATOM   242  N N   . ALA A 1 34  ? -15.761 -5.014  -4.138  1.00 17.13 ? 54  ALA A N   1 
ATOM   243  C CA  . ALA A 1 34  ? -17.194 -4.783  -4.329  1.00 21.54 ? 54  ALA A CA  1 
ATOM   244  C C   . ALA A 1 34  ? -17.834 -5.902  -5.149  1.00 23.42 ? 54  ALA A C   1 
ATOM   245  O O   . ALA A 1 34  ? -19.021 -6.205  -4.991  1.00 21.16 ? 54  ALA A O   1 
ATOM   246  C CB  . ALA A 1 34  ? -17.435 -3.439  -5.006  1.00 20.63 ? 54  ALA A CB  1 
ATOM   247  N N   . ALA A 1 35  ? -17.041 -6.513  -6.026  1.00 19.14 ? 55  ALA A N   1 
ATOM   248  C CA  . ALA A 1 35  ? -17.541 -7.562  -6.910  1.00 20.36 ? 55  ALA A CA  1 
ATOM   249  C C   . ALA A 1 35  ? -17.341 -8.961  -6.327  1.00 20.63 ? 55  ALA A C   1 
ATOM   250  O O   . ALA A 1 35  ? -17.642 -9.949  -6.976  1.00 24.22 ? 55  ALA A O   1 
ATOM   251  C CB  . ALA A 1 35  ? -16.891 -7.458  -8.277  1.00 20.02 ? 55  ALA A CB  1 
ATOM   252  N N   . GLU A 1 36  ? -16.832 -9.037  -5.103  1.00 22.10 ? 56  GLU A N   1 
ATOM   253  C CA  . GLU A 1 36  ? -16.525 -10.321 -4.459  1.00 20.37 ? 56  GLU A CA  1 
ATOM   254  C C   . GLU A 1 36  ? -15.575 -11.175 -5.294  1.00 20.55 ? 56  GLU A C   1 
ATOM   255  O O   . GLU A 1 36  ? -15.702 -12.403 -5.316  1.00 17.69 ? 56  GLU A O   1 
ATOM   256  C CB  . GLU A 1 36  ? -17.801 -11.129 -4.192  1.00 23.47 ? 56  GLU A CB  1 
ATOM   257  C CG  . GLU A 1 36  ? -19.062 -10.294 -4.060  1.00 32.29 ? 56  GLU A CG  1 
ATOM   258  C CD  . GLU A 1 36  ? -19.087 -9.517  -2.760  1.00 33.74 ? 56  GLU A CD  1 
ATOM   259  O OE1 . GLU A 1 36  ? -18.272 -9.847  -1.869  1.00 29.97 ? 56  GLU A OE1 1 
ATOM   260  O OE2 . GLU A 1 36  ? -19.919 -8.589  -2.637  1.00 35.68 ? 56  GLU A OE2 1 
ATOM   261  N N   . SER A 1 37  ? -14.651 -10.527 -5.997  1.00 16.45 ? 57  SER A N   1 
ATOM   262  C CA  . SER A 1 37  ? -13.615 -11.226 -6.758  1.00 18.09 ? 57  SER A CA  1 
ATOM   263  C C   . SER A 1 37  ? -12.284 -11.093 -6.023  1.00 15.98 ? 57  SER A C   1 
ATOM   264  O O   . SER A 1 37  ? -12.158 -10.285 -5.109  1.00 14.97 ? 57  SER A O   1 
ATOM   265  C CB  . SER A 1 37  ? -13.480 -10.639 -8.167  1.00 20.81 ? 57  SER A CB  1 
ATOM   266  O OG  . SER A 1 37  ? -14.721 -10.645 -8.849  1.00 27.62 ? 57  SER A OG  1 
ATOM   267  N N   . ASP A 1 38  ? -11.290 -11.884 -6.418  1.00 13.47 ? 58  ASP A N   1 
ATOM   268  C CA  . ASP A 1 38  ? -9.970  -11.772 -5.817  1.00 15.41 ? 58  ASP A CA  1 
ATOM   269  C C   . ASP A 1 38  ? -9.542  -10.323 -5.948  1.00 12.39 ? 58  ASP A C   1 
ATOM   270  O O   . ASP A 1 38  ? -9.426  -9.828  -7.057  1.00 14.10 ? 58  ASP A O   1 
ATOM   271  C CB  . ASP A 1 38  ? -8.974  -12.662 -6.556  1.00 16.84 ? 58  ASP A CB  1 
ATOM   272  C CG  . ASP A 1 38  ? -7.632  -12.739 -5.857  1.00 13.37 ? 58  ASP A CG  1 
ATOM   273  O OD1 . ASP A 1 38  ? -7.424  -11.996 -4.882  1.00 15.03 ? 58  ASP A OD1 1 
ATOM   274  O OD2 . ASP A 1 38  ? -6.788  -13.543 -6.284  1.00 15.84 ? 58  ASP A OD2 1 
ATOM   275  N N   . ASP A 1 39  ? -9.336  -9.630  -4.826  1.00 13.04 ? 59  ASP A N   1 
ATOM   276  C CA  . ASP A 1 39  ? -9.003  -8.208  -4.896  1.00 14.11 ? 59  ASP A CA  1 
ATOM   277  C C   . ASP A 1 39  ? -7.506  -7.934  -4.751  1.00 13.70 ? 59  ASP A C   1 
ATOM   278  O O   . ASP A 1 39  ? -7.080  -6.788  -4.738  1.00 11.58 ? 59  ASP A O   1 
ATOM   279  C CB  . ASP A 1 39  ? -9.813  -7.382  -3.880  1.00 14.55 ? 59  ASP A CB  1 
ATOM   280  C CG  . ASP A 1 39  ? -9.448  -7.688  -2.434  1.00 19.11 ? 59  ASP A CG  1 
ATOM   281  O OD1 . ASP A 1 39  ? -8.433  -8.371  -2.181  1.00 18.24 ? 59  ASP A OD1 1 
ATOM   282  O OD2 . ASP A 1 39  ? -10.179 -7.218  -1.536  1.00 21.14 ? 59  ASP A OD2 1 
ATOM   283  N N   . LEU A 1 40  ? -6.713  -8.993  -4.646  1.00 12.95 ? 60  LEU A N   1 
ATOM   284  C CA  . LEU A 1 40  ? -5.279  -8.834  -4.440  1.00 10.10 ? 60  LEU A CA  1 
ATOM   285  C C   . LEU A 1 40  ? -4.572  -8.726  -5.778  1.00 10.65 ? 60  LEU A C   1 
ATOM   286  O O   . LEU A 1 40  ? -4.372  -9.732  -6.453  1.00 11.09 ? 60  LEU A O   1 
ATOM   287  C CB  . LEU A 1 40  ? -4.729  -10.017 -3.633  1.00 10.50 ? 60  LEU A CB  1 
ATOM   288  C CG  . LEU A 1 40  ? -3.234  -9.964  -3.304  1.00 11.39 ? 60  LEU A CG  1 
ATOM   289  C CD1 . LEU A 1 40  ? -2.911  -8.760  -2.432  1.00 10.14 ? 60  LEU A CD1 1 
ATOM   290  C CD2 . LEU A 1 40  ? -2.823  -11.267 -2.596  1.00 10.35 ? 60  LEU A CD2 1 
ATOM   291  N N   . MET A 1 41  ? -4.210  -7.502  -6.163  1.00 10.87 ? 61  MET A N   1 
ATOM   292  C CA  . MET A 1 41  ? -3.527  -7.251  -7.426  1.00 9.79  ? 61  MET A CA  1 
ATOM   293  C C   . MET A 1 41  ? -2.060  -7.676  -7.348  1.00 11.37 ? 61  MET A C   1 
ATOM   294  O O   . MET A 1 41  ? -1.535  -8.287  -8.268  1.00 12.47 ? 61  MET A O   1 
ATOM   295  C CB  . MET A 1 41  ? -3.589  -5.759  -7.777  1.00 9.71  ? 61  MET A CB  1 
ATOM   296  C CG  . MET A 1 41  ? -4.995  -5.196  -7.940  1.00 12.77 ? 61  MET A CG  1 
ATOM   297  S SD  . MET A 1 41  ? -4.974  -3.390  -8.025  1.00 12.39 ? 61  MET A SD  1 
ATOM   298  C CE  . MET A 1 41  ? -4.089  -3.133  -9.556  1.00 13.99 ? 61  MET A CE  1 
ATOM   299  N N   . GLY A 1 42  ? -1.401  -7.327  -6.246  1.00 9.96  ? 62  GLY A N   1 
ATOM   300  C CA  . GLY A 1 42  ? 0.028   -7.541  -6.096  1.00 10.78 ? 62  GLY A CA  1 
ATOM   301  C C   . GLY A 1 42  ? 0.404   -7.660  -4.634  1.00 10.92 ? 62  GLY A C   1 
ATOM   302  O O   . GLY A 1 42  ? -0.305  -7.157  -3.761  1.00 11.56 ? 62  GLY A O   1 
ATOM   303  N N   . ARG A 1 43  ? 1.512   -8.339  -4.363  1.00 10.06 ? 63  ARG A N   1 
ATOM   304  C CA  . ARG A 1 43  ? 1.994   -8.532  -2.998  1.00 9.32  ? 63  ARG A CA  1 
ATOM   305  C C   . ARG A 1 43  ? 3.505   -8.513  -3.023  1.00 9.40  ? 63  ARG A C   1 
ATOM   306  O O   . ARG A 1 43  ? 4.133   -9.173  -3.855  1.00 9.38  ? 63  ARG A O   1 
ATOM   307  C CB  . ARG A 1 43  ? 1.505   -9.878  -2.417  1.00 10.80 ? 63  ARG A CB  1 
ATOM   308  C CG  . ARG A 1 43  ? 2.111   -10.249 -1.056  1.00 8.87  ? 63  ARG A CG  1 
ATOM   309  C CD  . ARG A 1 43  ? 1.426   -11.470 -0.434  1.00 10.19 ? 63  ARG A CD  1 
ATOM   310  N NE  . ARG A 1 43  ? 0.119   -11.107 0.097   1.00 11.11 ? 63  ARG A NE  1 
ATOM   311  C CZ  . ARG A 1 43  ? -0.750  -11.944 0.661   1.00 13.36 ? 63  ARG A CZ  1 
ATOM   312  N NH1 . ARG A 1 43  ? -0.481  -13.245 0.783   1.00 11.61 ? 63  ARG A NH1 1 
ATOM   313  N NH2 . ARG A 1 43  ? -1.896  -11.462 1.122   1.00 10.97 ? 63  ARG A NH2 1 
ATOM   314  N N   . THR A 1 44  ? 4.095   -7.739  -2.129  1.00 10.10 ? 64  THR A N   1 
ATOM   315  C CA  . THR A 1 44  ? 5.543   -7.740  -1.997  1.00 11.51 ? 64  THR A CA  1 
ATOM   316  C C   . THR A 1 44  ? 5.925   -7.634  -0.523  1.00 11.57 ? 64  THR A C   1 
ATOM   317  O O   . THR A 1 44  ? 5.066   -7.444  0.343   1.00 10.94 ? 64  THR A O   1 
ATOM   318  C CB  . THR A 1 44  ? 6.198   -6.588  -2.800  1.00 11.86 ? 64  THR A CB  1 
ATOM   319  O OG1 . THR A 1 44  ? 7.595   -6.864  -2.982  1.00 13.68 ? 64  THR A OG1 1 
ATOM   320  C CG2 . THR A 1 44  ? 6.032   -5.264  -2.067  1.00 10.78 ? 64  THR A CG2 1 
ATOM   321  N N   . TRP A 1 45  ? 7.211   -7.794  -0.238  1.00 11.38 ? 65  TRP A N   1 
ATOM   322  C CA  . TRP A 1 45  ? 7.719   -7.540  1.096   1.00 11.65 ? 65  TRP A CA  1 
ATOM   323  C C   . TRP A 1 45  ? 8.901   -6.593  0.954   1.00 15.23 ? 65  TRP A C   1 
ATOM   324  O O   . TRP A 1 45  ? 9.698   -6.736  0.027   1.00 14.53 ? 65  TRP A O   1 
ATOM   325  C CB  . TRP A 1 45  ? 8.165   -8.834  1.748   1.00 15.13 ? 65  TRP A CB  1 
ATOM   326  C CG  . TRP A 1 45  ? 7.054   -9.777  2.106   1.00 12.85 ? 65  TRP A CG  1 
ATOM   327  C CD1 . TRP A 1 45  ? 6.245   -10.470 1.245   1.00 11.49 ? 65  TRP A CD1 1 
ATOM   328  C CD2 . TRP A 1 45  ? 6.653   -10.149 3.423   1.00 12.82 ? 65  TRP A CD2 1 
ATOM   329  N NE1 . TRP A 1 45  ? 5.367   -11.249 1.952   1.00 13.31 ? 65  TRP A NE1 1 
ATOM   330  C CE2 . TRP A 1 45  ? 5.589   -11.066 3.292   1.00 12.89 ? 65  TRP A CE2 1 
ATOM   331  C CE3 . TRP A 1 45  ? 7.076   -9.794  4.700   1.00 13.67 ? 65  TRP A CE3 1 
ATOM   332  C CZ2 . TRP A 1 45  ? 4.956   -11.641 4.401   1.00 13.17 ? 65  TRP A CZ2 1 
ATOM   333  C CZ3 . TRP A 1 45  ? 6.434   -10.358 5.803   1.00 18.54 ? 65  TRP A CZ3 1 
ATOM   334  C CH2 . TRP A 1 45  ? 5.390   -11.270 5.643   1.00 16.43 ? 65  TRP A CH2 1 
ATOM   335  N N   . SER A 1 46  ? 9.006   -5.612  1.849   1.00 12.23 ? 66  SER A N   1 
ATOM   336  C CA  . SER A 1 46  ? 10.104  -4.659  1.779   1.00 13.19 ? 66  SER A CA  1 
ATOM   337  C C   . SER A 1 46  ? 11.432  -5.369  2.026   1.00 13.86 ? 66  SER A C   1 
ATOM   338  O O   . SER A 1 46  ? 11.469  -6.390  2.724   1.00 12.15 ? 66  SER A O   1 
ATOM   339  C CB  . SER A 1 46  ? 9.913   -3.563  2.818   1.00 11.80 ? 66  SER A CB  1 
ATOM   340  O OG  . SER A 1 46  ? 10.093  -4.084  4.121   1.00 10.97 ? 66  SER A OG  1 
ATOM   341  N N   . ASP A 1 47  ? 12.510  -4.825  1.456   1.00 13.97 ? 67  ASP A N   1 
ATOM   342  C CA  . ASP A 1 47  ? 13.856  -5.386  1.646   1.00 14.32 ? 67  ASP A CA  1 
ATOM   343  C C   . ASP A 1 47  ? 14.572  -4.823  2.857   1.00 17.57 ? 67  ASP A C   1 
ATOM   344  O O   . ASP A 1 47  ? 13.976  -4.106  3.658   1.00 14.13 ? 67  ASP A O   1 
ATOM   345  C CB  . ASP A 1 47  ? 14.732  -5.248  0.394   1.00 13.83 ? 67  ASP A CB  1 
ATOM   346  C CG  . ASP A 1 47  ? 15.152  -3.808  0.101   1.00 15.88 ? 67  ASP A CG  1 
ATOM   347  O OD1 . ASP A 1 47  ? 15.092  -2.917  0.970   1.00 13.87 ? 67  ASP A OD1 1 
ATOM   348  O OD2 . ASP A 1 47  ? 15.577  -3.572  -1.037  1.00 18.18 ? 67  ASP A OD2 1 
ATOM   349  N N   . ARG A 1 48  ? 15.858  -5.153  2.973   1.00 20.65 ? 68  ARG A N   1 
ATOM   350  C CA  . ARG A 1 48  ? 16.637  -4.827  4.162   1.00 20.48 ? 68  ARG A CA  1 
ATOM   351  C C   . ARG A 1 48  ? 16.800  -3.317  4.331   1.00 19.01 ? 68  ARG A C   1 
ATOM   352  O O   . ARG A 1 48  ? 17.084  -2.848  5.427   1.00 19.58 ? 68  ARG A O   1 
ATOM   353  C CB  . ARG A 1 48  ? 18.014  -5.519  4.132   1.00 22.28 ? 68  ARG A CB  1 
ATOM   354  C CG  . ARG A 1 48  ? 18.908  -5.045  2.995   1.00 22.09 ? 68  ARG A CG  1 
ATOM   355  C CD  . ARG A 1 48  ? 20.206  -5.834  2.877   1.00 32.76 ? 68  ARG A CD  1 
ATOM   356  N NE  . ARG A 1 48  ? 20.949  -5.451  1.675   1.00 32.55 ? 68  ARG A NE  1 
ATOM   357  C CZ  . ARG A 1 48  ? 20.855  -6.079  0.504   1.00 35.69 ? 68  ARG A CZ  1 
ATOM   358  N NH1 . ARG A 1 48  ? 20.053  -7.127  0.375   1.00 32.28 ? 68  ARG A NH1 1 
ATOM   359  N NH2 . ARG A 1 48  ? 21.560  -5.665  -0.539  1.00 37.83 ? 68  ARG A NH2 1 
ATOM   360  N N   . ASN A 1 49  ? 16.620  -2.554  3.253   1.00 15.61 ? 69  ASN A N   1 
ATOM   361  C CA  . ASN A 1 49  ? 16.671  -1.088  3.352   1.00 15.95 ? 69  ASN A CA  1 
ATOM   362  C C   . ASN A 1 49  ? 15.291  -0.423  3.421   1.00 17.59 ? 69  ASN A C   1 
ATOM   363  O O   . ASN A 1 49  ? 15.177  0.801   3.446   1.00 17.98 ? 69  ASN A O   1 
ATOM   364  C CB  . ASN A 1 49  ? 17.469  -0.484  2.193   1.00 18.38 ? 69  ASN A CB  1 
ATOM   365  C CG  . ASN A 1 49  ? 18.965  -0.769  2.299   1.00 23.10 ? 69  ASN A CG  1 
ATOM   366  O OD1 . ASN A 1 49  ? 19.598  -1.194  1.333   1.00 28.30 ? 69  ASN A OD1 1 
ATOM   367  N ND2 . ASN A 1 49  ? 19.534  -0.534  3.484   1.00 23.37 ? 69  ASN A ND2 1 
ATOM   368  N N   . GLY A 1 50  ? 14.243  -1.234  3.437   1.00 15.76 ? 70  GLY A N   1 
ATOM   369  C CA  . GLY A 1 50  ? 12.887  -0.715  3.488   1.00 14.61 ? 70  GLY A CA  1 
ATOM   370  C C   . GLY A 1 50  ? 12.302  -0.447  2.110   1.00 12.99 ? 70  GLY A C   1 
ATOM   371  O O   . GLY A 1 50  ? 11.162  0.002   2.000   1.00 10.43 ? 70  GLY A O   1 
ATOM   372  N N   . ASN A 1 51  ? 13.080  -0.713  1.061   1.00 11.45 ? 71  ASN A N   1 
ATOM   373  C CA  . ASN A 1 51  ? 12.608  -0.501  -0.307  1.00 13.67 ? 71  ASN A CA  1 
ATOM   374  C C   . ASN A 1 51  ? 11.530  -1.512  -0.649  1.00 14.12 ? 71  ASN A C   1 
ATOM   375  O O   . ASN A 1 51  ? 11.563  -2.652  -0.184  1.00 12.25 ? 71  ASN A O   1 
ATOM   376  C CB  . ASN A 1 51  ? 13.729  -0.643  -1.349  1.00 14.34 ? 71  ASN A CB  1 
ATOM   377  C CG  . ASN A 1 51  ? 14.887  0.287   -1.103  1.00 16.76 ? 71  ASN A CG  1 
ATOM   378  O OD1 . ASN A 1 51  ? 16.043  -0.098  -1.249  1.00 24.22 ? 71  ASN A OD1 1 
ATOM   379  N ND2 . ASN A 1 51  ? 14.592  1.504   -0.716  1.00 16.26 ? 71  ASN A ND2 1 
ATOM   380  N N   . PHE A 1 52  ? 10.591  -1.097  -1.485  1.00 11.05 ? 72  PHE A N   1 
ATOM   381  C CA  . PHE A 1 52  ? 9.595   -2.003  -1.997  1.00 12.12 ? 72  PHE A CA  1 
ATOM   382  C C   . PHE A 1 52  ? 9.149   -1.518  -3.361  1.00 12.07 ? 72  PHE A C   1 
ATOM   383  O O   . PHE A 1 52  ? 9.291   -0.340  -3.693  1.00 12.52 ? 72  PHE A O   1 
ATOM   384  C CB  . PHE A 1 52  ? 8.391   -2.116  -1.043  1.00 12.58 ? 72  PHE A CB  1 
ATOM   385  C CG  . PHE A 1 52  ? 7.503   -0.891  -1.008  1.00 14.94 ? 72  PHE A CG  1 
ATOM   386  C CD1 . PHE A 1 52  ? 6.427   -0.765  -1.876  1.00 14.39 ? 72  PHE A CD1 1 
ATOM   387  C CD2 . PHE A 1 52  ? 7.725   0.122   -0.086  1.00 14.91 ? 72  PHE A CD2 1 
ATOM   388  C CE1 . PHE A 1 52  ? 5.589   0.337   -1.829  1.00 11.98 ? 72  PHE A CE1 1 
ATOM   389  C CE2 . PHE A 1 52  ? 6.894   1.239   -0.045  1.00 12.56 ? 72  PHE A CE2 1 
ATOM   390  C CZ  . PHE A 1 52  ? 5.840   1.349   -0.926  1.00 11.77 ? 72  PHE A CZ  1 
ATOM   391  N N   . GLN A 1 53  ? 8.662   -2.461  -4.159  1.00 13.93 ? 73  GLN A N   1 
ATOM   392  C CA  . GLN A 1 53  ? 7.930   -2.160  -5.371  1.00 15.46 ? 73  GLN A CA  1 
ATOM   393  C C   . GLN A 1 53  ? 6.931   -3.290  -5.548  1.00 14.68 ? 73  GLN A C   1 
ATOM   394  O O   . GLN A 1 53  ? 7.233   -4.462  -5.286  1.00 15.06 ? 73  GLN A O   1 
ATOM   395  C CB  . GLN A 1 53  ? 8.861   -2.020  -6.581  1.00 15.78 ? 73  GLN A CB  1 
ATOM   396  C CG  . GLN A 1 53  ? 9.233   -3.310  -7.262  1.00 19.85 ? 73  GLN A CG  1 
ATOM   397  C CD  . GLN A 1 53  ? 10.000  -3.074  -8.556  1.00 26.25 ? 73  GLN A CD  1 
ATOM   398  O OE1 . GLN A 1 53  ? 10.837  -2.183  -8.639  1.00 26.18 ? 73  GLN A OE1 1 
ATOM   399  N NE2 . GLN A 1 53  ? 9.705   -3.863  -9.568  1.00 18.45 ? 73  GLN A NE2 1 
ATOM   400  N N   . VAL A 1 54  ? 5.725   -2.929  -5.953  1.00 12.34 ? 74  VAL A N   1 
ATOM   401  C CA  . VAL A 1 54  ? 4.671   -3.909  -6.131  1.00 13.92 ? 74  VAL A CA  1 
ATOM   402  C C   . VAL A 1 54  ? 3.891   -3.527  -7.375  1.00 15.01 ? 74  VAL A C   1 
ATOM   403  O O   . VAL A 1 54  ? 3.553   -2.364  -7.561  1.00 15.15 ? 74  VAL A O   1 
ATOM   404  C CB  . VAL A 1 54  ? 3.744   -3.980  -4.902  1.00 12.31 ? 74  VAL A CB  1 
ATOM   405  C CG1 . VAL A 1 54  ? 3.160   -2.581  -4.556  1.00 14.68 ? 74  VAL A CG1 1 
ATOM   406  C CG2 . VAL A 1 54  ? 2.639   -4.972  -5.150  1.00 13.40 ? 74  VAL A CG2 1 
ATOM   407  N N   . THR A 1 55  ? 3.663   -4.505  -8.250  1.00 16.41 ? 75  THR A N   1 
ATOM   408  C CA  . THR A 1 55  ? 2.971   -4.270  -9.512  1.00 16.59 ? 75  THR A CA  1 
ATOM   409  C C   . THR A 1 55  ? 1.808   -5.219  -9.561  1.00 15.36 ? 75  THR A C   1 
ATOM   410  O O   . THR A 1 55  ? 1.957   -6.396  -9.251  1.00 12.42 ? 75  THR A O   1 
ATOM   411  C CB  . THR A 1 55  ? 3.860   -4.603  -10.736 1.00 17.98 ? 75  THR A CB  1 
ATOM   412  O OG1 . THR A 1 55  ? 5.125   -3.949  -10.619 1.00 21.38 ? 75  THR A OG1 1 
ATOM   413  C CG2 . THR A 1 55  ? 3.181   -4.160  -12.043 1.00 18.82 ? 75  THR A CG2 1 
ATOM   414  N N   . GLY A 1 56  ? 0.645   -4.720  -9.948  1.00 14.31 ? 76  GLY A N   1 
ATOM   415  C CA  . GLY A 1 56  ? -0.501  -5.590  -10.090 1.00 15.63 ? 76  GLY A CA  1 
ATOM   416  C C   . GLY A 1 56  ? -1.388  -5.137  -11.226 1.00 14.31 ? 76  GLY A C   1 
ATOM   417  O O   . GLY A 1 56  ? -1.341  -3.975  -11.634 1.00 14.98 ? 76  GLY A O   1 
ATOM   418  N N   . CYS A 1 57  ? -2.186  -6.060  -11.739 1.00 10.43 ? 77  CYS A N   1 
ATOM   419  C CA  . CYS A 1 57  ? -3.198  -5.727  -12.733 1.00 14.42 ? 77  CYS A CA  1 
ATOM   420  C C   . CYS A 1 57  ? -4.569  -6.000  -12.181 1.00 15.23 ? 77  CYS A C   1 
ATOM   421  O O   . CYS A 1 57  ? -4.733  -6.819  -11.287 1.00 14.36 ? 77  CYS A O   1 
ATOM   422  C CB  . CYS A 1 57  ? -3.014  -6.551  -14.005 1.00 12.83 ? 77  CYS A CB  1 
ATOM   423  S SG  . CYS A 1 57  ? -1.476  -6.172  -14.844 1.00 17.09 ? 77  CYS A SG  1 
ATOM   424  N N   . ALA A 1 58  ? -5.562  -5.338  -12.746 1.00 14.53 ? 78  ALA A N   1 
ATOM   425  C CA  . ALA A 1 58  ? -6.925  -5.537  -12.313 1.00 17.19 ? 78  ALA A CA  1 
ATOM   426  C C   . ALA A 1 58  ? -7.799  -5.431  -13.539 1.00 22.86 ? 78  ALA A C   1 
ATOM   427  O O   . ALA A 1 58  ? -7.491  -4.684  -14.463 1.00 23.70 ? 78  ALA A O   1 
ATOM   428  C CB  . ALA A 1 58  ? -7.304  -4.483  -11.303 1.00 19.24 ? 78  ALA A CB  1 
ATOM   429  N N   . SER A 1 59  ? -8.871  -6.206  -13.553 1.00 22.30 ? 79  SER A N   1 
ATOM   430  C CA  . SER A 1 59  ? -9.859  -6.144  -14.614 1.00 28.40 ? 79  SER A CA  1 
ATOM   431  C C   . SER A 1 59  ? -11.232 -6.250  -13.974 1.00 22.96 ? 79  SER A C   1 
ATOM   432  O O   . SER A 1 59  ? -11.614 -7.310  -13.496 1.00 22.55 ? 79  SER A O   1 
ATOM   433  C CB  . SER A 1 59  ? -9.644  -7.289  -15.603 1.00 30.81 ? 79  SER A CB  1 
ATOM   434  O OG  . SER A 1 59  ? -10.748 -7.396  -16.485 1.00 42.20 ? 79  SER A OG  1 
ATOM   435  N N   . ASP A 1 60  ? -11.964 -5.143  -13.946 1.00 23.11 ? 80  ASP A N   1 
ATOM   436  C CA  . ASP A 1 60  ? -13.240 -5.100  -13.245 1.00 23.93 ? 80  ASP A CA  1 
ATOM   437  C C   . ASP A 1 60  ? -14.416 -5.008  -14.206 1.00 27.37 ? 80  ASP A C   1 
ATOM   438  O O   . ASP A 1 60  ? -14.260 -4.631  -15.366 1.00 28.44 ? 80  ASP A O   1 
ATOM   439  C CB  . ASP A 1 60  ? -13.257 -3.952  -12.236 1.00 24.25 ? 80  ASP A CB  1 
ATOM   440  C CG  . ASP A 1 60  ? -12.222 -4.135  -11.150 1.00 21.31 ? 80  ASP A CG  1 
ATOM   441  O OD1 . ASP A 1 60  ? -12.221 -5.219  -10.529 1.00 21.40 ? 80  ASP A OD1 1 
ATOM   442  O OD2 . ASP A 1 60  ? -11.400 -3.219  -10.929 1.00 17.22 ? 80  ASP A OD2 1 
ATOM   443  N N   . PHE A 1 61  ? -15.592 -5.368  -13.713 1.00 21.33 ? 81  PHE A N   1 
ATOM   444  C CA  . PHE A 1 61  ? -16.767 -5.529  -14.554 1.00 29.10 ? 81  PHE A CA  1 
ATOM   445  C C   . PHE A 1 61  ? -17.989 -5.212  -13.711 1.00 26.93 ? 81  PHE A C   1 
ATOM   446  O O   . PHE A 1 61  ? -17.912 -5.208  -12.482 1.00 29.42 ? 81  PHE A O   1 
ATOM   447  C CB  . PHE A 1 61  ? -16.843 -6.984  -15.015 1.00 33.29 ? 81  PHE A CB  1 
ATOM   448  C CG  . PHE A 1 61  ? -16.674 -7.963  -13.893 1.00 32.05 ? 81  PHE A CG  1 
ATOM   449  C CD1 . PHE A 1 61  ? -15.432 -8.514  -13.618 1.00 34.72 ? 81  PHE A CD1 1 
ATOM   450  C CD2 . PHE A 1 61  ? -17.744 -8.298  -13.080 1.00 35.39 ? 81  PHE A CD2 1 
ATOM   451  C CE1 . PHE A 1 61  ? -15.266 -9.400  -12.567 1.00 34.59 ? 81  PHE A CE1 1 
ATOM   452  C CE2 . PHE A 1 61  ? -17.584 -9.184  -12.026 1.00 38.04 ? 81  PHE A CE2 1 
ATOM   453  C CZ  . PHE A 1 61  ? -16.340 -9.734  -11.770 1.00 33.47 ? 81  PHE A CZ  1 
ATOM   454  N N   . GLY A 1 62  ? -19.125 -4.982  -14.355 1.00 27.63 ? 82  GLY A N   1 
ATOM   455  C CA  . GLY A 1 62  ? -20.310 -4.585  -13.622 1.00 20.16 ? 82  GLY A CA  1 
ATOM   456  C C   . GLY A 1 62  ? -20.317 -3.080  -13.460 1.00 20.39 ? 82  GLY A C   1 
ATOM   457  O O   . GLY A 1 62  ? -19.608 -2.379  -14.188 1.00 23.70 ? 82  GLY A O   1 
ATOM   458  N N   . PRO A 1 63  ? -21.114 -2.571  -12.508 1.00 18.32 ? 83  PRO A N   1 
ATOM   459  C CA  . PRO A 1 63  ? -21.270 -1.126  -12.317 1.00 15.30 ? 83  PRO A CA  1 
ATOM   460  C C   . PRO A 1 63  ? -19.949 -0.418  -12.024 1.00 17.35 ? 83  PRO A C   1 
ATOM   461  O O   . PRO A 1 63  ? -19.660 0.611   -12.648 1.00 15.58 ? 83  PRO A O   1 
ATOM   462  C CB  . PRO A 1 63  ? -22.208 -1.036  -11.108 1.00 16.11 ? 83  PRO A CB  1 
ATOM   463  C CG  . PRO A 1 63  ? -23.007 -2.294  -11.177 1.00 18.23 ? 83  PRO A CG  1 
ATOM   464  C CD  . PRO A 1 63  ? -22.015 -3.339  -11.631 1.00 21.37 ? 83  PRO A CD  1 
ATOM   465  N N   . ILE A 1 64  ? -19.164 -0.956  -11.094 1.00 16.85 ? 84  ILE A N   1 
ATOM   466  C CA  . ILE A 1 64  ? -17.871 -0.365  -10.754 1.00 19.28 ? 84  ILE A CA  1 
ATOM   467  C C   . ILE A 1 64  ? -16.761 -1.064  -11.544 1.00 21.26 ? 84  ILE A C   1 
ATOM   468  O O   . ILE A 1 64  ? -16.161 -2.030  -11.063 1.00 16.30 ? 84  ILE A O   1 
ATOM   469  C CB  . ILE A 1 64  ? -17.557 -0.495  -9.241  1.00 18.90 ? 84  ILE A CB  1 
ATOM   470  C CG1 . ILE A 1 64  ? -18.749 -0.058  -8.390  1.00 22.36 ? 84  ILE A CG1 1 
ATOM   471  C CG2 . ILE A 1 64  ? -16.315 0.292   -8.887  1.00 20.04 ? 84  ILE A CG2 1 
ATOM   472  C CD1 . ILE A 1 64  ? -19.709 -1.173  -8.133  1.00 28.68 ? 84  ILE A CD1 1 
ATOM   473  N N   . ASN A 1 65  ? -16.480 -0.586  -12.752 1.00 22.16 ? 85  ASN A N   1 
ATOM   474  C CA  . ASN A 1 65  ? -15.484 -1.261  -13.586 1.00 22.36 ? 85  ASN A CA  1 
ATOM   475  C C   . ASN A 1 65  ? -14.135 -0.551  -13.723 1.00 21.09 ? 85  ASN A C   1 
ATOM   476  O O   . ASN A 1 65  ? -13.269 -1.000  -14.469 1.00 22.00 ? 85  ASN A O   1 
ATOM   477  C CB  . ASN A 1 65  ? -16.055 -1.599  -14.960 1.00 27.28 ? 85  ASN A CB  1 
ATOM   478  C CG  . ASN A 1 65  ? -16.722 -0.419  -15.601 1.00 26.85 ? 85  ASN A CG  1 
ATOM   479  O OD1 . ASN A 1 65  ? -16.605 0.705   -15.111 1.00 26.39 ? 85  ASN A OD1 1 
ATOM   480  N ND2 . ASN A 1 65  ? -17.429 -0.657  -16.698 1.00 23.73 ? 85  ASN A ND2 1 
ATOM   481  N N   . THR A 1 66  ? -13.950 0.537   -12.989 1.00 16.37 ? 86  THR A N   1 
ATOM   482  C CA  . THR A 1 66  ? -12.623 1.135   -12.849 1.00 19.83 ? 86  THR A CA  1 
ATOM   483  C C   . THR A 1 66  ? -11.906 0.634   -11.588 1.00 18.70 ? 86  THR A C   1 
ATOM   484  O O   . THR A 1 66  ? -12.422 0.776   -10.482 1.00 15.46 ? 86  THR A O   1 
ATOM   485  C CB  . THR A 1 66  ? -12.708 2.655   -12.734 1.00 18.56 ? 86  THR A CB  1 
ATOM   486  O OG1 . THR A 1 66  ? -13.450 3.180   -13.835 1.00 24.04 ? 86  THR A OG1 1 
ATOM   487  C CG2 . THR A 1 66  ? -11.303 3.255   -12.732 1.00 29.31 ? 86  THR A CG2 1 
ATOM   488  N N   . PRO A 1 67  ? -10.708 0.057   -11.749 1.00 19.62 ? 87  PRO A N   1 
ATOM   489  C CA  . PRO A 1 67  ? -9.894  -0.372  -10.606 1.00 19.77 ? 87  PRO A CA  1 
ATOM   490  C C   . PRO A 1 67  ? -9.676  0.767   -9.605  1.00 19.36 ? 87  PRO A C   1 
ATOM   491  O O   . PRO A 1 67  ? -9.449  1.898   -10.011 1.00 17.51 ? 87  PRO A O   1 
ATOM   492  C CB  . PRO A 1 67  ? -8.564  -0.746  -11.253 1.00 16.23 ? 87  PRO A CB  1 
ATOM   493  C CG  . PRO A 1 67  ? -8.940  -1.187  -12.631 1.00 20.85 ? 87  PRO A CG  1 
ATOM   494  C CD  . PRO A 1 67  ? -10.075 -0.276  -13.037 1.00 21.90 ? 87  PRO A CD  1 
ATOM   495  N N   . ASP A 1 68  ? -9.739  0.453   -8.317  1.00 16.27 ? 88  ASP A N   1 
ATOM   496  C CA  . ASP A 1 68  ? -9.550  1.442   -7.262  1.00 20.24 ? 88  ASP A CA  1 
ATOM   497  C C   . ASP A 1 68  ? -8.496  0.957   -6.260  1.00 18.45 ? 88  ASP A C   1 
ATOM   498  O O   . ASP A 1 68  ? -8.836  0.382   -5.227  1.00 17.71 ? 88  ASP A O   1 
ATOM   499  C CB  . ASP A 1 68  ? -10.873 1.718   -6.547  1.00 19.88 ? 88  ASP A CB  1 
ATOM   500  C CG  . ASP A 1 68  ? -10.756 2.819   -5.524  1.00 19.35 ? 88  ASP A CG  1 
ATOM   501  O OD1 . ASP A 1 68  ? -9.739  3.539   -5.586  1.00 22.29 ? 88  ASP A OD1 1 
ATOM   502  O OD2 . ASP A 1 68  ? -11.662 2.964   -4.671  1.00 15.99 ? 88  ASP A OD2 1 
ATOM   503  N N   . PRO A 1 69  ? -7.214  1.217   -6.562  1.00 20.05 ? 89  PRO A N   1 
ATOM   504  C CA  . PRO A 1 69  ? -6.054  0.633   -5.877  1.00 17.96 ? 89  PRO A CA  1 
ATOM   505  C C   . PRO A 1 69  ? -5.721  1.256   -4.529  1.00 23.65 ? 89  PRO A C   1 
ATOM   506  O O   . PRO A 1 69  ? -5.791  2.487   -4.351  1.00 22.59 ? 89  PRO A O   1 
ATOM   507  C CB  . PRO A 1 69  ? -4.921  0.896   -6.858  1.00 20.59 ? 89  PRO A CB  1 
ATOM   508  C CG  . PRO A 1 69  ? -5.299  2.202   -7.486  1.00 26.53 ? 89  PRO A CG  1 
ATOM   509  C CD  . PRO A 1 69  ? -6.807  2.178   -7.605  1.00 25.22 ? 89  PRO A CD  1 
ATOM   510  N N   . TYR A 1 70  ? -5.339  0.386   -3.596  1.00 17.13 ? 90  TYR A N   1 
ATOM   511  C CA  . TYR A 1 70  ? -4.891  0.770   -2.263  1.00 14.78 ? 90  TYR A CA  1 
ATOM   512  C C   . TYR A 1 70  ? -3.670  -0.063  -1.869  1.00 18.64 ? 90  TYR A C   1 
ATOM   513  O O   . TYR A 1 70  ? -3.511  -1.201  -2.349  1.00 13.91 ? 90  TYR A O   1 
ATOM   514  C CB  . TYR A 1 70  ? -5.978  0.471   -1.239  1.00 17.24 ? 90  TYR A CB  1 
ATOM   515  C CG  . TYR A 1 70  ? -7.107  1.476   -1.183  1.00 18.60 ? 90  TYR A CG  1 
ATOM   516  C CD1 . TYR A 1 70  ? -7.053  2.556   -0.316  1.00 17.80 ? 90  TYR A CD1 1 
ATOM   517  C CD2 . TYR A 1 70  ? -8.231  1.329   -1.982  1.00 20.91 ? 90  TYR A CD2 1 
ATOM   518  C CE1 . TYR A 1 70  ? -8.075  3.467   -0.248  1.00 19.63 ? 90  TYR A CE1 1 
ATOM   519  C CE2 . TYR A 1 70  ? -9.263  2.236   -1.929  1.00 21.44 ? 90  TYR A CE2 1 
ATOM   520  C CZ  . TYR A 1 70  ? -9.177  3.301   -1.053  1.00 22.99 ? 90  TYR A CZ  1 
ATOM   521  O OH  . TYR A 1 70  ? -10.199 4.202   -0.985  1.00 22.15 ? 90  TYR A OH  1 
ATOM   522  N N   . LEU A 1 71  ? -2.827  0.485   -0.988  1.00 14.94 ? 91  LEU A N   1 
ATOM   523  C CA  . LEU A 1 71  ? -1.767  -0.297  -0.353  1.00 16.18 ? 91  LEU A CA  1 
ATOM   524  C C   . LEU A 1 71  ? -2.178  -0.642  1.069   1.00 18.24 ? 91  LEU A C   1 
ATOM   525  O O   . LEU A 1 71  ? -2.596  0.222   1.831   1.00 20.37 ? 91  LEU A O   1 
ATOM   526  C CB  . LEU A 1 71  ? -0.430  0.458   -0.314  1.00 15.57 ? 91  LEU A CB  1 
ATOM   527  C CG  . LEU A 1 71  ? 0.366   0.640   -1.601  1.00 19.49 ? 91  LEU A CG  1 
ATOM   528  C CD1 . LEU A 1 71  ? 1.689   1.320   -1.289  1.00 20.29 ? 91  LEU A CD1 1 
ATOM   529  C CD2 . LEU A 1 71  ? 0.621   -0.707  -2.265  1.00 16.90 ? 91  LEU A CD2 1 
ATOM   530  N N   . TYR A 1 72  ? -2.061  -1.914  1.416   1.00 15.79 ? 92  TYR A N   1 
ATOM   531  C CA  . TYR A 1 72  ? -2.301  -2.365  2.770   1.00 17.54 ? 92  TYR A CA  1 
ATOM   532  C C   . TYR A 1 72  ? -0.963  -2.785  3.340   1.00 15.90 ? 92  TYR A C   1 
ATOM   533  O O   . TYR A 1 72  ? -0.312  -3.695  2.817   1.00 13.11 ? 92  TYR A O   1 
ATOM   534  C CB  . TYR A 1 72  ? -3.277  -3.536  2.762   1.00 17.95 ? 92  TYR A CB  1 
ATOM   535  C CG  . TYR A 1 72  ? -3.674  -4.023  4.129   1.00 19.19 ? 92  TYR A CG  1 
ATOM   536  C CD1 . TYR A 1 72  ? -4.353  -3.194  5.015   1.00 23.89 ? 92  TYR A CD1 1 
ATOM   537  C CD2 . TYR A 1 72  ? -3.391  -5.314  4.532   1.00 21.01 ? 92  TYR A CD2 1 
ATOM   538  C CE1 . TYR A 1 72  ? -4.728  -3.640  6.266   1.00 25.86 ? 92  TYR A CE1 1 
ATOM   539  C CE2 . TYR A 1 72  ? -3.767  -5.769  5.779   1.00 23.11 ? 92  TYR A CE2 1 
ATOM   540  C CZ  . TYR A 1 72  ? -4.433  -4.931  6.644   1.00 27.69 ? 92  TYR A CZ  1 
ATOM   541  O OH  . TYR A 1 72  ? -4.811  -5.395  7.897   1.00 35.49 ? 92  TYR A OH  1 
ATOM   542  N N   . ILE A 1 73  ? -0.541  -2.095  4.392   1.00 12.54 ? 93  ILE A N   1 
ATOM   543  C CA  . ILE A 1 73  ? 0.765   -2.326  4.989   1.00 12.95 ? 93  ILE A CA  1 
ATOM   544  C C   . ILE A 1 73  ? 0.633   -2.868  6.419   1.00 16.82 ? 93  ILE A C   1 
ATOM   545  O O   . ILE A 1 73  ? 0.159   -2.166  7.319   1.00 15.56 ? 93  ILE A O   1 
ATOM   546  C CB  . ILE A 1 73  ? 1.608   -1.031  5.005   1.00 13.35 ? 93  ILE A CB  1 
ATOM   547  C CG1 . ILE A 1 73  ? 1.749   -0.471  3.589   1.00 11.52 ? 93  ILE A CG1 1 
ATOM   548  C CG2 . ILE A 1 73  ? 2.974   -1.296  5.626   1.00 11.92 ? 93  ILE A CG2 1 
ATOM   549  C CD1 . ILE A 1 73  ? 2.583   0.800   3.511   1.00 11.52 ? 93  ILE A CD1 1 
ATOM   550  N N   . GLN A 1 74  ? 1.037   -4.124  6.611   1.00 13.51 ? 94  GLN A N   1 
ATOM   551  C CA  . GLN A 1 74  ? 1.059   -4.750  7.929   1.00 14.36 ? 94  GLN A CA  1 
ATOM   552  C C   . GLN A 1 74  ? 2.485   -4.780  8.444   1.00 16.12 ? 94  GLN A C   1 
ATOM   553  O O   . GLN A 1 74  ? 3.378   -5.311  7.782   1.00 17.55 ? 94  GLN A O   1 
ATOM   554  C CB  . GLN A 1 74  ? 0.520   -6.167  7.867   1.00 16.95 ? 94  GLN A CB  1 
ATOM   555  C CG  . GLN A 1 74  ? -0.922  -6.255  7.459   1.00 22.42 ? 94  GLN A CG  1 
ATOM   556  C CD  . GLN A 1 74  ? -1.360  -7.692  7.244   1.00 28.71 ? 94  GLN A CD  1 
ATOM   557  O OE1 . GLN A 1 74  ? -1.710  -8.394  8.192   1.00 28.09 ? 94  GLN A OE1 1 
ATOM   558  N NE2 . GLN A 1 74  ? -1.318  -8.143  5.994   1.00 24.19 ? 94  GLN A NE2 1 
ATOM   559  N N   . HIS A 1 75  ? 2.700   -4.225  9.630   1.00 12.97 ? 95  HIS A N   1 
ATOM   560  C CA  . HIS A 1 75  ? 4.049   -3.908  10.086  1.00 15.22 ? 95  HIS A CA  1 
ATOM   561  C C   . HIS A 1 75  ? 4.092   -3.875  11.612  1.00 18.79 ? 95  HIS A C   1 
ATOM   562  O O   . HIS A 1 75  ? 3.048   -3.921  12.270  1.00 21.13 ? 95  HIS A O   1 
ATOM   563  C CB  . HIS A 1 75  ? 4.404   -2.518  9.591   1.00 12.08 ? 95  HIS A CB  1 
ATOM   564  C CG  . HIS A 1 75  ? 3.508   -1.460  10.153  1.00 13.46 ? 95  HIS A CG  1 
ATOM   565  N ND1 . HIS A 1 75  ? 3.777   -0.808  11.336  1.00 10.32 ? 95  HIS A ND1 1 
ATOM   566  C CD2 . HIS A 1 75  ? 2.316   -0.981  9.726   1.00 12.05 ? 95  HIS A CD2 1 
ATOM   567  C CE1 . HIS A 1 75  ? 2.802   0.043   11.598  1.00 15.31 ? 95  HIS A CE1 1 
ATOM   568  N NE2 . HIS A 1 75  ? 1.907   -0.037  10.635  1.00 14.72 ? 95  HIS A NE2 1 
ATOM   569  N N   . ASN A 1 76  ? 5.296   -3.762  12.164  1.00 15.48 ? 96  ASN A N   1 
ATOM   570  C CA  . ASN A 1 76  ? 5.489   -3.692  13.609  1.00 19.24 ? 96  ASN A CA  1 
ATOM   571  C C   . ASN A 1 76  ? 6.159   -2.395  14.074  1.00 19.11 ? 96  ASN A C   1 
ATOM   572  O O   . ASN A 1 76  ? 6.787   -2.360  15.127  1.00 16.33 ? 96  ASN A O   1 
ATOM   573  C CB  . ASN A 1 76  ? 6.329   -4.878  14.085  1.00 20.64 ? 96  ASN A CB  1 
ATOM   574  C CG  . ASN A 1 76  ? 5.749   -6.203  13.656  1.00 24.59 ? 96  ASN A CG  1 
ATOM   575  O OD1 . ASN A 1 76  ? 4.729   -6.627  14.177  1.00 23.07 ? 96  ASN A OD1 1 
ATOM   576  N ND2 . ASN A 1 76  ? 6.398   -6.865  12.693  1.00 27.68 ? 96  ASN A ND2 1 
ATOM   577  N N   . CYS A 1 77  ? 6.044   -1.334  13.289  1.00 16.94 ? 97  CYS A N   1 
ATOM   578  C CA  . CYS A 1 77  ? 6.629   -0.063  13.685  1.00 14.13 ? 97  CYS A CA  1 
ATOM   579  C C   . CYS A 1 77  ? 5.756   0.592   14.753  1.00 14.49 ? 97  CYS A C   1 
ATOM   580  O O   . CYS A 1 77  ? 4.599   0.903   14.489  1.00 12.85 ? 97  CYS A O   1 
ATOM   581  C CB  . CYS A 1 77  ? 6.750   0.857   12.471  1.00 12.69 ? 97  CYS A CB  1 
ATOM   582  S SG  . CYS A 1 77  ? 7.425   2.464   12.855  1.00 15.63 ? 97  CYS A SG  1 
ATOM   583  N N   . PRO A 1 78  ? 6.323   0.833   15.953  1.00 15.16 ? 98  PRO A N   1 
ATOM   584  C CA  . PRO A 1 78  ? 5.572   1.395   17.077  1.00 18.36 ? 98  PRO A CA  1 
ATOM   585  C C   . PRO A 1 78  ? 5.244   2.856   16.801  1.00 17.19 ? 98  PRO A C   1 
ATOM   586  O O   . PRO A 1 78  ? 6.162   3.635   16.541  1.00 14.48 ? 98  PRO A O   1 
ATOM   587  C CB  . PRO A 1 78  ? 6.564   1.303   18.255  1.00 18.22 ? 98  PRO A CB  1 
ATOM   588  C CG  . PRO A 1 78  ? 7.792   0.635   17.730  1.00 18.15 ? 98  PRO A CG  1 
ATOM   589  C CD  . PRO A 1 78  ? 7.762   0.760   16.245  1.00 17.59 ? 98  PRO A CD  1 
ATOM   590  N N   . HIS A 1 79  ? 3.965   3.216   16.839  1.00 17.06 ? 99  HIS A N   1 
ATOM   591  C CA  . HIS A 1 79  ? 3.565   4.606   16.611  1.00 16.65 ? 99  HIS A CA  1 
ATOM   592  C C   . HIS A 1 79  ? 4.281   5.487   17.618  1.00 18.79 ? 99  HIS A C   1 
ATOM   593  O O   . HIS A 1 79  ? 4.462   5.099   18.774  1.00 17.35 ? 99  HIS A O   1 
ATOM   594  C CB  . HIS A 1 79  ? 2.054   4.756   16.740  1.00 16.00 ? 99  HIS A CB  1 
ATOM   595  C CG  . HIS A 1 79  ? 1.551   6.126   16.424  1.00 15.57 ? 99  HIS A CG  1 
ATOM   596  N ND1 . HIS A 1 79  ? 1.738   7.201   17.263  1.00 18.68 ? 99  HIS A ND1 1 
ATOM   597  C CD2 . HIS A 1 79  ? 0.849   6.596   15.366  1.00 18.66 ? 99  HIS A CD2 1 
ATOM   598  C CE1 . HIS A 1 79  ? 1.178   8.275   16.737  1.00 19.40 ? 99  HIS A CE1 1 
ATOM   599  N NE2 . HIS A 1 79  ? 0.634   7.935   15.583  1.00 17.52 ? 99  HIS A NE2 1 
ATOM   600  N N   . ARG A 1 80  ? 4.691   6.672   17.186  1.00 19.45 ? 100 ARG A N   1 
ATOM   601  C CA  . ARG A 1 80  ? 5.578   7.482   18.008  1.00 20.45 ? 100 ARG A CA  1 
ATOM   602  C C   . ARG A 1 80  ? 4.976   7.883   19.344  1.00 24.76 ? 100 ARG A C   1 
ATOM   603  O O   . ARG A 1 80  ? 5.702   8.082   20.319  1.00 29.74 ? 100 ARG A O   1 
ATOM   604  C CB  . ARG A 1 80  ? 6.093   8.708   17.237  1.00 23.37 ? 100 ARG A CB  1 
ATOM   605  C CG  . ARG A 1 80  ? 5.028   9.515   16.519  1.00 22.68 ? 100 ARG A CG  1 
ATOM   606  C CD  . ARG A 1 80  ? 5.677   10.609  15.676  1.00 21.43 ? 100 ARG A CD  1 
ATOM   607  N NE  . ARG A 1 80  ? 4.697   11.412  14.955  1.00 24.03 ? 100 ARG A NE  1 
ATOM   608  C CZ  . ARG A 1 80  ? 5.008   12.444  14.174  1.00 21.77 ? 100 ARG A CZ  1 
ATOM   609  N NH1 . ARG A 1 80  ? 6.273   12.807  14.024  1.00 21.24 ? 100 ARG A NH1 1 
ATOM   610  N NH2 . ARG A 1 80  ? 4.056   13.113  13.545  1.00 23.73 ? 100 ARG A NH2 1 
ATOM   611  N N   . ASP A 1 81  ? 3.654   7.999   19.402  1.00 18.94 ? 101 ASP A N   1 
ATOM   612  C CA  . ASP A 1 81  ? 3.021   8.429   20.647  1.00 32.69 ? 101 ASP A CA  1 
ATOM   613  C C   . ASP A 1 81  ? 2.479   7.242   21.469  1.00 27.07 ? 101 ASP A C   1 
ATOM   614  O O   . ASP A 1 81  ? 2.697   7.135   22.681  1.00 28.43 ? 101 ASP A O   1 
ATOM   615  C CB  . ASP A 1 81  ? 1.917   9.455   20.346  1.00 31.79 ? 101 ASP A CB  1 
ATOM   616  C CG  . ASP A 1 81  ? 2.468   10.717  19.680  1.00 35.84 ? 101 ASP A CG  1 
ATOM   617  O OD1 . ASP A 1 81  ? 3.579   11.147  20.075  1.00 32.33 ? 101 ASP A OD1 1 
ATOM   618  O OD2 . ASP A 1 81  ? 1.813   11.268  18.761  1.00 33.14 ? 101 ASP A OD2 1 
ATOM   619  N N   . SER A 1 82  ? 1.800   6.342   20.777  1.00 22.95 ? 102 SER A N   1 
ATOM   620  C CA  . SER A 1 82  ? 0.977   5.332   21.407  1.00 22.52 ? 102 SER A CA  1 
ATOM   621  C C   . SER A 1 82  ? 1.601   3.947   21.374  1.00 17.87 ? 102 SER A C   1 
ATOM   622  O O   . SER A 1 82  ? 1.129   3.045   22.058  1.00 17.95 ? 102 SER A O   1 
ATOM   623  C CB  . SER A 1 82  ? -0.329  5.269   20.645  1.00 22.97 ? 102 SER A CB  1 
ATOM   624  O OG  . SER A 1 82  ? -0.054  4.945   19.299  1.00 17.14 ? 102 SER A OG  1 
ATOM   625  N N   . ASN A 1 83  ? 2.644   3.777   20.566  1.00 19.46 ? 103 ASN A N   1 
ATOM   626  C CA  . ASN A 1 83  ? 3.236   2.463   20.314  1.00 19.45 ? 103 ASN A CA  1 
ATOM   627  C C   . ASN A 1 83  ? 2.312   1.520   19.544  1.00 17.68 ? 103 ASN A C   1 
ATOM   628  O O   . ASN A 1 83  ? 2.569   0.325   19.440  1.00 16.93 ? 103 ASN A O   1 
ATOM   629  C CB  . ASN A 1 83  ? 3.744   1.818   21.602  1.00 17.24 ? 103 ASN A CB  1 
ATOM   630  C CG  . ASN A 1 83  ? 4.976   2.508   22.140  1.00 24.14 ? 103 ASN A CG  1 
ATOM   631  O OD1 . ASN A 1 83  ? 5.564   2.086   23.135  1.00 29.83 ? 103 ASN A OD1 1 
ATOM   632  N ND2 . ASN A 1 83  ? 5.367   3.589   21.489  1.00 29.78 ? 103 ASN A ND2 1 
ATOM   633  N N   . ALA A 1 84  ? 1.247   2.079   18.987  1.00 15.19 ? 104 ALA A N   1 
ATOM   634  C CA  . ALA A 1 84  ? 0.378   1.341   18.092  1.00 17.29 ? 104 ALA A CA  1 
ATOM   635  C C   . ALA A 1 84  ? 1.180   0.775   16.918  1.00 22.50 ? 104 ALA A C   1 
ATOM   636  O O   . ALA A 1 84  ? 2.204   1.336   16.524  1.00 16.61 ? 104 ALA A O   1 
ATOM   637  C CB  . ALA A 1 84  ? -0.725  2.233   17.584  1.00 18.96 ? 104 ALA A CB  1 
ATOM   638  N N   . THR A 1 85  ? 0.704   -0.342  16.371  1.00 20.37 ? 105 THR A N   1 
ATOM   639  C CA  . THR A 1 85  ? 1.289   -0.940  15.179  1.00 22.45 ? 105 THR A CA  1 
ATOM   640  C C   . THR A 1 85  ? 0.174   -1.283  14.208  1.00 23.30 ? 105 THR A C   1 
ATOM   641  O O   . THR A 1 85  ? 0.183   -2.342  13.578  1.00 23.69 ? 105 THR A O   1 
ATOM   642  C CB  . THR A 1 85  ? 2.070   -2.221  15.505  1.00 18.66 ? 105 THR A CB  1 
ATOM   643  O OG1 . THR A 1 85  ? 1.200   -3.158  16.151  1.00 18.66 ? 105 THR A OG1 1 
ATOM   644  C CG2 . THR A 1 85  ? 3.262   -1.917  16.410  1.00 17.38 ? 105 THR A CG2 1 
ATOM   645  N N   . ASN A 1 86  ? -0.800  -0.387  14.101  1.00 20.42 ? 106 ASN A N   1 
ATOM   646  C CA  . ASN A 1 86  ? -1.969  -0.660  13.282  1.00 21.33 ? 106 ASN A CA  1 
ATOM   647  C C   . ASN A 1 86  ? -1.640  -0.645  11.801  1.00 22.13 ? 106 ASN A C   1 
ATOM   648  O O   . ASN A 1 86  ? -0.789  0.127   11.349  1.00 15.80 ? 106 ASN A O   1 
ATOM   649  C CB  . ASN A 1 86  ? -3.098  0.323   13.589  1.00 24.96 ? 106 ASN A CB  1 
ATOM   650  C CG  . ASN A 1 86  ? -3.513  0.294   15.056  1.00 28.34 ? 106 ASN A CG  1 
ATOM   651  O OD1 . ASN A 1 86  ? -3.676  1.339   15.679  1.00 34.29 ? 106 ASN A OD1 1 
ATOM   652  N ND2 . ASN A 1 86  ? -3.668  -0.909  15.616  1.00 29.76 ? 106 ASN A ND2 1 
ATOM   653  N N   . PRO A 1 87  ? -2.309  -1.519  11.042  1.00 22.73 ? 107 PRO A N   1 
ATOM   654  C CA  . PRO A 1 87  ? -2.083  -1.558  9.600   1.00 22.04 ? 107 PRO A CA  1 
ATOM   655  C C   . PRO A 1 87  ? -2.313  -0.191  8.982   1.00 19.85 ? 107 PRO A C   1 
ATOM   656  O O   . PRO A 1 87  ? -3.152  0.586   9.441   1.00 19.53 ? 107 PRO A O   1 
ATOM   657  C CB  . PRO A 1 87  ? -3.129  -2.557  9.108   1.00 20.80 ? 107 PRO A CB  1 
ATOM   658  C CG  . PRO A 1 87  ? -3.374  -3.455  10.307  1.00 26.14 ? 107 PRO A CG  1 
ATOM   659  C CD  . PRO A 1 87  ? -3.263  -2.552  11.496  1.00 23.11 ? 107 PRO A CD  1 
ATOM   660  N N   . ILE A 1 88  ? -1.550  0.103   7.940   1.00 16.26 ? 108 ILE A N   1 
ATOM   661  C CA  . ILE A 1 88  ? -1.674  1.376   7.259   1.00 15.78 ? 108 ILE A CA  1 
ATOM   662  C C   . ILE A 1 88  ? -2.204  1.152   5.856   1.00 20.76 ? 108 ILE A C   1 
ATOM   663  O O   . ILE A 1 88  ? -1.638  0.370   5.079   1.00 17.62 ? 108 ILE A O   1 
ATOM   664  C CB  . ILE A 1 88  ? -0.318  2.121   7.215   1.00 12.88 ? 108 ILE A CB  1 
ATOM   665  C CG1 . ILE A 1 88  ? 0.077   2.572   8.626   1.00 16.76 ? 108 ILE A CG1 1 
ATOM   666  C CG2 . ILE A 1 88  ? -0.381  3.296   6.279   1.00 15.79 ? 108 ILE A CG2 1 
ATOM   667  C CD1 . ILE A 1 88  ? 1.391   3.321   8.686   1.00 13.49 ? 108 ILE A CD1 1 
ATOM   668  N N   . GLN A 1 89  ? -3.302  1.834   5.545   1.00 16.47 ? 109 GLN A N   1 
ATOM   669  C CA  . GLN A 1 89  ? -3.889  1.788   4.223   1.00 17.29 ? 109 GLN A CA  1 
ATOM   670  C C   . GLN A 1 89  ? -3.450  3.046   3.501   1.00 18.42 ? 109 GLN A C   1 
ATOM   671  O O   . GLN A 1 89  ? -3.627  4.146   4.034   1.00 16.10 ? 109 GLN A O   1 
ATOM   672  C CB  . GLN A 1 89  ? -5.422  1.759   4.323   1.00 15.64 ? 109 GLN A CB  1 
ATOM   673  C CG  . GLN A 1 89  ? -6.006  0.499   4.974   1.00 24.14 ? 109 GLN A CG  1 
ATOM   674  C CD  . GLN A 1 89  ? -6.319  -0.616  3.973   1.00 27.15 ? 109 GLN A CD  1 
ATOM   675  O OE1 . GLN A 1 89  ? -5.785  -0.653  2.849   1.00 20.98 ? 109 GLN A OE1 1 
ATOM   676  N NE2 . GLN A 1 89  ? -7.195  -1.534  4.381   1.00 26.20 ? 109 GLN A NE2 1 
ATOM   677  N N   . ILE A 1 90  ? -2.857  2.891   2.318   1.00 16.19 ? 110 ILE A N   1 
ATOM   678  C CA  . ILE A 1 90  ? -2.534  4.043   1.474   1.00 18.20 ? 110 ILE A CA  1 
ATOM   679  C C   . ILE A 1 90  ? -3.493  4.127   0.298   1.00 17.53 ? 110 ILE A C   1 
ATOM   680  O O   . ILE A 1 90  ? -3.685  3.169   -0.443  1.00 19.52 ? 110 ILE A O   1 
ATOM   681  C CB  . ILE A 1 90  ? -1.095  4.015   0.885   1.00 15.82 ? 110 ILE A CB  1 
ATOM   682  C CG1 . ILE A 1 90  ? -0.032  3.779   1.966   1.00 15.35 ? 110 ILE A CG1 1 
ATOM   683  C CG2 . ILE A 1 90  ? -0.808  5.329   0.158   1.00 17.78 ? 110 ILE A CG2 1 
ATOM   684  C CD1 . ILE A 1 90  ? -0.007  4.797   3.058   1.00 17.71 ? 110 ILE A CD1 1 
ATOM   685  N N   . ASP A 1 91  ? -4.073  5.296   0.118   1.00 19.45 ? 111 ASP A N   1 
ATOM   686  C CA  . ASP A 1 91  ? -4.995  5.548   -0.973  1.00 21.59 ? 111 ASP A CA  1 
ATOM   687  C C   . ASP A 1 91  ? -4.192  5.839   -2.227  1.00 21.94 ? 111 ASP A C   1 
ATOM   688  O O   . ASP A 1 91  ? -3.622  6.910   -2.365  1.00 21.51 ? 111 ASP A O   1 
ATOM   689  C CB  . ASP A 1 91  ? -5.856  6.756   -0.594  1.00 27.59 ? 111 ASP A CB  1 
ATOM   690  C CG  . ASP A 1 91  ? -7.175  6.809   -1.345  1.00 29.86 ? 111 ASP A CG  1 
ATOM   691  O OD1 . ASP A 1 91  ? -7.282  6.219   -2.448  1.00 29.76 ? 111 ASP A OD1 1 
ATOM   692  O OD2 . ASP A 1 91  ? -8.098  7.469   -0.821  1.00 32.46 ? 111 ASP A OD2 1 
ATOM   693  N N   . VAL A 1 92  ? -4.125  4.888   -3.146  1.00 20.11 ? 112 VAL A N   1 
ATOM   694  C CA  . VAL A 1 92  ? -3.275  5.047   -4.310  1.00 20.70 ? 112 VAL A CA  1 
ATOM   695  C C   . VAL A 1 92  ? -4.033  5.754   -5.428  1.00 26.08 ? 112 VAL A C   1 
ATOM   696  O O   . VAL A 1 92  ? -5.103  5.301   -5.830  1.00 28.49 ? 112 VAL A O   1 
ATOM   697  C CB  . VAL A 1 92  ? -2.757  3.675   -4.808  1.00 21.70 ? 112 VAL A CB  1 
ATOM   698  C CG1 . VAL A 1 92  ? -1.960  3.831   -6.074  1.00 16.98 ? 112 VAL A CG1 1 
ATOM   699  C CG2 . VAL A 1 92  ? -1.925  2.998   -3.719  1.00 22.73 ? 112 VAL A CG2 1 
ATOM   700  N N   . ILE A 1 93  ? -3.493  6.871   -5.912  1.00 20.56 ? 113 ILE A N   1 
ATOM   701  C CA  . ILE A 1 93  ? -4.111  7.580   -7.018  1.00 25.69 ? 113 ILE A CA  1 
ATOM   702  C C   . ILE A 1 93  ? -4.330  6.561   -8.110  1.00 31.70 ? 113 ILE A C   1 
ATOM   703  O O   . ILE A 1 93  ? -3.548  5.610   -8.227  1.00 29.46 ? 113 ILE A O   1 
ATOM   704  C CB  . ILE A 1 93  ? -3.215  8.710   -7.570  1.00 28.71 ? 113 ILE A CB  1 
ATOM   705  C CG1 . ILE A 1 93  ? -1.862  8.151   -8.023  1.00 22.99 ? 113 ILE A CG1 1 
ATOM   706  C CG2 . ILE A 1 93  ? -3.051  9.809   -6.537  1.00 30.02 ? 113 ILE A CG2 1 
ATOM   707  C CD1 . ILE A 1 93  ? -0.884  9.209   -8.494  1.00 27.51 ? 113 ILE A CD1 1 
ATOM   708  N N   . PRO A 1 94  ? -5.409  6.742   -8.889  1.00 35.76 ? 114 PRO A N   1 
ATOM   709  C CA  . PRO A 1 94  ? -5.838  5.893   -10.007 1.00 35.87 ? 114 PRO A CA  1 
ATOM   710  C C   . PRO A 1 94  ? -4.981  6.133   -11.238 1.00 34.97 ? 114 PRO A C   1 
ATOM   711  O O   . PRO A 1 94  ? -5.484  6.540   -12.287 1.00 38.95 ? 114 PRO A O   1 
ATOM   712  C CB  . PRO A 1 94  ? -7.271  6.371   -10.284 1.00 39.39 ? 114 PRO A CB  1 
ATOM   713  C CG  . PRO A 1 94  ? -7.668  7.192   -9.091  1.00 31.77 ? 114 PRO A CG  1 
ATOM   714  C CD  . PRO A 1 94  ? -6.405  7.780   -8.574  1.00 36.62 ? 114 PRO A CD  1 
ATOM   715  N N   . LEU A 1 95  ? -3.690  5.867   -11.104 1.00 30.85 ? 115 LEU A N   1 
ATOM   716  C CA  . LEU A 1 95  ? -2.719  6.236   -12.110 1.00 27.80 ? 115 LEU A CA  1 
ATOM   717  C C   . LEU A 1 95  ? -2.000  4.983   -12.599 1.00 30.18 ? 115 LEU A C   1 
ATOM   718  O O   . LEU A 1 95  ? -1.164  4.429   -11.879 1.00 24.89 ? 115 LEU A O   1 
ATOM   719  C CB  . LEU A 1 95  ? -1.734  7.204   -11.471 1.00 30.08 ? 115 LEU A CB  1 
ATOM   720  C CG  . LEU A 1 95  ? -0.670  7.875   -12.327 1.00 35.97 ? 115 LEU A CG  1 
ATOM   721  C CD1 . LEU A 1 95  ? -0.560  9.336   -11.915 1.00 35.86 ? 115 LEU A CD1 1 
ATOM   722  C CD2 . LEU A 1 95  ? 0.668   7.157   -12.157 1.00 34.31 ? 115 LEU A CD2 1 
ATOM   723  N N   . PHE A 1 96  ? -2.304  4.548   -13.824 1.00 25.23 ? 116 PHE A N   1 
ATOM   724  C CA  . PHE A 1 96  ? -1.893  3.216   -14.282 1.00 27.43 ? 116 PHE A CA  1 
ATOM   725  C C   . PHE A 1 96  ? -0.713  3.210   -15.261 1.00 29.12 ? 116 PHE A C   1 
ATOM   726  O O   . PHE A 1 96  ? -0.470  4.195   -15.952 1.00 30.31 ? 116 PHE A O   1 
ATOM   727  C CB  . PHE A 1 96  ? -3.100  2.462   -14.867 1.00 24.89 ? 116 PHE A CB  1 
ATOM   728  C CG  . PHE A 1 96  ? -4.327  2.484   -13.970 1.00 27.99 ? 116 PHE A CG  1 
ATOM   729  C CD1 . PHE A 1 96  ? -4.386  1.691   -12.832 1.00 24.96 ? 116 PHE A CD1 1 
ATOM   730  C CD2 . PHE A 1 96  ? -5.411  3.303   -14.265 1.00 25.86 ? 116 PHE A CD2 1 
ATOM   731  C CE1 . PHE A 1 96  ? -5.503  1.717   -12.002 1.00 25.61 ? 116 PHE A CE1 1 
ATOM   732  C CE2 . PHE A 1 96  ? -6.542  3.324   -13.440 1.00 30.07 ? 116 PHE A CE2 1 
ATOM   733  C CZ  . PHE A 1 96  ? -6.583  2.536   -12.309 1.00 23.61 ? 116 PHE A CZ  1 
ATOM   734  N N   . LEU A 1 97  ? 0.037   2.109   -15.296 1.00 28.06 ? 117 LEU A N   1 
ATOM   735  C CA  . LEU A 1 97  ? 1.126   1.965   -16.263 1.00 28.22 ? 117 LEU A CA  1 
ATOM   736  C C   . LEU A 1 97  ? 0.634   2.453   -17.634 1.00 33.05 ? 117 LEU A C   1 
ATOM   737  O O   . LEU A 1 97  ? -0.528  2.222   -18.001 1.00 27.79 ? 117 LEU A O   1 
ATOM   738  C CB  . LEU A 1 97  ? 1.569   0.500   -16.385 1.00 28.80 ? 117 LEU A CB  1 
ATOM   739  C CG  . LEU A 1 97  ? 2.366   -0.213  -15.292 1.00 26.99 ? 117 LEU A CG  1 
ATOM   740  C CD1 . LEU A 1 97  ? 3.771   0.357   -15.106 1.00 24.62 ? 117 LEU A CD1 1 
ATOM   741  C CD2 . LEU A 1 97  ? 1.605   -0.132  -14.016 1.00 30.31 ? 117 LEU A CD2 1 
ATOM   742  N N   . PRO A 1 98  ? 1.524   3.080   -18.422 1.00 31.73 ? 118 PRO A N   1 
ATOM   743  C CA  . PRO A 1 98  ? 2.976   3.206   -18.204 1.00 30.54 ? 118 PRO A CA  1 
ATOM   744  C C   . PRO A 1 98  ? 3.391   4.102   -17.015 1.00 30.22 ? 118 PRO A C   1 
ATOM   745  O O   . PRO A 1 98  ? 4.560   4.177   -16.644 1.00 29.68 ? 118 PRO A O   1 
ATOM   746  C CB  . PRO A 1 98  ? 3.472   3.793   -19.531 1.00 34.23 ? 118 PRO A CB  1 
ATOM   747  C CG  . PRO A 1 98  ? 2.295   4.509   -20.097 1.00 34.53 ? 118 PRO A CG  1 
ATOM   748  C CD  . PRO A 1 98  ? 1.092   3.726   -19.677 1.00 29.73 ? 118 PRO A CD  1 
ATOM   749  N N   . SER A 1 99  ? 2.427   4.776   -16.415 1.00 32.14 ? 119 SER A N   1 
ATOM   750  C CA  . SER A 1 99  ? 2.709   5.557   -15.234 1.00 29.05 ? 119 SER A CA  1 
ATOM   751  C C   . SER A 1 99  ? 3.027   4.652   -14.030 1.00 27.99 ? 119 SER A C   1 
ATOM   752  O O   . SER A 1 99  ? 2.458   3.567   -13.882 1.00 25.58 ? 119 SER A O   1 
ATOM   753  C CB  . SER A 1 99  ? 1.542   6.501   -14.939 1.00 35.23 ? 119 SER A CB  1 
ATOM   754  O OG  . SER A 1 99  ? 1.475   7.558   -15.882 1.00 33.71 ? 119 SER A OG  1 
ATOM   755  N N   . ILE A 1 100 ? 3.955   5.118   -13.196 1.00 29.44 ? 120 ILE A N   1 
ATOM   756  C CA  . ILE A 1 100 ? 4.416   4.418   -11.999 1.00 24.97 ? 120 ILE A CA  1 
ATOM   757  C C   . ILE A 1 100 ? 4.275   5.376   -10.831 1.00 23.75 ? 120 ILE A C   1 
ATOM   758  O O   . ILE A 1 100 ? 4.625   6.547   -10.942 1.00 22.08 ? 120 ILE A O   1 
ATOM   759  C CB  . ILE A 1 100 ? 5.904   4.066   -12.109 1.00 24.10 ? 120 ILE A CB  1 
ATOM   760  C CG1 . ILE A 1 100 ? 6.151   3.129   -13.285 1.00 23.25 ? 120 ILE A CG1 1 
ATOM   761  C CG2 . ILE A 1 100 ? 6.438   3.482   -10.788 1.00 23.13 ? 120 ILE A CG2 1 
ATOM   762  C CD1 . ILE A 1 100 ? 7.612   2.923   -13.550 1.00 29.29 ? 120 ILE A CD1 1 
ATOM   763  N N   . VAL A 1 101 ? 3.756   4.879   -9.713  1.00 21.94 ? 121 VAL A N   1 
ATOM   764  C CA  . VAL A 1 101 ? 3.526   5.716   -8.543  1.00 20.17 ? 121 VAL A CA  1 
ATOM   765  C C   . VAL A 1 101 ? 4.712   5.603   -7.591  1.00 20.03 ? 121 VAL A C   1 
ATOM   766  O O   . VAL A 1 101 ? 4.910   4.573   -6.958  1.00 18.84 ? 121 VAL A O   1 
ATOM   767  C CB  . VAL A 1 101 ? 2.224   5.322   -7.824  1.00 20.12 ? 121 VAL A CB  1 
ATOM   768  C CG1 . VAL A 1 101 ? 1.997   6.186   -6.587  1.00 19.36 ? 121 VAL A CG1 1 
ATOM   769  C CG2 . VAL A 1 101 ? 1.052   5.455   -8.773  1.00 25.50 ? 121 VAL A CG2 1 
ATOM   770  N N   . ARG A 1 102 ? 5.520   6.653   -7.521  1.00 17.46 ? 122 ARG A N   1 
ATOM   771  C CA  . ARG A 1 102 ? 6.664   6.668   -6.627  1.00 20.39 ? 122 ARG A CA  1 
ATOM   772  C C   . ARG A 1 102 ? 6.268   7.422   -5.381  1.00 19.75 ? 122 ARG A C   1 
ATOM   773  O O   . ARG A 1 102 ? 6.071   8.639   -5.416  1.00 18.88 ? 122 ARG A O   1 
ATOM   774  C CB  . ARG A 1 102 ? 7.889   7.286   -7.306  1.00 20.37 ? 122 ARG A CB  1 
ATOM   775  C CG  . ARG A 1 102 ? 8.306   6.513   -8.552  1.00 22.67 ? 122 ARG A CG  1 
ATOM   776  C CD  . ARG A 1 102 ? 9.742   6.775   -8.973  1.00 27.11 ? 122 ARG A CD  1 
ATOM   777  N NE  . ARG A 1 102 ? 10.078  6.056   -10.205 1.00 35.16 ? 122 ARG A NE  1 
ATOM   778  C CZ  . ARG A 1 102 ? 10.728  4.894   -10.248 1.00 35.46 ? 122 ARG A CZ  1 
ATOM   779  N NH1 . ARG A 1 102 ? 11.130  4.309   -9.126  1.00 40.24 ? 122 ARG A NH1 1 
ATOM   780  N NH2 . ARG A 1 102 ? 10.985  4.318   -11.412 1.00 34.36 ? 122 ARG A NH2 1 
ATOM   781  N N   . LEU A 1 103 ? 6.113   6.686   -4.283  1.00 15.05 ? 123 LEU A N   1 
ATOM   782  C CA  . LEU A 1 103 ? 5.568   7.259   -3.064  1.00 14.54 ? 123 LEU A CA  1 
ATOM   783  C C   . LEU A 1 103 ? 6.631   7.964   -2.235  1.00 18.02 ? 123 LEU A C   1 
ATOM   784  O O   . LEU A 1 103 ? 6.306   8.781   -1.377  1.00 18.74 ? 123 LEU A O   1 
ATOM   785  C CB  . LEU A 1 103 ? 4.876   6.183   -2.238  1.00 11.73 ? 123 LEU A CB  1 
ATOM   786  C CG  . LEU A 1 103 ? 3.672   5.582   -2.949  1.00 15.87 ? 123 LEU A CG  1 
ATOM   787  C CD1 . LEU A 1 103 ? 3.162   4.343   -2.236  1.00 17.97 ? 123 LEU A CD1 1 
ATOM   788  C CD2 . LEU A 1 103 ? 2.571   6.635   -3.067  1.00 21.14 ? 123 LEU A CD2 1 
ATOM   789  N N   . GLY A 1 104 ? 7.900   7.650   -2.490  1.00 14.50 ? 124 GLY A N   1 
ATOM   790  C CA  . GLY A 1 104 ? 8.977   8.178   -1.674  1.00 17.84 ? 124 GLY A CA  1 
ATOM   791  C C   . GLY A 1 104 ? 9.010   7.534   -0.296  1.00 15.09 ? 124 GLY A C   1 
ATOM   792  O O   . GLY A 1 104 ? 8.626   6.375   -0.135  1.00 13.19 ? 124 GLY A O   1 
ATOM   793  N N   . ASN A 1 105 ? 9.475   8.284   0.698   1.00 13.10 ? 125 ASN A N   1 
ATOM   794  C CA  . ASN A 1 105 ? 9.554   7.780   2.068   1.00 15.94 ? 125 ASN A CA  1 
ATOM   795  C C   . ASN A 1 105 ? 8.174   7.586   2.662   1.00 12.59 ? 125 ASN A C   1 
ATOM   796  O O   . ASN A 1 105 ? 7.396   8.526   2.730   1.00 17.28 ? 125 ASN A O   1 
ATOM   797  C CB  . ASN A 1 105 ? 10.376  8.729   2.945   1.00 16.58 ? 125 ASN A CB  1 
ATOM   798  C CG  . ASN A 1 105 ? 11.860  8.685   2.614   1.00 19.18 ? 125 ASN A CG  1 
ATOM   799  O OD1 . ASN A 1 105 ? 12.303  7.841   1.844   1.00 17.87 ? 125 ASN A OD1 1 
ATOM   800  N ND2 . ASN A 1 105 ? 12.630  9.592   3.200   1.00 19.42 ? 125 ASN A ND2 1 
ATOM   801  N N   . VAL A 1 106 ? 7.871   6.360   3.072   1.00 12.99 ? 126 VAL A N   1 
ATOM   802  C CA  . VAL A 1 106 ? 6.571   6.027   3.659   1.00 11.93 ? 126 VAL A CA  1 
ATOM   803  C C   . VAL A 1 106 ? 6.720   5.742   5.150   1.00 13.08 ? 126 VAL A C   1 
ATOM   804  O O   . VAL A 1 106 ? 7.228   4.686   5.539   1.00 14.27 ? 126 VAL A O   1 
ATOM   805  C CB  . VAL A 1 106 ? 5.985   4.778   3.000   1.00 11.92 ? 126 VAL A CB  1 
ATOM   806  C CG1 . VAL A 1 106 ? 4.670   4.381   3.671   1.00 12.83 ? 126 VAL A CG1 1 
ATOM   807  C CG2 . VAL A 1 106 ? 5.806   5.000   1.483   1.00 12.14 ? 126 VAL A CG2 1 
ATOM   808  N N   . TYR A 1 107 ? 6.249   6.660   5.981   1.00 10.96 ? 127 TYR A N   1 
ATOM   809  C CA  . TYR A 1 107 ? 6.441   6.573   7.420   1.00 11.21 ? 127 TYR A CA  1 
ATOM   810  C C   . TYR A 1 107 ? 5.405   5.695   8.107   1.00 13.42 ? 127 TYR A C   1 
ATOM   811  O O   . TYR A 1 107 ? 4.199   5.879   7.922   1.00 12.83 ? 127 TYR A O   1 
ATOM   812  C CB  . TYR A 1 107 ? 6.431   7.979   8.026   1.00 14.27 ? 127 TYR A CB  1 
ATOM   813  C CG  . TYR A 1 107 ? 7.711   8.739   7.771   1.00 15.20 ? 127 TYR A CG  1 
ATOM   814  C CD1 . TYR A 1 107 ? 7.977   9.290   6.524   1.00 15.10 ? 127 TYR A CD1 1 
ATOM   815  C CD2 . TYR A 1 107 ? 8.667   8.878   8.770   1.00 14.06 ? 127 TYR A CD2 1 
ATOM   816  C CE1 . TYR A 1 107 ? 9.157   9.980   6.281   1.00 19.66 ? 127 TYR A CE1 1 
ATOM   817  C CE2 . TYR A 1 107 ? 9.845   9.555   8.539   1.00 15.94 ? 127 TYR A CE2 1 
ATOM   818  C CZ  . TYR A 1 107 ? 10.085  10.112  7.297   1.00 17.72 ? 127 TYR A CZ  1 
ATOM   819  O OH  . TYR A 1 107 ? 11.263  10.798  7.067   1.00 17.06 ? 127 TYR A OH  1 
ATOM   820  N N   . LEU A 1 108 ? 5.884   4.764   8.930   1.00 13.14 ? 128 LEU A N   1 
ATOM   821  C CA  . LEU A 1 108 ? 5.014   3.780   9.569   1.00 11.31 ? 128 LEU A CA  1 
ATOM   822  C C   . LEU A 1 108 ? 4.779   4.098   11.043  1.00 13.25 ? 128 LEU A C   1 
ATOM   823  O O   . LEU A 1 108 ? 4.127   3.337   11.749  1.00 14.08 ? 128 LEU A O   1 
ATOM   824  C CB  . LEU A 1 108 ? 5.625   2.376   9.433   1.00 11.65 ? 128 LEU A CB  1 
ATOM   825  C CG  . LEU A 1 108 ? 5.935   1.861   8.024   1.00 10.76 ? 128 LEU A CG  1 
ATOM   826  C CD1 . LEU A 1 108 ? 6.560   0.463   8.070   1.00 11.38 ? 128 LEU A CD1 1 
ATOM   827  C CD2 . LEU A 1 108 ? 4.678   1.884   7.161   1.00 11.56 ? 128 LEU A CD2 1 
ATOM   828  N N   . ASP A 1 109 ? 5.314   5.223   11.506  1.00 14.62 ? 129 ASP A N   1 
ATOM   829  C CA  . ASP A 1 109 ? 5.223   5.584   12.921  1.00 14.22 ? 129 ASP A CA  1 
ATOM   830  C C   . ASP A 1 109 ? 4.247   6.730   13.155  1.00 17.09 ? 129 ASP A C   1 
ATOM   831  O O   . ASP A 1 109 ? 4.217   7.306   14.242  1.00 17.81 ? 129 ASP A O   1 
ATOM   832  C CB  . ASP A 1 109 ? 6.590   6.002   13.449  1.00 17.47 ? 129 ASP A CB  1 
ATOM   833  C CG  . ASP A 1 109 ? 7.050   7.321   12.861  1.00 16.16 ? 129 ASP A CG  1 
ATOM   834  O OD1 . ASP A 1 109 ? 6.636   7.631   11.735  1.00 12.81 ? 129 ASP A OD1 1 
ATOM   835  O OD2 . ASP A 1 109 ? 7.806   8.044   13.524  1.00 15.39 ? 129 ASP A OD2 1 
ATOM   836  N N   . ARG A 1 110 ? 3.472   7.066   12.132  1.00 15.32 ? 130 ARG A N   1 
ATOM   837  C CA  . ARG A 1 110 ? 2.495   8.137   12.212  1.00 19.30 ? 130 ARG A CA  1 
ATOM   838  C C   . ARG A 1 110 ? 1.331   7.800   11.279  1.00 18.55 ? 130 ARG A C   1 
ATOM   839  O O   . ARG A 1 110 ? 1.544   7.213   10.223  1.00 18.17 ? 130 ARG A O   1 
ATOM   840  C CB  . ARG A 1 110 ? 3.141   9.472   11.834  1.00 18.54 ? 130 ARG A CB  1 
ATOM   841  C CG  . ARG A 1 110 ? 3.648   9.577   10.390  1.00 16.02 ? 130 ARG A CG  1 
ATOM   842  C CD  . ARG A 1 110 ? 4.734   10.652  10.267  1.00 18.55 ? 130 ARG A CD  1 
ATOM   843  N NE  . ARG A 1 110 ? 5.903   10.294  11.072  1.00 18.53 ? 130 ARG A NE  1 
ATOM   844  C CZ  . ARG A 1 110 ? 6.977   11.060  11.231  1.00 20.39 ? 130 ARG A CZ  1 
ATOM   845  N NH1 . ARG A 1 110 ? 7.037   12.241  10.641  1.00 16.71 ? 130 ARG A NH1 1 
ATOM   846  N NH2 . ARG A 1 110 ? 7.987   10.642  11.980  1.00 20.82 ? 130 ARG A NH2 1 
ATOM   847  N N   . TYR A 1 111 ? 0.107   8.148   11.675  1.00 16.95 ? 131 TYR A N   1 
ATOM   848  C CA  . TYR A 1 111 ? -1.080  7.838   10.867  1.00 20.82 ? 131 TYR A CA  1 
ATOM   849  C C   . TYR A 1 111 ? -1.798  9.079   10.347  1.00 24.79 ? 131 TYR A C   1 
ATOM   850  O O   . TYR A 1 111 ? -1.741  10.157  10.943  1.00 22.04 ? 131 TYR A O   1 
ATOM   851  C CB  . TYR A 1 111 ? -2.091  6.984   11.647  1.00 20.94 ? 131 TYR A CB  1 
ATOM   852  C CG  . TYR A 1 111 ? -1.480  5.795   12.346  1.00 20.19 ? 131 TYR A CG  1 
ATOM   853  C CD1 . TYR A 1 111 ? -0.437  5.085   11.769  1.00 13.79 ? 131 TYR A CD1 1 
ATOM   854  C CD2 . TYR A 1 111 ? -1.938  5.392   13.587  1.00 18.01 ? 131 TYR A CD2 1 
ATOM   855  C CE1 . TYR A 1 111 ? 0.139   4.001   12.420  1.00 17.33 ? 131 TYR A CE1 1 
ATOM   856  C CE2 . TYR A 1 111 ? -1.377  4.315   14.245  1.00 20.88 ? 131 TYR A CE2 1 
ATOM   857  C CZ  . TYR A 1 111 ? -0.337  3.621   13.663  1.00 19.91 ? 131 TYR A CZ  1 
ATOM   858  O OH  . TYR A 1 111 ? 0.224   2.548   14.328  1.00 17.33 ? 131 TYR A OH  1 
ATOM   859  N N   . LEU A 1 112 ? -2.496  8.893   9.237   1.00 22.71 ? 132 LEU A N   1 
ATOM   860  C CA  . LEU A 1 112 ? -3.302  9.934   8.623   1.00 28.82 ? 132 LEU A CA  1 
ATOM   861  C C   . LEU A 1 112 ? -4.217  10.645  9.619   1.00 29.37 ? 132 LEU A C   1 
ATOM   862  O O   . LEU A 1 112 ? -4.363  11.860  9.567   1.00 34.61 ? 132 LEU A O   1 
ATOM   863  C CB  . LEU A 1 112 ? -4.137  9.332   7.492   1.00 25.35 ? 132 LEU A CB  1 
ATOM   864  C CG  . LEU A 1 112 ? -4.626  10.341  6.466   1.00 32.64 ? 132 LEU A CG  1 
ATOM   865  C CD1 . LEU A 1 112 ? -3.437  11.166  5.958   1.00 29.51 ? 132 LEU A CD1 1 
ATOM   866  C CD2 . LEU A 1 112 ? -5.348  9.630   5.325   1.00 29.71 ? 132 LEU A CD2 1 
ATOM   867  N N   . GLU A 1 113 ? -4.830  9.885   10.521  1.00 28.44 ? 133 GLU A N   1 
ATOM   868  C CA  . GLU A 1 113 ? -5.766  10.442  11.492  1.00 31.30 ? 133 GLU A CA  1 
ATOM   869  C C   . GLU A 1 113 ? -5.085  11.395  12.453  1.00 35.58 ? 133 GLU A C   1 
ATOM   870  O O   . GLU A 1 113 ? -5.705  12.344  12.939  1.00 37.36 ? 133 GLU A O   1 
ATOM   871  C CB  . GLU A 1 113 ? -6.436  9.341   12.321  1.00 32.88 ? 133 GLU A CB  1 
ATOM   872  C CG  . GLU A 1 113 ? -6.913  8.148   11.530  1.00 41.33 ? 133 GLU A CG  1 
ATOM   873  C CD  . GLU A 1 113 ? -5.810  7.130   11.306  1.00 37.84 ? 133 GLU A CD  1 
ATOM   874  O OE1 . GLU A 1 113 ? -5.522  6.344   12.239  1.00 37.05 ? 133 GLU A OE1 1 
ATOM   875  O OE2 . GLU A 1 113 ? -5.233  7.128   10.198  1.00 34.89 ? 133 GLU A OE2 1 
ATOM   876  N N   . ASP A 1 114 ? -3.822  11.129  12.756  1.00 24.45 ? 134 ASP A N   1 
ATOM   877  C CA  . ASP A 1 114 ? -3.112  11.967  13.703  1.00 30.53 ? 134 ASP A CA  1 
ATOM   878  C C   . ASP A 1 114 ? -3.308  13.439  13.356  1.00 33.56 ? 134 ASP A C   1 
ATOM   879  O O   . ASP A 1 114 ? -3.740  14.230  14.190  1.00 36.63 ? 134 ASP A O   1 
ATOM   880  C CB  . ASP A 1 114 ? -1.622  11.627  13.729  1.00 25.18 ? 134 ASP A CB  1 
ATOM   881  C CG  . ASP A 1 114 ? -1.357  10.202  14.177  1.00 25.84 ? 134 ASP A CG  1 
ATOM   882  O OD1 . ASP A 1 114 ? -2.247  9.570   14.794  1.00 26.40 ? 134 ASP A OD1 1 
ATOM   883  O OD2 . ASP A 1 114 ? -0.246  9.724   13.914  1.00 20.45 ? 134 ASP A OD2 1 
ATOM   884  N N   . TYR A 1 115 ? -2.997  13.791  12.113  1.00 34.82 ? 135 TYR A N   1 
ATOM   885  C CA  . TYR A 1 115 ? -3.058  15.173  11.669  1.00 38.15 ? 135 TYR A CA  1 
ATOM   886  C C   . TYR A 1 115 ? -4.483  15.602  11.341  1.00 40.86 ? 135 TYR A C   1 
ATOM   887  O O   . TYR A 1 115 ? -4.967  16.621  11.844  1.00 46.01 ? 135 TYR A O   1 
ATOM   888  C CB  . TYR A 1 115 ? -2.148  15.374  10.459  1.00 38.86 ? 135 TYR A CB  1 
ATOM   889  C CG  . TYR A 1 115 ? -2.039  16.818  10.014  1.00 43.16 ? 135 TYR A CG  1 
ATOM   890  C CD1 . TYR A 1 115 ? -1.129  17.684  10.610  1.00 45.33 ? 135 TYR A CD1 1 
ATOM   891  C CD2 . TYR A 1 115 ? -2.845  17.313  8.996   1.00 42.92 ? 135 TYR A CD2 1 
ATOM   892  C CE1 . TYR A 1 115 ? -1.025  19.006  10.201  1.00 46.01 ? 135 TYR A CE1 1 
ATOM   893  C CE2 . TYR A 1 115 ? -2.750  18.630  8.580   1.00 46.07 ? 135 TYR A CE2 1 
ATOM   894  C CZ  . TYR A 1 115 ? -1.838  19.473  9.184   1.00 50.98 ? 135 TYR A CZ  1 
ATOM   895  O OH  . TYR A 1 115 ? -1.743  20.784  8.769   1.00 59.61 ? 135 TYR A OH  1 
ATOM   896  N N   . HIS A 1 116 ? -5.144  14.820  10.493  1.00 44.50 ? 136 HIS A N   1 
ATOM   897  C CA  . HIS A 1 116 ? -6.517  15.095  10.069  1.00 43.35 ? 136 HIS A CA  1 
ATOM   898  C C   . HIS A 1 116 ? -7.443  15.521  11.208  1.00 43.84 ? 136 HIS A C   1 
ATOM   899  O O   . HIS A 1 116 ? -8.366  16.314  11.013  1.00 46.80 ? 136 HIS A O   1 
ATOM   900  C CB  . HIS A 1 116 ? -7.107  13.871  9.379   1.00 41.08 ? 136 HIS A CB  1 
ATOM   901  C CG  . HIS A 1 116 ? -6.824  13.809  7.913   1.00 44.21 ? 136 HIS A CG  1 
ATOM   902  N ND1 . HIS A 1 116 ? -7.435  12.901  7.075   1.00 46.87 ? 136 HIS A ND1 1 
ATOM   903  C CD2 . HIS A 1 116 ? -6.001  14.549  7.130   1.00 45.84 ? 136 HIS A CD2 1 
ATOM   904  C CE1 . HIS A 1 116 ? -7.002  13.081  5.841   1.00 38.89 ? 136 HIS A CE1 1 
ATOM   905  N NE2 . HIS A 1 116 ? -6.129  14.075  5.846   1.00 46.24 ? 136 HIS A NE2 1 
ATOM   906  N N   . HIS A 1 117 ? -7.201  14.991  12.397  1.00 43.73 ? 137 HIS A N   1 
ATOM   907  C CA  . HIS A 1 117 ? -8.054  15.306  13.530  1.00 47.32 ? 137 HIS A CA  1 
ATOM   908  C C   . HIS A 1 117 ? -7.374  16.252  14.515  1.00 46.04 ? 137 HIS A C   1 
ATOM   909  O O   . HIS A 1 117 ? -8.027  16.818  15.387  1.00 51.63 ? 137 HIS A O   1 
ATOM   910  C CB  . HIS A 1 117 ? -8.500  14.017  14.219  1.00 47.73 ? 137 HIS A CB  1 
ATOM   911  C CG  . HIS A 1 117 ? -9.361  13.148  13.355  1.00 49.21 ? 137 HIS A CG  1 
ATOM   912  N ND1 . HIS A 1 117 ? -9.517  11.795  13.578  1.00 51.41 ? 137 HIS A ND1 1 
ATOM   913  C CD2 . HIS A 1 117 ? -10.124 13.439  12.274  1.00 47.74 ? 137 HIS A CD2 1 
ATOM   914  C CE1 . HIS A 1 117 ? -10.332 11.293  12.667  1.00 52.46 ? 137 HIS A CE1 1 
ATOM   915  N NE2 . HIS A 1 117 ? -10.715 12.270  11.862  1.00 42.17 ? 137 HIS A NE2 1 
HETATM 916  O O   . HOH B 2 .   ? 2.723   2.709   13.968  1.00 11.66 ? 201 HOH A O   1 
HETATM 917  O O   . HOH B 2 .   ? 14.447  2.955   5.021   1.00 16.56 ? 202 HOH A O   1 
HETATM 918  O O   . HOH B 2 .   ? 0.212   -3.506  11.124  1.00 15.96 ? 203 HOH A O   1 
HETATM 919  O O   . HOH B 2 .   ? -0.862  3.911   23.708  1.00 13.87 ? 204 HOH A O   1 
HETATM 920  O O   . HOH B 2 .   ? -11.395 5.125   -3.271  1.00 19.57 ? 205 HOH A O   1 
HETATM 921  O O   . HOH B 2 .   ? -4.192  -10.362 -9.205  1.00 15.65 ? 206 HOH A O   1 
HETATM 922  O O   . HOH B 2 .   ? 9.444   -5.097  -3.423  1.00 17.29 ? 207 HOH A O   1 
HETATM 923  O O   . HOH B 2 .   ? 6.549   -8.811  -5.284  1.00 11.83 ? 208 HOH A O   1 
HETATM 924  O O   . HOH B 2 .   ? -6.132  -8.771  -10.164 1.00 15.15 ? 209 HOH A O   1 
HETATM 925  O O   . HOH B 2 .   ? 16.918  -7.727  1.455   1.00 14.04 ? 210 HOH A O   1 
HETATM 926  O O   . HOH B 2 .   ? -2.819  6.219   5.628   1.00 19.31 ? 211 HOH A O   1 
HETATM 927  O O   . HOH B 2 .   ? -2.152  -0.090  -17.390 1.00 23.81 ? 212 HOH A O   1 
HETATM 928  O O   . HOH B 2 .   ? -13.724 5.605   -13.509 1.00 25.00 ? 213 HOH A O   1 
HETATM 929  O O   . HOH B 2 .   ? -16.498 -4.118  -9.615  1.00 18.45 ? 214 HOH A O   1 
HETATM 930  O O   . HOH B 2 .   ? 7.587   -4.073  10.682  1.00 14.13 ? 215 HOH A O   1 
HETATM 931  O O   . HOH B 2 .   ? 7.327   -6.819  -7.147  0.50 22.85 ? 216 HOH A O   1 
HETATM 932  O O   . HOH B 2 .   ? -1.195  7.784   -4.169  1.00 17.61 ? 217 HOH A O   1 
HETATM 933  O O   . HOH B 2 .   ? -0.460  6.608   24.421  1.00 24.90 ? 218 HOH A O   1 
HETATM 934  O O   . HOH B 2 .   ? 11.601  11.639  4.615   1.00 17.70 ? 219 HOH A O   1 
HETATM 935  O O   . HOH B 2 .   ? -19.091 -3.732  -10.164 1.00 18.33 ? 220 HOH A O   1 
HETATM 936  O O   . HOH B 2 .   ? -16.899 -9.981  0.117   1.00 28.74 ? 221 HOH A O   1 
HETATM 937  O O   . HOH B 2 .   ? 6.554   10.305  0.826   1.00 20.07 ? 222 HOH A O   1 
HETATM 938  O O   . HOH B 2 .   ? -3.738  7.459   2.143   1.00 22.09 ? 223 HOH A O   1 
HETATM 939  O O   . HOH B 2 .   ? 7.473   -5.362  -9.639  1.00 23.54 ? 224 HOH A O   1 
HETATM 940  O O   . HOH B 2 .   ? -10.222 -10.410 -9.772  1.00 23.25 ? 225 HOH A O   1 
HETATM 941  O O   . HOH B 2 .   ? 4.944   -7.494  7.862   1.00 13.98 ? 226 HOH A O   1 
HETATM 942  O O   . HOH B 2 .   ? -21.128 -4.035  -8.193  1.00 26.46 ? 227 HOH A O   1 
HETATM 943  O O   . HOH B 2 .   ? -4.174  -13.209 1.753   1.00 26.67 ? 228 HOH A O   1 
HETATM 944  O O   . HOH B 2 .   ? 4.763   13.922  9.312   1.00 28.28 ? 229 HOH A O   1 
HETATM 945  O O   . HOH B 2 .   ? 7.587   4.693   20.045  1.00 34.16 ? 230 HOH A O   1 
HETATM 946  O O   . HOH B 2 .   ? -8.036  -7.727  -8.195  1.00 17.16 ? 231 HOH A O   1 
HETATM 947  O O   . HOH B 2 .   ? 0.787   2.712   -11.788 1.00 29.00 ? 232 HOH A O   1 
HETATM 948  O O   . HOH B 2 .   ? -2.835  2.887   11.341  1.00 20.19 ? 233 HOH A O   1 
HETATM 949  O O   . HOH B 2 .   ? -7.115  4.796   -4.752  1.00 27.13 ? 234 HOH A O   1 
HETATM 950  O O   . HOH B 2 .   ? 0.105   -6.225  4.133   1.00 17.19 ? 235 HOH A O   1 
HETATM 951  O O   . HOH B 2 .   ? -3.508  4.401   9.825   1.00 27.84 ? 236 HOH A O   1 
HETATM 952  O O   . HOH B 2 .   ? -1.498  -1.515  17.802  1.00 26.09 ? 237 HOH A O   1 
HETATM 953  O O   . HOH B 2 .   ? 12.692  -9.064  1.892   1.00 21.28 ? 238 HOH A O   1 
HETATM 954  O O   . HOH B 2 .   ? 15.015  -8.973  3.213   1.00 21.58 ? 239 HOH A O   1 
HETATM 955  O O   . HOH B 2 .   ? -13.676 -7.999  -10.217 1.00 27.59 ? 240 HOH A O   1 
HETATM 956  O O   . HOH B 2 .   ? 5.195   10.932  -2.246  1.00 17.89 ? 241 HOH A O   1 
HETATM 957  O O   . HOH B 2 .   ? -15.372 -0.160  -4.504  1.00 20.11 ? 242 HOH A O   1 
HETATM 958  O O   . HOH B 2 .   ? 11.436  -5.413  -1.505  1.00 18.17 ? 243 HOH A O   1 
HETATM 959  O O   . HOH B 2 .   ? -13.162 -10.175 -2.170  1.00 30.28 ? 244 HOH A O   1 
HETATM 960  O O   . HOH B 2 .   ? 17.655  -0.288  6.605   1.00 26.44 ? 245 HOH A O   1 
HETATM 961  O O   . HOH B 2 .   ? -10.077 -10.909 -2.191  1.00 27.83 ? 246 HOH A O   1 
HETATM 962  O O   . HOH B 2 .   ? 15.769  -7.852  5.566   1.00 27.94 ? 247 HOH A O   1 
HETATM 963  O O   . HOH B 2 .   ? -0.352  -5.021  15.005  1.00 28.10 ? 248 HOH A O   1 
HETATM 964  O O   . HOH B 2 .   ? -2.445  6.395   8.135   1.00 24.64 ? 249 HOH A O   1 
HETATM 965  O O   . HOH B 2 .   ? -9.016  6.876   -5.623  1.00 33.69 ? 250 HOH A O   1 
HETATM 966  O O   . HOH B 2 .   ? 8.974   -3.374  16.120  1.00 27.67 ? 251 HOH A O   1 
HETATM 967  O O   . HOH B 2 .   ? 16.504  0.320   9.078   1.00 22.83 ? 252 HOH A O   1 
HETATM 968  O O   . HOH B 2 .   ? -9.515  -7.802  1.025   1.00 33.72 ? 253 HOH A O   1 
HETATM 969  O O   . HOH B 2 .   ? -6.041  6.049   3.560   1.00 26.29 ? 254 HOH A O   1 
HETATM 970  O O   . HOH B 2 .   ? -8.999  -6.429  -10.173 1.00 25.54 ? 255 HOH A O   1 
HETATM 971  O O   . HOH B 2 .   ? -15.602 -6.318  -11.152 1.00 24.34 ? 256 HOH A O   1 
HETATM 972  O O   . HOH B 2 .   ? -4.850  3.382   12.757  1.00 25.26 ? 257 HOH A O   1 
HETATM 973  O O   . HOH B 2 .   ? -13.931 1.718   -5.915  1.00 21.20 ? 258 HOH A O   1 
HETATM 974  O O   . HOH B 2 .   ? 9.416   9.452   15.436  1.00 26.99 ? 259 HOH A O   1 
HETATM 975  O O   . HOH B 2 .   ? -10.077 8.787   -1.557  1.00 29.14 ? 260 HOH A O   1 
HETATM 976  O O   . HOH B 2 .   ? 12.008  1.392   -9.851  1.00 30.94 ? 261 HOH A O   1 
HETATM 977  O O   . HOH B 2 .   ? -0.438  -1.640  -18.876 1.00 30.18 ? 262 HOH A O   1 
HETATM 978  O O   . HOH B 2 .   ? 7.137   -12.286 8.664   1.00 31.15 ? 263 HOH A O   1 
HETATM 979  O O   . HOH B 2 .   ? -5.913  -12.937 -9.178  1.00 22.04 ? 264 HOH A O   1 
HETATM 980  O O   . HOH B 2 .   ? 1.898   -5.594  14.303  1.00 30.72 ? 265 HOH A O   1 
HETATM 981  O O   . HOH B 2 .   ? -12.857 11.628  10.289  1.00 35.69 ? 266 HOH A O   1 
HETATM 982  O O   . HOH B 2 .   ? -4.735  3.428   7.587   1.00 21.25 ? 267 HOH A O   1 
HETATM 983  O O   . HOH B 2 .   ? 8.758   -9.993  8.738   1.00 22.47 ? 268 HOH A O   1 
HETATM 984  O O   . HOH B 2 .   ? 1.921   11.354  14.682  1.00 30.80 ? 269 HOH A O   1 
HETATM 985  O O   . HOH B 2 .   ? 9.406   5.990   -4.397  1.00 22.92 ? 270 HOH A O   1 
HETATM 986  O O   . HOH B 2 .   ? -17.624 -14.401 -5.347  1.00 32.00 ? 271 HOH A O   1 
HETATM 987  O O   . HOH B 2 .   ? -11.254 -8.276  -11.165 1.00 31.90 ? 272 HOH A O   1 
HETATM 988  O O   . HOH B 2 .   ? 16.815  2.941   0.376   1.00 22.02 ? 273 HOH A O   1 
HETATM 989  O O   . HOH B 2 .   ? 1.872   -10.856 6.821   1.00 25.24 ? 274 HOH A O   1 
HETATM 990  O O   . HOH B 2 .   ? -9.210  -1.486  -16.608 1.00 26.97 ? 275 HOH A O   1 
HETATM 991  O O   . HOH B 2 .   ? 3.804   8.223   -12.965 1.00 26.98 ? 276 HOH A O   1 
HETATM 992  O O   . HOH B 2 .   ? -7.581  -10.000 -12.166 1.00 27.57 ? 277 HOH A O   1 
HETATM 993  O O   . HOH B 2 .   ? -5.495  0.008   10.728  1.00 31.78 ? 278 HOH A O   1 
HETATM 994  O O   . HOH B 2 .   ? 5.478   15.340  12.367  1.00 35.34 ? 279 HOH A O   1 
HETATM 995  O O   . HOH B 2 .   ? -0.700  6.526   -16.479 1.00 33.82 ? 280 HOH A O   1 
HETATM 996  O O   . HOH B 2 .   ? -7.599  -1.434  8.309   1.00 30.73 ? 281 HOH A O   1 
HETATM 997  O O   . HOH B 2 .   ? -5.709  5.561   6.802   1.00 34.37 ? 282 HOH A O   1 
HETATM 998  O O   . HOH B 2 .   ? 15.311  7.225   1.953   1.00 28.43 ? 283 HOH A O   1 
HETATM 999  O O   . HOH B 2 .   ? 0.690   13.201  16.822  1.00 36.14 ? 284 HOH A O   1 
HETATM 1000 O O   . HOH B 2 .   ? -5.989  -8.720  0.968   1.00 29.30 ? 285 HOH A O   1 
HETATM 1001 O O   . HOH B 2 .   ? 10.967  -4.687  14.122  1.00 28.53 ? 286 HOH A O   1 
HETATM 1002 O O   . HOH B 2 .   ? 7.809   10.709  -5.944  1.00 28.59 ? 287 HOH A O   1 
HETATM 1003 O O   . HOH B 2 .   ? -7.189  0.736   8.962   1.00 31.72 ? 288 HOH A O   1 
HETATM 1004 O O   . HOH B 2 .   ? 9.740   -6.191  12.547  1.00 28.18 ? 289 HOH A O   1 
HETATM 1005 O O   . HOH B 2 .   ? -1.069  -6.141  11.640  1.00 30.72 ? 290 HOH A O   1 
HETATM 1006 O O   . HOH B 2 .   ? 18.421  -8.140  6.852   1.00 38.32 ? 291 HOH A O   1 
HETATM 1007 O O   . HOH B 2 .   ? 7.044   -7.315  9.652   1.00 28.35 ? 292 HOH A O   1 
HETATM 1008 O O   . HOH B 2 .   ? 11.711  -6.498  10.459  1.00 30.67 ? 293 HOH A O   1 
HETATM 1009 O O   . HOH B 2 .   ? 2.381   -8.774  10.884  1.00 30.86 ? 294 HOH A O   1 
HETATM 1010 O O   . HOH B 2 .   ? 3.457   -9.702  8.511   1.00 33.56 ? 295 HOH A O   1 
HETATM 1011 O O   . HOH B 2 .   ? -7.565  -5.452  3.135   1.00 33.45 ? 296 HOH A O   1 
HETATM 1012 O O   . HOH B 2 .   ? -6.686  -6.569  1.372   1.00 33.35 ? 297 HOH A O   1 
HETATM 1013 O O   . HOH B 2 .   ? 1.171   6.186   -18.178 1.00 34.95 ? 298 HOH A O   1 
HETATM 1014 O O   . HOH B 2 .   ? -10.229 7.115   -3.704  1.00 31.02 ? 299 HOH A O   1 
HETATM 1015 O O   . HOH B 2 .   ? 11.773  4.679   20.022  1.00 34.31 ? 300 HOH A O   1 
HETATM 1016 O O   . HOH B 2 .   ? 4.148   5.965   22.968  1.00 34.31 ? 301 HOH A O   1 
HETATM 1017 O O   . HOH B 2 .   ? -1.562  6.260   17.669  1.00 26.06 ? 302 HOH A O   1 
HETATM 1018 O O   . HOH B 2 .   ? 5.379   11.147  21.610  1.00 37.33 ? 303 HOH A O   1 
HETATM 1019 O O   . HOH B 2 .   ? 1.306   14.060  21.192  1.00 38.97 ? 304 HOH A O   1 
HETATM 1020 O O   . HOH B 2 .   ? -3.639  6.287   -15.228 1.00 33.49 ? 305 HOH A O   1 
HETATM 1021 O O   . HOH B 2 .   ? -8.382  6.742   -13.218 1.00 40.43 ? 306 HOH A O   1 
HETATM 1022 O O   . HOH B 2 .   ? 0.352   12.506  22.417  1.00 40.25 ? 307 HOH A O   1 
HETATM 1023 O O   . HOH B 2 .   ? 19.875  -5.947  7.890   1.00 36.77 ? 308 HOH A O   1 
HETATM 1024 O O   . HOH B 2 .   ? -6.939  -10.657 0.313   1.00 36.19 ? 309 HOH A O   1 
HETATM 1025 O O   . HOH B 2 .   ? -5.783  6.181   15.346  1.00 40.04 ? 310 HOH A O   1 
HETATM 1026 O O   . HOH B 2 .   ? 1.611   16.460  19.955  1.00 38.59 ? 311 HOH A O   1 
HETATM 1027 O O   . HOH B 2 .   ? 2.023   13.469  10.737  1.00 35.93 ? 312 HOH A O   1 
HETATM 1028 O O   . HOH B 2 .   ? 4.265   17.339  18.527  1.00 43.75 ? 313 HOH A O   1 
HETATM 1029 O O   . HOH B 2 .   ? -11.226 -2.938  -15.282 1.00 30.60 ? 314 HOH A O   1 
HETATM 1030 O O   . HOH B 2 .   ? -1.966  -10.918 5.735   1.00 31.52 ? 315 HOH A O   1 
HETATM 1031 O O   . HOH B 2 .   ? -9.389  -11.126 1.203   1.00 42.68 ? 316 HOH A O   1 
HETATM 1032 O O   . HOH B 2 .   ? -4.369  4.016   16.278  1.00 29.30 ? 317 HOH A O   1 
HETATM 1033 O O   . HOH B 2 .   ? 10.077  10.112  -4.253  1.00 34.99 ? 318 HOH A O   1 
# 
